data_9EL1
#
_entry.id   9EL1
#
_cell.length_a   1.00
_cell.length_b   1.00
_cell.length_c   1.00
_cell.angle_alpha   90.00
_cell.angle_beta   90.00
_cell.angle_gamma   90.00
#
_symmetry.space_group_name_H-M   'P 1'
#
loop_
_entity.id
_entity.type
_entity.pdbx_description
1 polymer Mucolipin-2
2 non-polymer (3aS,4S,7R,7aS)-3-(2,6-dichlorophenyl)-3a,4,5,6,7,7a-hexahydro-4,7-methano-1,2-benzoxazole
3 non-polymer '(2R)-3-{[(S)-hydroxy{[(1S,2R,3R,4S,5S,6R)-2,4,6-trihydroxy-3,5-bis(phosphonooxy)cyclohexyl]oxy}phosphoryl]oxy}propane-1,2-diyl dioctanoate'
#
_entity_poly.entity_id   1
_entity_poly.type   'polypeptide(L)'
_entity_poly.pdbx_seq_one_letter_code
;MARQPYRFPQARIPERGSGVFRLTVRNAMAHRDSEMKEECLREDLKFYFMSPCEKYRARRQIPWKLGLQILKIVMVTTQL
VRFGLSNQLVVAFKEDNTVAFKHLFLKGYSGTDEDDYSCSVYTQEDAYESIFFAINQYHQLKDITLGTLGYGENEDNRIG
LKVCKQHYKKGTMFPSNETLNIDNDVELDCVQLDLQDLSKKPPDWKNSSFFRLEFYRLLQVEISFHLKGIDLQTIHSREL
PDCYVFQNTIIFDNKAHSGKIKIYFDSDAKIEECKDLNIFGSTQKNAQYVLVFDAFVIVICLASLILCTRSIVLALRLRK
RFLNFFLEKYKRPVCDTDQWEFINGWYVLVIISDLMTIIGSILKMEIKAKNLTNYDLCSIFLGTSTLLVWVGVIRYLGYF
QAYNVLILTMQASLPKVLRFCACAGMIYLGYTFCGWIVLGPYHDKFENLNTVAECLFSLVNGDDMFATFAQIQQKSILVW
LFSRLYLYSFISLFIYMILSLFIALITDSYDTIKKFQQNGFPETDLQEFLKECSSKEEYQKESSAFLSCICCRRRKRSDD
HLIPIS
;
_entity_poly.pdbx_strand_id   A,B,C,D
#
# COMPACT_ATOMS: atom_id res chain seq x y z
N MET A 36 -15.63 14.41 69.25
CA MET A 36 -15.33 13.46 68.18
C MET A 36 -15.30 14.13 66.81
N LYS A 37 -14.78 15.36 66.77
CA LYS A 37 -14.61 16.04 65.50
C LYS A 37 -13.57 15.34 64.63
N GLU A 38 -12.53 14.77 65.24
CA GLU A 38 -11.59 13.95 64.49
C GLU A 38 -12.26 12.68 63.97
N GLU A 39 -13.14 12.07 64.77
CA GLU A 39 -13.93 10.94 64.30
C GLU A 39 -14.75 11.32 63.07
N CYS A 40 -15.43 12.47 63.14
CA CYS A 40 -16.22 12.94 62.00
C CYS A 40 -15.35 13.15 60.76
N LEU A 41 -14.21 13.82 60.94
CA LEU A 41 -13.33 14.11 59.82
C LEU A 41 -12.81 12.83 59.18
N ARG A 42 -12.36 11.88 60.00
CA ARG A 42 -11.79 10.67 59.43
C ARG A 42 -12.87 9.78 58.82
N GLU A 43 -14.09 9.79 59.38
CA GLU A 43 -15.18 9.07 58.74
C GLU A 43 -15.54 9.68 57.39
N ASP A 44 -15.54 11.01 57.30
CA ASP A 44 -15.80 11.66 56.02
C ASP A 44 -14.71 11.36 55.00
N LEU A 45 -13.45 11.33 55.45
CA LEU A 45 -12.36 10.97 54.54
C LEU A 45 -12.45 9.52 54.10
N LYS A 46 -12.90 8.62 54.98
CA LYS A 46 -13.18 7.26 54.56
C LYS A 46 -14.29 7.21 53.52
N PHE A 47 -15.34 8.01 53.72
CA PHE A 47 -16.44 8.06 52.77
C PHE A 47 -15.98 8.56 51.41
N TYR A 48 -15.04 9.50 51.39
CA TYR A 48 -14.67 10.15 50.14
C TYR A 48 -13.99 9.21 49.15
N PHE A 49 -13.28 8.17 49.62
CA PHE A 49 -12.46 7.35 48.74
C PHE A 49 -13.04 5.97 48.46
N MET A 50 -14.18 5.62 49.05
CA MET A 50 -14.74 4.30 48.81
C MET A 50 -15.52 4.29 47.49
N SER A 51 -15.63 3.10 46.91
CA SER A 51 -16.28 2.95 45.61
C SER A 51 -17.75 3.32 45.72
N PRO A 52 -18.40 3.79 44.62
CA PRO A 52 -19.80 4.19 44.71
C PRO A 52 -20.70 3.07 45.20
N CYS A 53 -20.33 1.83 44.93
CA CYS A 53 -21.03 0.69 45.51
C CYS A 53 -20.88 0.69 47.03
N GLU A 54 -19.67 0.99 47.52
CA GLU A 54 -19.45 1.03 48.97
C GLU A 54 -20.05 2.27 49.60
N LYS A 55 -20.20 3.34 48.83
CA LYS A 55 -20.85 4.54 49.33
C LYS A 55 -22.33 4.30 49.57
N TYR A 56 -22.86 3.23 48.98
CA TYR A 56 -24.23 2.81 49.21
C TYR A 56 -24.36 1.95 50.47
N ARG A 57 -23.24 1.54 51.06
CA ARG A 57 -23.22 0.82 52.33
C ARG A 57 -22.84 1.73 53.49
N ALA A 58 -21.90 2.65 53.25
CA ALA A 58 -21.46 3.55 54.31
C ALA A 58 -22.59 4.46 54.77
N ARG A 59 -23.35 5.02 53.83
CA ARG A 59 -24.40 5.97 54.17
C ARG A 59 -25.72 5.66 53.47
N ARG A 60 -25.80 4.60 52.67
CA ARG A 60 -27.03 4.15 52.04
C ARG A 60 -27.73 5.28 51.28
N GLN A 61 -27.11 5.75 50.19
CA GLN A 61 -27.68 6.80 49.38
C GLN A 61 -27.62 6.41 47.90
N ILE A 62 -28.55 6.95 47.13
CA ILE A 62 -28.66 6.60 45.71
C ILE A 62 -27.51 7.22 44.94
N PRO A 63 -26.85 6.47 44.05
CA PRO A 63 -25.77 7.06 43.24
C PRO A 63 -26.28 7.68 41.95
N TRP A 64 -26.80 8.91 42.04
CA TRP A 64 -27.34 9.57 40.86
C TRP A 64 -26.27 9.78 39.81
N LYS A 65 -25.05 10.10 40.23
CA LYS A 65 -23.96 10.41 39.31
C LYS A 65 -23.46 9.17 38.58
N LEU A 66 -24.13 8.03 38.72
CA LEU A 66 -23.76 6.86 37.95
C LEU A 66 -24.89 6.49 36.98
N GLY A 67 -26.12 6.48 37.48
CA GLY A 67 -27.26 6.20 36.63
C GLY A 67 -27.46 7.30 35.60
N LEU A 68 -27.34 8.54 36.05
CA LEU A 68 -27.46 9.68 35.14
C LEU A 68 -26.33 9.70 34.12
N GLN A 69 -25.13 9.24 34.50
CA GLN A 69 -24.05 9.13 33.53
C GLN A 69 -24.32 8.02 32.51
N ILE A 70 -24.88 6.89 32.95
CA ILE A 70 -25.27 5.85 32.00
C ILE A 70 -26.33 6.39 31.04
N LEU A 71 -27.28 7.16 31.57
CA LEU A 71 -28.27 7.81 30.72
C LEU A 71 -27.61 8.73 29.72
N LYS A 72 -26.59 9.48 30.15
CA LYS A 72 -25.83 10.33 29.23
C LYS A 72 -25.21 9.51 28.11
N ILE A 73 -24.56 8.41 28.46
CA ILE A 73 -23.91 7.58 27.45
C ILE A 73 -24.94 7.16 26.41
N VAL A 74 -26.06 6.60 26.88
CA VAL A 74 -27.06 6.06 25.95
C VAL A 74 -27.63 7.16 25.07
N MET A 75 -28.04 8.28 25.69
CA MET A 75 -28.74 9.31 24.96
C MET A 75 -27.82 10.07 24.02
N VAL A 76 -26.60 10.35 24.45
CA VAL A 76 -25.62 11.03 23.60
C VAL A 76 -25.27 10.15 22.40
N THR A 77 -25.06 8.85 22.63
CA THR A 77 -24.79 7.97 21.51
C THR A 77 -25.95 7.89 20.53
N THR A 78 -27.19 7.82 21.03
CA THR A 78 -28.35 7.80 20.13
C THR A 78 -28.43 9.08 19.32
N GLN A 79 -28.23 10.24 19.98
CA GLN A 79 -28.27 11.52 19.29
C GLN A 79 -27.21 11.59 18.20
N LEU A 80 -25.99 11.16 18.52
CA LEU A 80 -24.91 11.19 17.54
C LEU A 80 -25.23 10.31 16.35
N VAL A 81 -25.72 9.09 16.58
CA VAL A 81 -25.99 8.18 15.48
C VAL A 81 -27.09 8.72 14.58
N ARG A 82 -28.15 9.26 15.17
CA ARG A 82 -29.26 9.77 14.36
C ARG A 82 -28.84 11.00 13.55
N PHE A 83 -28.11 11.91 14.19
CA PHE A 83 -27.54 13.06 13.49
C PHE A 83 -26.68 12.60 12.32
N GLY A 84 -25.83 11.60 12.56
CA GLY A 84 -24.96 11.10 11.52
C GLY A 84 -25.73 10.57 10.32
N LEU A 85 -26.77 9.78 10.59
CA LEU A 85 -27.55 9.20 9.49
C LEU A 85 -28.23 10.29 8.67
N SER A 86 -28.85 11.27 9.34
CA SER A 86 -29.54 12.33 8.61
C SER A 86 -28.57 13.17 7.77
N ASN A 87 -27.46 13.59 8.37
CA ASN A 87 -26.53 14.42 7.61
C ASN A 87 -25.85 13.61 6.51
N GLN A 88 -25.71 12.28 6.70
CA GLN A 88 -25.24 11.44 5.61
C GLN A 88 -26.18 11.48 4.42
N LEU A 89 -27.50 11.39 4.67
CA LEU A 89 -28.43 11.47 3.56
C LEU A 89 -28.31 12.80 2.82
N VAL A 90 -28.25 13.91 3.56
CA VAL A 90 -28.18 15.23 2.92
C VAL A 90 -26.89 15.36 2.11
N VAL A 91 -25.77 14.97 2.71
CA VAL A 91 -24.48 15.09 2.03
C VAL A 91 -24.45 14.23 0.77
N ALA A 92 -25.02 13.02 0.86
CA ALA A 92 -25.06 12.14 -0.30
C ALA A 92 -25.83 12.79 -1.44
N PHE A 93 -26.99 13.36 -1.15
CA PHE A 93 -27.76 14.02 -2.20
C PHE A 93 -26.95 15.14 -2.85
N LYS A 94 -26.33 15.99 -2.02
CA LYS A 94 -25.59 17.12 -2.56
C LYS A 94 -24.41 16.67 -3.42
N GLU A 95 -23.67 15.66 -2.95
CA GLU A 95 -22.51 15.18 -3.70
C GLU A 95 -22.92 14.53 -5.02
N ASP A 96 -24.00 13.75 -5.02
CA ASP A 96 -24.44 13.12 -6.26
C ASP A 96 -24.89 14.18 -7.27
N ASN A 97 -25.60 15.22 -6.81
CA ASN A 97 -25.96 16.29 -7.72
C ASN A 97 -24.73 17.00 -8.26
N THR A 98 -23.71 17.21 -7.43
CA THR A 98 -22.49 17.85 -7.91
C THR A 98 -21.79 17.01 -8.97
N VAL A 99 -21.72 15.70 -8.76
CA VAL A 99 -21.09 14.82 -9.74
C VAL A 99 -21.86 14.85 -11.06
N ALA A 100 -23.19 14.81 -10.99
CA ALA A 100 -23.99 14.93 -12.20
C ALA A 100 -23.80 16.27 -12.90
N PHE A 101 -23.67 17.35 -12.13
CA PHE A 101 -23.41 18.67 -12.71
C PHE A 101 -22.07 18.70 -13.44
N LYS A 102 -21.05 18.09 -12.83
CA LYS A 102 -19.74 18.05 -13.47
C LYS A 102 -19.80 17.27 -14.78
N HIS A 103 -20.49 16.13 -14.79
CA HIS A 103 -20.63 15.39 -16.04
C HIS A 103 -21.40 16.18 -17.09
N LEU A 104 -22.48 16.86 -16.68
CA LEU A 104 -23.27 17.62 -17.64
C LEU A 104 -22.51 18.80 -18.24
N PHE A 105 -21.73 19.52 -17.44
CA PHE A 105 -21.23 20.82 -17.87
C PHE A 105 -19.74 20.87 -18.16
N LEU A 106 -18.94 19.92 -17.70
CA LEU A 106 -17.50 19.92 -17.95
C LEU A 106 -17.21 19.01 -19.14
N LYS A 107 -16.61 19.57 -20.19
CA LYS A 107 -16.36 18.83 -21.41
C LYS A 107 -15.27 17.79 -21.19
N GLY A 108 -15.54 16.57 -21.63
CA GLY A 108 -14.58 15.48 -21.50
C GLY A 108 -14.20 15.22 -20.07
N TYR A 109 -15.19 15.16 -19.18
CA TYR A 109 -14.95 14.91 -17.77
C TYR A 109 -14.85 13.41 -17.54
N SER A 110 -13.70 12.96 -17.06
CA SER A 110 -13.48 11.53 -16.85
C SER A 110 -14.45 10.97 -15.82
N GLY A 111 -14.54 11.62 -14.67
CA GLY A 111 -15.38 11.14 -13.58
C GLY A 111 -14.67 11.30 -12.26
N THR A 112 -13.37 11.56 -12.32
CA THR A 112 -12.56 11.82 -11.15
C THR A 112 -11.86 13.16 -11.33
N ASP A 113 -11.77 13.92 -10.24
CA ASP A 113 -11.08 15.21 -10.30
C ASP A 113 -9.58 15.01 -10.40
N GLU A 114 -8.95 15.75 -11.32
CA GLU A 114 -7.50 15.70 -11.45
C GLU A 114 -6.81 16.14 -10.16
N ASP A 115 -7.29 17.23 -9.57
CA ASP A 115 -6.76 17.79 -8.34
C ASP A 115 -7.90 18.51 -7.65
N ASP A 116 -7.60 19.50 -6.80
CA ASP A 116 -8.65 20.37 -6.31
C ASP A 116 -9.47 21.00 -7.44
N TYR A 117 -8.89 21.11 -8.63
CA TYR A 117 -9.63 21.46 -9.84
C TYR A 117 -10.13 20.19 -10.53
N SER A 118 -11.16 20.35 -11.34
CA SER A 118 -11.80 19.20 -11.97
C SER A 118 -11.17 18.83 -13.31
N CYS A 119 -10.99 19.81 -14.19
CA CYS A 119 -10.47 19.59 -15.53
C CYS A 119 -9.31 20.54 -15.78
N SER A 120 -8.70 20.40 -16.95
CA SER A 120 -7.65 21.32 -17.38
C SER A 120 -7.56 21.27 -18.90
N VAL A 121 -7.07 22.36 -19.48
CA VAL A 121 -6.89 22.48 -20.91
C VAL A 121 -5.56 23.15 -21.19
N TYR A 122 -4.94 22.80 -22.32
CA TYR A 122 -3.63 23.32 -22.67
C TYR A 122 -3.61 24.05 -24.01
N THR A 123 -4.75 24.16 -24.70
CA THR A 123 -4.82 24.74 -26.02
C THR A 123 -5.89 25.83 -26.03
N GLN A 124 -5.68 26.86 -26.85
CA GLN A 124 -6.67 27.92 -26.97
C GLN A 124 -7.98 27.46 -27.57
N GLU A 125 -7.98 26.37 -28.33
CA GLU A 125 -9.20 25.82 -28.89
C GLU A 125 -9.92 24.89 -27.93
N ASP A 126 -9.18 24.19 -27.07
CA ASP A 126 -9.78 23.38 -26.02
C ASP A 126 -10.52 24.22 -25.00
N ALA A 127 -9.99 25.39 -24.64
CA ALA A 127 -10.66 26.30 -23.71
C ALA A 127 -11.94 26.87 -24.32
N TYR A 128 -11.89 27.27 -25.58
CA TYR A 128 -13.09 27.73 -26.26
C TYR A 128 -14.14 26.63 -26.32
N GLU A 129 -13.71 25.40 -26.63
CA GLU A 129 -14.63 24.28 -26.69
C GLU A 129 -15.27 24.02 -25.34
N SER A 130 -14.48 24.07 -24.26
CA SER A 130 -15.03 23.86 -22.93
C SER A 130 -16.04 24.94 -22.55
N ILE A 131 -15.71 26.21 -22.82
CA ILE A 131 -16.61 27.30 -22.46
C ILE A 131 -17.92 27.21 -23.23
N PHE A 132 -17.82 27.00 -24.55
CA PHE A 132 -19.02 26.90 -25.36
C PHE A 132 -19.82 25.66 -25.03
N PHE A 133 -19.15 24.57 -24.64
CA PHE A 133 -19.85 23.36 -24.23
C PHE A 133 -20.65 23.62 -22.95
N ALA A 134 -20.04 24.32 -21.99
CA ALA A 134 -20.77 24.64 -20.76
C ALA A 134 -22.00 25.48 -21.06
N ILE A 135 -21.85 26.51 -21.88
CA ILE A 135 -22.99 27.38 -22.17
C ILE A 135 -24.07 26.62 -22.94
N ASN A 136 -23.68 25.80 -23.92
CA ASN A 136 -24.66 25.06 -24.70
C ASN A 136 -25.33 23.97 -23.89
N GLN A 137 -24.65 23.36 -22.93
CA GLN A 137 -25.28 22.37 -22.08
C GLN A 137 -26.22 23.02 -21.07
N TYR A 138 -25.91 24.25 -20.65
CA TYR A 138 -26.90 25.00 -19.88
C TYR A 138 -28.14 25.29 -20.71
N HIS A 139 -27.94 25.67 -21.97
CA HIS A 139 -29.08 25.98 -22.84
C HIS A 139 -30.03 24.81 -23.01
N GLN A 140 -29.54 23.58 -22.93
CA GLN A 140 -30.32 22.38 -23.23
C GLN A 140 -30.53 21.52 -21.99
N LEU A 141 -30.64 22.14 -20.81
CA LEU A 141 -30.67 21.38 -19.57
C LEU A 141 -31.88 20.47 -19.48
N LYS A 142 -33.05 20.94 -19.96
CA LYS A 142 -34.28 20.20 -19.80
C LYS A 142 -34.29 18.89 -20.58
N ASP A 143 -33.41 18.73 -21.57
CA ASP A 143 -33.35 17.53 -22.38
C ASP A 143 -32.09 16.71 -22.13
N ILE A 144 -31.35 17.02 -21.07
CA ILE A 144 -30.09 16.34 -20.81
C ILE A 144 -30.08 15.77 -19.40
N THR A 145 -30.81 16.41 -18.50
CA THR A 145 -30.75 16.03 -17.09
C THR A 145 -31.61 14.81 -16.81
N LEU A 146 -31.10 13.92 -15.96
CA LEU A 146 -31.81 12.70 -15.56
C LEU A 146 -32.54 12.88 -14.23
N GLY A 147 -32.78 14.11 -13.81
CA GLY A 147 -33.36 14.34 -12.51
C GLY A 147 -34.45 15.38 -12.49
N THR A 148 -34.87 15.79 -11.30
CA THR A 148 -35.91 16.80 -11.15
C THR A 148 -35.29 18.19 -11.06
N LEU A 149 -34.57 18.59 -12.09
CA LEU A 149 -33.88 19.87 -12.12
C LEU A 149 -34.69 20.90 -12.90
N GLY A 150 -34.36 22.16 -12.68
CA GLY A 150 -35.02 23.25 -13.37
C GLY A 150 -34.15 24.47 -13.35
N TYR A 151 -34.65 25.54 -13.97
CA TYR A 151 -33.93 26.80 -14.07
C TYR A 151 -34.29 27.68 -12.88
N GLY A 152 -33.29 28.07 -12.10
CA GLY A 152 -33.53 28.93 -10.95
C GLY A 152 -33.55 30.40 -11.32
N GLU A 153 -33.20 31.25 -10.37
CA GLU A 153 -33.18 32.69 -10.61
C GLU A 153 -32.08 33.33 -9.77
N ASN A 154 -31.42 34.33 -10.33
CA ASN A 154 -30.39 35.06 -9.63
C ASN A 154 -31.03 36.10 -8.70
N GLU A 155 -30.19 36.95 -8.12
CA GLU A 155 -30.69 38.03 -7.27
C GLU A 155 -31.56 39.00 -8.06
N ASP A 156 -31.21 39.23 -9.33
CA ASP A 156 -32.00 40.10 -10.20
C ASP A 156 -33.31 39.46 -10.63
N ASN A 157 -33.54 38.18 -10.29
CA ASN A 157 -34.79 37.47 -10.59
C ASN A 157 -35.00 37.34 -12.10
N ARG A 158 -33.98 36.81 -12.79
CA ARG A 158 -34.08 36.52 -14.20
C ARG A 158 -33.42 35.18 -14.49
N ILE A 159 -34.05 34.38 -15.34
CA ILE A 159 -33.51 33.08 -15.74
C ILE A 159 -32.46 33.33 -16.83
N GLY A 160 -31.20 33.10 -16.52
CA GLY A 160 -30.16 33.35 -17.49
C GLY A 160 -28.81 32.91 -16.98
N LEU A 161 -27.79 33.19 -17.77
CA LEU A 161 -26.42 32.79 -17.52
C LEU A 161 -25.53 34.03 -17.48
N LYS A 162 -24.58 34.06 -16.55
CA LYS A 162 -23.62 35.16 -16.45
C LYS A 162 -22.23 34.65 -16.77
N VAL A 163 -21.54 35.34 -17.69
CA VAL A 163 -20.16 35.05 -18.03
C VAL A 163 -19.34 36.29 -17.72
N CYS A 164 -18.29 36.13 -16.91
CA CYS A 164 -17.43 37.23 -16.50
C CYS A 164 -15.98 36.85 -16.76
N LYS A 165 -15.28 37.70 -17.51
CA LYS A 165 -13.86 37.50 -17.80
C LYS A 165 -13.05 38.60 -17.12
N GLN A 166 -11.82 38.25 -16.72
CA GLN A 166 -10.88 39.20 -16.13
C GLN A 166 -9.62 39.23 -16.97
N HIS A 167 -9.22 40.43 -17.38
CA HIS A 167 -8.01 40.64 -18.17
C HIS A 167 -7.10 41.65 -17.48
N TYR A 168 -5.83 41.61 -17.80
CA TYR A 168 -4.92 42.69 -17.46
C TYR A 168 -5.10 43.82 -18.47
N LYS A 169 -5.28 45.04 -17.97
CA LYS A 169 -5.51 46.17 -18.86
C LYS A 169 -4.27 46.44 -19.70
N LYS A 170 -4.50 46.82 -20.95
CA LYS A 170 -3.40 47.09 -21.87
C LYS A 170 -3.29 48.59 -22.17
N LEU A 180 3.05 42.18 -23.03
CA LEU A 180 3.71 43.33 -23.64
C LEU A 180 3.45 44.60 -22.86
N ASN A 181 2.50 45.41 -23.31
CA ASN A 181 2.15 46.66 -22.65
C ASN A 181 0.91 46.48 -21.78
N ILE A 182 1.07 45.67 -20.74
CA ILE A 182 -0.03 45.35 -19.82
C ILE A 182 0.17 46.11 -18.52
N ASP A 183 -0.95 46.46 -17.88
CA ASP A 183 -0.96 47.15 -16.60
C ASP A 183 -1.31 46.14 -15.49
N ASN A 184 -1.20 46.61 -14.26
CA ASN A 184 -1.53 45.80 -13.10
C ASN A 184 -3.00 45.86 -12.72
N ASP A 185 -3.78 46.72 -13.35
CA ASP A 185 -5.20 46.83 -13.07
C ASP A 185 -5.95 45.80 -13.87
N VAL A 186 -6.89 45.12 -13.22
CA VAL A 186 -7.65 44.03 -13.82
C VAL A 186 -8.98 44.58 -14.30
N GLU A 187 -9.21 44.52 -15.61
CA GLU A 187 -10.51 44.88 -16.16
C GLU A 187 -11.46 43.70 -16.02
N LEU A 188 -12.70 44.00 -15.63
CA LEU A 188 -13.73 42.99 -15.41
C LEU A 188 -14.90 43.29 -16.32
N ASP A 189 -15.11 42.45 -17.32
CA ASP A 189 -16.22 42.58 -18.26
C ASP A 189 -17.17 41.41 -18.06
N CYS A 190 -18.46 41.70 -17.88
CA CYS A 190 -19.46 40.69 -17.66
C CYS A 190 -20.58 40.81 -18.68
N VAL A 191 -21.19 39.68 -19.00
CA VAL A 191 -22.35 39.64 -19.88
C VAL A 191 -23.39 38.73 -19.24
N GLN A 192 -24.66 39.00 -19.53
CA GLN A 192 -25.76 38.18 -19.02
C GLN A 192 -26.50 37.58 -20.21
N LEU A 193 -26.35 36.27 -20.33
CA LEU A 193 -26.97 35.55 -21.47
C LEU A 193 -28.24 34.90 -20.95
N ASP A 194 -29.37 35.42 -21.38
CA ASP A 194 -30.68 34.89 -20.95
C ASP A 194 -31.07 33.75 -21.86
N LEU A 195 -31.99 32.89 -21.45
CA LEU A 195 -32.39 31.71 -22.25
C LEU A 195 -32.98 32.15 -23.58
N GLN A 196 -33.54 33.35 -23.66
CA GLN A 196 -34.19 33.74 -24.93
C GLN A 196 -33.08 34.08 -25.93
N ASP A 197 -31.98 34.67 -25.47
CA ASP A 197 -30.82 34.90 -26.32
C ASP A 197 -30.16 33.60 -26.73
N LEU A 198 -30.01 32.67 -25.77
CA LEU A 198 -29.40 31.38 -26.08
C LEU A 198 -30.26 30.56 -27.02
N SER A 199 -31.58 30.72 -26.94
CA SER A 199 -32.51 29.88 -27.69
C SER A 199 -32.54 30.24 -29.18
N LYS A 200 -32.25 31.51 -29.50
CA LYS A 200 -32.28 32.01 -30.87
C LYS A 200 -31.62 31.03 -31.83
N LYS A 201 -32.37 30.57 -32.84
CA LYS A 201 -31.91 29.49 -33.72
C LYS A 201 -30.63 29.83 -34.48
N PRO A 202 -30.45 31.00 -35.07
CA PRO A 202 -29.11 31.43 -35.49
C PRO A 202 -28.41 32.20 -34.38
N PRO A 203 -27.80 31.51 -33.41
CA PRO A 203 -27.32 32.20 -32.21
C PRO A 203 -26.28 33.28 -32.55
N ASP A 204 -26.28 34.33 -31.73
CA ASP A 204 -25.40 35.45 -31.93
C ASP A 204 -24.31 35.59 -30.88
N TRP A 205 -24.53 35.05 -29.68
CA TRP A 205 -23.56 35.21 -28.59
C TRP A 205 -22.21 34.60 -28.95
N LYS A 206 -22.21 33.54 -29.77
CA LYS A 206 -20.96 32.87 -30.09
C LYS A 206 -20.02 33.75 -30.89
N ASN A 207 -20.56 34.64 -31.72
CA ASN A 207 -19.76 35.51 -32.57
C ASN A 207 -19.61 36.91 -31.97
N SER A 208 -20.01 37.10 -30.72
CA SER A 208 -19.88 38.41 -30.09
C SER A 208 -18.42 38.68 -29.74
N SER A 209 -18.13 39.95 -29.48
CA SER A 209 -16.78 40.37 -29.14
C SER A 209 -16.40 40.01 -27.71
N PHE A 210 -17.35 39.56 -26.89
CA PHE A 210 -17.03 39.18 -25.52
C PHE A 210 -16.20 37.90 -25.46
N PHE A 211 -16.40 36.99 -26.40
CA PHE A 211 -15.79 35.66 -26.34
C PHE A 211 -14.51 35.57 -27.16
N ARG A 212 -13.91 36.71 -27.48
CA ARG A 212 -12.57 36.76 -28.07
C ARG A 212 -11.59 36.96 -26.92
N LEU A 213 -11.13 35.86 -26.36
CA LEU A 213 -10.41 35.85 -25.08
C LEU A 213 -8.89 35.87 -25.29
N GLU A 214 -8.35 37.06 -25.47
CA GLU A 214 -6.89 37.22 -25.48
C GLU A 214 -6.29 36.50 -24.27
N PHE A 215 -5.47 35.47 -24.51
CA PHE A 215 -5.06 34.58 -23.43
C PHE A 215 -3.78 35.00 -22.73
N TYR A 216 -2.95 35.83 -23.36
CA TYR A 216 -1.75 36.32 -22.69
C TYR A 216 -2.07 37.36 -21.64
N ARG A 217 -3.28 37.91 -21.67
CA ARG A 217 -3.73 38.89 -20.69
C ARG A 217 -4.84 38.36 -19.79
N LEU A 218 -5.25 37.10 -19.99
CA LEU A 218 -6.42 36.57 -19.32
C LEU A 218 -6.05 36.01 -17.96
N LEU A 219 -6.87 36.32 -16.96
CA LEU A 219 -6.72 35.77 -15.62
C LEU A 219 -7.69 34.64 -15.32
N GLN A 220 -8.96 34.80 -15.64
CA GLN A 220 -9.95 33.77 -15.41
C GLN A 220 -11.23 34.13 -16.14
N VAL A 221 -12.05 33.10 -16.38
CA VAL A 221 -13.40 33.26 -16.92
C VAL A 221 -14.35 32.51 -15.99
N GLU A 222 -15.47 33.15 -15.64
CA GLU A 222 -16.45 32.58 -14.72
C GLU A 222 -17.79 32.44 -15.41
N ILE A 223 -18.41 31.28 -15.27
CA ILE A 223 -19.78 31.04 -15.68
C ILE A 223 -20.58 30.71 -14.43
N SER A 224 -21.63 31.49 -14.17
CA SER A 224 -22.47 31.31 -12.99
C SER A 224 -23.91 31.14 -13.40
N PHE A 225 -24.61 30.21 -12.77
CA PHE A 225 -26.03 29.99 -13.03
C PHE A 225 -26.65 29.34 -11.81
N HIS A 226 -27.99 29.35 -11.78
CA HIS A 226 -28.75 28.83 -10.66
C HIS A 226 -29.67 27.72 -11.15
N LEU A 227 -29.72 26.62 -10.40
CA LEU A 227 -30.61 25.51 -10.69
C LEU A 227 -31.41 25.15 -9.45
N LYS A 228 -32.63 24.66 -9.68
CA LYS A 228 -33.52 24.23 -8.61
C LYS A 228 -33.74 22.73 -8.71
N GLY A 229 -33.58 22.03 -7.59
CA GLY A 229 -33.79 20.61 -7.53
C GLY A 229 -34.82 20.22 -6.46
N ILE A 230 -35.27 18.98 -6.55
CA ILE A 230 -36.22 18.41 -5.61
C ILE A 230 -35.69 17.05 -5.18
N ASP A 231 -35.61 16.82 -3.87
CA ASP A 231 -35.24 15.52 -3.35
C ASP A 231 -36.47 14.62 -3.32
N LEU A 232 -36.64 13.78 -4.33
CA LEU A 232 -37.78 12.88 -4.40
C LEU A 232 -37.57 11.58 -3.65
N GLN A 233 -36.34 11.30 -3.20
CA GLN A 233 -36.09 10.11 -2.42
C GLN A 233 -36.62 10.20 -0.99
N THR A 234 -37.26 11.32 -0.64
CA THR A 234 -37.89 11.49 0.66
C THR A 234 -39.39 11.29 0.63
N ILE A 235 -40.01 11.46 -0.54
CA ILE A 235 -41.48 11.44 -0.67
C ILE A 235 -42.05 10.08 -0.32
N HIS A 236 -41.23 9.03 -0.36
CA HIS A 236 -41.73 7.71 0.00
C HIS A 236 -42.17 7.64 1.46
N SER A 237 -41.75 8.61 2.27
CA SER A 237 -42.30 8.86 3.60
C SER A 237 -43.18 10.10 3.46
N ARG A 238 -44.49 9.92 3.66
CA ARG A 238 -45.48 10.97 3.37
C ARG A 238 -45.06 12.29 3.99
N GLU A 239 -44.67 13.25 3.15
CA GLU A 239 -44.16 14.55 3.55
C GLU A 239 -44.10 15.43 2.30
N LEU A 240 -43.88 16.72 2.52
CA LEU A 240 -43.46 17.59 1.44
C LEU A 240 -41.94 17.49 1.30
N PRO A 241 -41.43 17.10 0.13
CA PRO A 241 -39.99 16.84 0.01
C PRO A 241 -39.17 18.12 0.10
N ASP A 242 -37.86 17.93 0.14
CA ASP A 242 -36.91 19.04 0.30
C ASP A 242 -36.59 19.64 -1.05
N CYS A 243 -36.65 20.96 -1.14
CA CYS A 243 -36.32 21.69 -2.37
C CYS A 243 -34.98 22.38 -2.18
N TYR A 244 -34.09 22.20 -3.16
CA TYR A 244 -32.74 22.74 -3.10
C TYR A 244 -32.55 23.79 -4.19
N VAL A 245 -31.60 24.69 -3.94
CA VAL A 245 -31.14 25.65 -4.94
C VAL A 245 -29.63 25.53 -5.04
N PHE A 246 -29.12 25.40 -6.25
CA PHE A 246 -27.69 25.20 -6.49
C PHE A 246 -27.11 26.45 -7.13
N GLN A 247 -26.09 27.02 -6.48
CA GLN A 247 -25.33 28.14 -7.02
C GLN A 247 -24.08 27.55 -7.65
N ASN A 248 -24.12 27.33 -8.96
CA ASN A 248 -23.04 26.66 -9.67
C ASN A 248 -22.13 27.69 -10.33
N THR A 249 -20.83 27.50 -10.17
CA THR A 249 -19.84 28.40 -10.74
C THR A 249 -18.75 27.57 -11.39
N ILE A 250 -18.42 27.90 -12.63
CA ILE A 250 -17.33 27.26 -13.37
C ILE A 250 -16.27 28.32 -13.63
N ILE A 251 -15.05 28.08 -13.14
CA ILE A 251 -13.94 29.02 -13.30
C ILE A 251 -12.89 28.37 -14.19
N PHE A 252 -12.56 29.04 -15.29
CA PHE A 252 -11.44 28.66 -16.16
C PHE A 252 -10.27 29.55 -15.77
N ASP A 253 -9.38 29.01 -14.95
CA ASP A 253 -8.41 29.79 -14.18
C ASP A 253 -7.01 29.60 -14.75
N ASN A 254 -6.41 30.70 -15.20
CA ASN A 254 -4.98 30.69 -15.53
C ASN A 254 -4.24 31.81 -14.81
N LYS A 255 -4.41 31.91 -13.49
CA LYS A 255 -3.66 32.89 -12.72
C LYS A 255 -2.15 32.62 -12.77
N ALA A 256 -1.74 31.39 -13.03
CA ALA A 256 -0.33 31.05 -13.10
C ALA A 256 0.31 31.47 -14.42
N HIS A 257 -0.47 31.55 -15.50
CA HIS A 257 0.03 31.89 -16.82
C HIS A 257 1.17 30.95 -17.24
N SER A 258 0.97 29.65 -17.01
CA SER A 258 1.99 28.65 -17.28
C SER A 258 1.55 27.66 -18.35
N GLY A 259 0.53 27.99 -19.15
CA GLY A 259 0.09 27.19 -20.24
C GLY A 259 -1.12 26.33 -19.97
N LYS A 260 -1.43 26.07 -18.69
CA LYS A 260 -2.57 25.26 -18.31
C LYS A 260 -3.65 26.16 -17.71
N ILE A 261 -4.88 26.00 -18.18
CA ILE A 261 -6.06 26.63 -17.59
C ILE A 261 -6.74 25.57 -16.73
N LYS A 262 -6.79 25.81 -15.43
CA LYS A 262 -7.45 24.90 -14.50
C LYS A 262 -8.93 25.23 -14.43
N ILE A 263 -9.76 24.20 -14.52
CA ILE A 263 -11.22 24.38 -14.54
C ILE A 263 -11.77 23.89 -13.20
N TYR A 264 -12.38 24.82 -12.47
CA TYR A 264 -12.96 24.55 -11.15
C TYR A 264 -14.47 24.57 -11.27
N PHE A 265 -15.12 23.54 -10.74
CA PHE A 265 -16.57 23.52 -10.60
C PHE A 265 -16.93 23.48 -9.12
N ASP A 266 -17.71 24.47 -8.69
CA ASP A 266 -18.18 24.56 -7.32
C ASP A 266 -19.69 24.71 -7.32
N SER A 267 -20.38 23.87 -6.54
CA SER A 267 -21.82 23.93 -6.41
C SER A 267 -22.16 24.18 -4.95
N ASP A 268 -22.86 25.28 -4.69
CA ASP A 268 -23.30 25.63 -3.35
C ASP A 268 -24.81 25.39 -3.26
N ALA A 269 -25.21 24.40 -2.48
CA ALA A 269 -26.59 23.98 -2.38
C ALA A 269 -27.19 24.45 -1.06
N LYS A 270 -28.35 25.09 -1.14
CA LYS A 270 -29.10 25.49 0.04
C LYS A 270 -30.54 25.02 -0.09
N ILE A 271 -31.17 24.75 1.05
CA ILE A 271 -32.53 24.27 1.08
C ILE A 271 -33.47 25.46 1.10
N GLU A 272 -34.29 25.57 0.05
CA GLU A 272 -35.31 26.61 -0.04
C GLU A 272 -36.68 26.00 0.26
N GLU A 273 -37.74 26.78 0.09
CA GLU A 273 -39.10 26.32 0.31
C GLU A 273 -39.70 25.86 -1.01
N CYS A 274 -40.47 24.78 -0.96
CA CYS A 274 -41.09 24.25 -2.18
C CYS A 274 -42.29 25.11 -2.57
N LYS A 275 -42.07 26.07 -3.45
CA LYS A 275 -43.12 26.99 -3.87
C LYS A 275 -44.03 26.40 -4.95
N ASP A 276 -43.54 25.45 -5.75
CA ASP A 276 -44.32 24.82 -6.80
C ASP A 276 -44.21 23.30 -6.65
N LEU A 277 -45.09 22.73 -5.85
CA LEU A 277 -45.11 21.29 -5.63
C LEU A 277 -46.46 20.88 -5.06
N ASN A 278 -47.01 19.78 -5.58
CA ASN A 278 -48.28 19.22 -5.10
C ASN A 278 -48.13 17.72 -5.04
N ILE A 279 -47.72 17.21 -3.88
CA ILE A 279 -47.59 15.75 -3.67
C ILE A 279 -48.93 15.29 -3.12
N PHE A 280 -49.88 15.07 -4.04
CA PHE A 280 -51.26 14.69 -3.75
C PHE A 280 -51.81 15.27 -2.44
N ASN A 286 -40.19 13.98 12.73
CA ASN A 286 -40.84 15.27 13.11
C ASN A 286 -39.78 16.22 13.67
N ALA A 287 -39.72 17.45 13.15
CA ALA A 287 -38.77 18.46 13.69
C ALA A 287 -39.07 18.63 15.17
N GLN A 288 -40.35 18.62 15.54
CA GLN A 288 -40.73 18.72 16.97
C GLN A 288 -40.06 17.58 17.75
N TYR A 289 -40.08 16.36 17.21
CA TYR A 289 -39.56 15.21 18.01
C TYR A 289 -38.06 15.02 17.85
N VAL A 290 -37.36 16.01 17.28
CA VAL A 290 -35.88 15.93 17.20
C VAL A 290 -35.43 17.16 17.99
N LEU A 291 -36.37 18.03 18.34
CA LEU A 291 -36.04 19.16 19.18
C LEU A 291 -36.37 18.91 20.65
N VAL A 292 -37.18 17.91 20.95
CA VAL A 292 -37.45 17.54 22.33
C VAL A 292 -36.45 16.49 22.81
N PHE A 293 -35.96 15.64 21.90
CA PHE A 293 -34.89 14.73 22.27
C PHE A 293 -33.60 15.48 22.54
N ASP A 294 -33.31 16.52 21.75
CA ASP A 294 -32.15 17.36 22.03
C ASP A 294 -32.32 18.11 23.35
N ALA A 295 -33.52 18.58 23.63
CA ALA A 295 -33.77 19.25 24.91
C ALA A 295 -33.57 18.31 26.08
N PHE A 296 -33.97 17.05 25.93
CA PHE A 296 -33.72 16.06 26.98
C PHE A 296 -32.23 15.86 27.20
N VAL A 297 -31.45 15.77 26.12
CA VAL A 297 -30.00 15.61 26.25
C VAL A 297 -29.40 16.82 26.97
N ILE A 298 -29.88 18.02 26.65
CA ILE A 298 -29.42 19.21 27.35
C ILE A 298 -29.75 19.14 28.83
N VAL A 299 -30.96 18.67 29.16
CA VAL A 299 -31.39 18.59 30.55
C VAL A 299 -30.50 17.62 31.34
N ILE A 300 -30.24 16.44 30.76
CA ILE A 300 -29.41 15.45 31.44
C ILE A 300 -27.99 15.98 31.62
N CYS A 301 -27.45 16.66 30.60
CA CYS A 301 -26.10 17.18 30.70
C CYS A 301 -26.03 18.37 31.65
N LEU A 302 -27.07 19.19 31.69
CA LEU A 302 -27.09 20.31 32.62
C LEU A 302 -27.13 19.82 34.06
N ALA A 303 -27.91 18.77 34.33
CA ALA A 303 -27.94 18.19 35.67
C ALA A 303 -26.57 17.62 36.05
N SER A 304 -25.90 16.97 35.11
CA SER A 304 -24.59 16.39 35.39
C SER A 304 -23.56 17.48 35.69
N LEU A 305 -23.67 18.63 35.02
CA LEU A 305 -22.79 19.75 35.35
C LEU A 305 -23.00 20.23 36.78
N ILE A 306 -24.25 20.26 37.24
CA ILE A 306 -24.54 20.77 38.58
C ILE A 306 -24.04 19.79 39.64
N LEU A 307 -24.27 18.49 39.42
CA LEU A 307 -23.81 17.49 40.38
C LEU A 307 -22.29 17.46 40.45
N CYS A 308 -21.62 17.47 39.30
CA CYS A 308 -20.17 17.37 39.28
C CYS A 308 -19.51 18.63 39.81
N THR A 309 -20.07 19.80 39.53
CA THR A 309 -19.54 21.03 40.10
C THR A 309 -19.70 21.05 41.62
N ARG A 310 -20.80 20.49 42.12
CA ARG A 310 -20.97 20.35 43.56
C ARG A 310 -19.84 19.55 44.19
N SER A 311 -19.53 18.39 43.59
CA SER A 311 -18.48 17.52 44.13
C SER A 311 -17.14 18.23 44.16
N ILE A 312 -16.77 18.87 43.05
CA ILE A 312 -15.47 19.54 42.97
C ILE A 312 -15.36 20.62 44.05
N VAL A 313 -16.44 21.38 44.26
CA VAL A 313 -16.44 22.39 45.31
C VAL A 313 -16.38 21.74 46.69
N LEU A 314 -17.21 20.72 46.90
CA LEU A 314 -17.25 20.06 48.21
C LEU A 314 -15.96 19.30 48.49
N ALA A 315 -15.30 18.77 47.45
CA ALA A 315 -14.03 18.08 47.65
C ALA A 315 -12.96 19.05 48.14
N LEU A 316 -12.96 20.28 47.60
CA LEU A 316 -11.99 21.26 48.05
C LEU A 316 -12.19 21.61 49.52
N ARG A 317 -13.45 21.71 49.96
CA ARG A 317 -13.72 21.98 51.37
C ARG A 317 -13.20 20.85 52.25
N LEU A 318 -13.33 19.60 51.80
CA LEU A 318 -12.82 18.47 52.56
C LEU A 318 -11.30 18.55 52.69
N ARG A 319 -10.61 18.97 51.62
CA ARG A 319 -9.16 19.12 51.68
C ARG A 319 -8.77 20.18 52.71
N LYS A 320 -9.51 21.28 52.75
CA LYS A 320 -9.25 22.33 53.73
C LYS A 320 -9.40 21.80 55.16
N ARG A 321 -10.46 21.04 55.41
CA ARG A 321 -10.70 20.50 56.75
C ARG A 321 -9.61 19.54 57.18
N PHE A 322 -8.98 18.83 56.25
CA PHE A 322 -7.94 17.86 56.58
C PHE A 322 -6.56 18.49 56.62
N LEU A 323 -6.30 19.49 55.76
CA LEU A 323 -5.03 20.21 55.83
C LEU A 323 -4.88 20.98 57.13
N ASN A 324 -5.97 21.60 57.60
CA ASN A 324 -5.92 22.35 58.85
C ASN A 324 -5.60 21.43 60.02
N PHE A 325 -6.21 20.25 60.06
CA PHE A 325 -5.92 19.31 61.13
C PHE A 325 -4.48 18.81 61.07
N PHE A 326 -3.97 18.56 59.87
CA PHE A 326 -2.63 17.99 59.74
C PHE A 326 -1.57 18.95 60.29
N LEU A 327 -1.73 20.24 60.01
CA LEU A 327 -0.87 21.25 60.62
C LEU A 327 -1.06 21.33 62.13
N GLU A 328 -2.24 20.95 62.63
CA GLU A 328 -2.51 21.02 64.07
C GLU A 328 -1.83 19.88 64.81
N LYS A 329 -2.18 18.64 64.48
CA LYS A 329 -1.61 17.49 65.16
C LYS A 329 -0.14 17.32 64.82
N TYR A 330 0.17 17.14 63.53
CA TYR A 330 1.55 16.96 63.10
C TYR A 330 2.15 18.30 62.71
N TRP A 340 -4.24 16.73 45.84
CA TRP A 340 -4.42 16.11 44.49
C TRP A 340 -5.32 14.88 44.61
N GLU A 341 -5.15 14.13 45.70
CA GLU A 341 -6.05 12.99 45.96
C GLU A 341 -7.40 13.60 46.33
N PHE A 342 -7.48 14.93 46.23
CA PHE A 342 -8.75 15.62 46.51
C PHE A 342 -9.33 16.15 45.19
N ILE A 343 -8.46 16.55 44.25
CA ILE A 343 -8.92 17.02 42.94
C ILE A 343 -9.12 15.81 42.03
N ASN A 344 -10.30 15.70 41.46
CA ASN A 344 -10.64 14.62 40.54
C ASN A 344 -10.64 15.18 39.13
N GLY A 345 -9.67 14.75 38.32
CA GLY A 345 -9.63 15.18 36.93
C GLY A 345 -10.65 14.50 36.05
N TRP A 346 -11.24 13.41 36.51
CA TRP A 346 -12.31 12.77 35.77
C TRP A 346 -13.56 13.65 35.74
N TYR A 347 -13.85 14.34 36.85
CA TYR A 347 -14.96 15.28 36.87
C TYR A 347 -14.66 16.54 36.06
N VAL A 348 -13.39 16.94 35.96
CA VAL A 348 -13.04 18.02 35.05
C VAL A 348 -13.30 17.60 33.61
N LEU A 349 -13.09 16.33 33.28
CA LEU A 349 -13.44 15.80 31.98
C LEU A 349 -14.95 15.72 31.76
N VAL A 350 -15.70 15.35 32.80
CA VAL A 350 -17.15 15.27 32.67
C VAL A 350 -17.75 16.66 32.45
N ILE A 351 -17.20 17.67 33.11
CA ILE A 351 -17.71 19.03 32.93
C ILE A 351 -17.50 19.49 31.50
N ILE A 352 -16.31 19.24 30.94
CA ILE A 352 -16.04 19.61 29.55
C ILE A 352 -16.94 18.83 28.60
N SER A 353 -17.17 17.55 28.90
CA SER A 353 -18.08 16.74 28.09
C SER A 353 -19.47 17.35 28.07
N ASP A 354 -19.96 17.74 29.24
CA ASP A 354 -21.30 18.31 29.34
C ASP A 354 -21.39 19.64 28.60
N LEU A 355 -20.37 20.48 28.74
CA LEU A 355 -20.38 21.76 28.04
C LEU A 355 -20.39 21.55 26.53
N MET A 356 -19.54 20.65 26.03
CA MET A 356 -19.49 20.39 24.60
C MET A 356 -20.79 19.79 24.10
N THR A 357 -21.41 18.92 24.90
CA THR A 357 -22.69 18.34 24.50
C THR A 357 -23.77 19.40 24.42
N ILE A 358 -23.82 20.30 25.40
CA ILE A 358 -24.83 21.36 25.38
C ILE A 358 -24.61 22.27 24.16
N ILE A 359 -23.37 22.65 23.91
CA ILE A 359 -23.08 23.51 22.76
C ILE A 359 -23.44 22.80 21.46
N GLY A 360 -23.11 21.51 21.34
CA GLY A 360 -23.45 20.77 20.14
C GLY A 360 -24.93 20.64 19.93
N SER A 361 -25.68 20.36 21.01
CA SER A 361 -27.13 20.25 20.89
C SER A 361 -27.75 21.58 20.52
N ILE A 362 -27.27 22.68 21.09
CA ILE A 362 -27.78 23.99 20.73
C ILE A 362 -27.45 24.35 19.28
N LEU A 363 -26.24 24.04 18.82
CA LEU A 363 -25.88 24.27 17.43
C LEU A 363 -26.70 23.42 16.47
N LYS A 364 -27.00 22.18 16.83
CA LYS A 364 -27.81 21.30 16.02
C LYS A 364 -29.28 21.74 15.96
N MET A 365 -29.82 22.20 17.08
CA MET A 365 -31.16 22.77 17.08
C MET A 365 -31.22 24.04 16.23
N GLU A 366 -30.19 24.88 16.32
CA GLU A 366 -30.12 26.06 15.47
C GLU A 366 -30.01 25.68 14.00
N ILE A 367 -29.24 24.63 13.70
CA ILE A 367 -29.07 24.18 12.32
C ILE A 367 -30.40 23.72 11.74
N LYS A 368 -31.14 22.92 12.50
CA LYS A 368 -32.42 22.44 11.99
C LYS A 368 -33.46 23.55 11.93
N ALA A 369 -33.41 24.48 12.88
CA ALA A 369 -34.44 25.52 12.97
C ALA A 369 -34.40 26.48 11.78
N LYS A 370 -33.23 26.80 11.25
CA LYS A 370 -33.11 27.69 10.11
C LYS A 370 -32.63 26.96 8.86
N ASN A 371 -32.71 25.63 8.86
CA ASN A 371 -32.45 24.81 7.68
C ASN A 371 -31.07 25.07 7.09
N LEU A 372 -30.04 24.78 7.89
CA LEU A 372 -28.66 24.88 7.45
C LEU A 372 -28.16 23.52 6.99
N THR A 373 -27.05 23.54 6.23
CA THR A 373 -26.49 22.31 5.66
C THR A 373 -24.99 22.20 5.92
N ASN A 374 -24.47 22.93 6.91
CA ASN A 374 -23.08 22.80 7.33
C ASN A 374 -23.05 22.35 8.78
N TYR A 375 -22.48 21.18 9.03
CA TYR A 375 -22.51 20.59 10.37
C TYR A 375 -21.11 20.33 10.91
N ASP A 376 -20.08 20.92 10.32
CA ASP A 376 -18.71 20.60 10.72
C ASP A 376 -18.47 20.94 12.19
N LEU A 377 -18.89 22.12 12.63
CA LEU A 377 -18.68 22.51 14.02
C LEU A 377 -19.55 21.67 14.95
N CYS A 378 -20.83 21.50 14.61
CA CYS A 378 -21.74 20.73 15.45
C CYS A 378 -21.30 19.27 15.53
N SER A 379 -20.88 18.70 14.40
CA SER A 379 -20.40 17.32 14.40
C SER A 379 -19.15 17.18 15.26
N ILE A 380 -18.24 18.16 15.19
CA ILE A 380 -17.04 18.12 16.02
C ILE A 380 -17.41 18.13 17.50
N PHE A 381 -18.30 19.04 17.90
CA PHE A 381 -18.70 19.11 19.30
C PHE A 381 -19.35 17.81 19.76
N LEU A 382 -20.30 17.29 18.96
CA LEU A 382 -21.01 16.07 19.35
C LEU A 382 -20.07 14.87 19.40
N GLY A 383 -19.19 14.73 18.41
CA GLY A 383 -18.28 13.60 18.39
C GLY A 383 -17.27 13.63 19.52
N THR A 384 -16.72 14.81 19.81
CA THR A 384 -15.78 14.92 20.92
C THR A 384 -16.48 14.67 22.25
N SER A 385 -17.72 15.14 22.39
CA SER A 385 -18.46 14.86 23.61
C SER A 385 -18.74 13.38 23.78
N THR A 386 -19.09 12.68 22.69
CA THR A 386 -19.31 11.24 22.78
C THR A 386 -18.03 10.49 23.11
N LEU A 387 -16.92 10.89 22.47
CA LEU A 387 -15.61 10.31 22.81
C LEU A 387 -15.32 10.47 24.29
N LEU A 388 -15.53 11.67 24.82
CA LEU A 388 -15.19 11.94 26.21
C LEU A 388 -16.15 11.20 27.14
N VAL A 389 -17.40 11.01 26.74
CA VAL A 389 -18.33 10.24 27.55
C VAL A 389 -17.87 8.78 27.66
N TRP A 390 -17.53 8.18 26.52
CA TRP A 390 -17.07 6.79 26.55
C TRP A 390 -15.75 6.65 27.31
N VAL A 391 -14.90 7.67 27.23
CA VAL A 391 -13.65 7.63 27.99
C VAL A 391 -13.92 7.77 29.48
N GLY A 392 -14.86 8.64 29.87
CA GLY A 392 -15.19 8.80 31.27
C GLY A 392 -15.95 7.64 31.87
N VAL A 393 -16.45 6.72 31.03
CA VAL A 393 -16.95 5.46 31.55
C VAL A 393 -15.88 4.71 32.35
N ILE A 394 -14.59 4.95 32.05
CA ILE A 394 -13.51 4.19 32.68
C ILE A 394 -13.40 4.52 34.16
N ARG A 395 -13.80 5.73 34.55
CA ARG A 395 -13.82 6.08 35.97
C ARG A 395 -14.60 5.09 36.80
N TYR A 396 -15.69 4.56 36.24
CA TYR A 396 -16.55 3.62 36.96
C TYR A 396 -16.09 2.19 36.77
N LEU A 397 -14.84 2.04 36.34
CA LEU A 397 -14.15 0.75 36.44
C LEU A 397 -12.77 0.94 37.07
N GLY A 398 -12.39 2.16 37.43
CA GLY A 398 -11.08 2.42 37.98
C GLY A 398 -10.87 2.05 39.44
N TYR A 399 -11.91 2.16 40.28
CA TYR A 399 -11.79 1.66 41.65
C TYR A 399 -11.53 0.15 41.69
N PHE A 400 -12.01 -0.57 40.68
CA PHE A 400 -11.83 -2.03 40.66
C PHE A 400 -10.35 -2.36 40.73
N GLN A 401 -10.04 -3.40 41.51
CA GLN A 401 -8.66 -3.67 41.92
C GLN A 401 -7.75 -4.09 40.77
N ALA A 402 -8.31 -4.54 39.64
CA ALA A 402 -7.51 -5.04 38.54
C ALA A 402 -7.93 -4.45 37.20
N TYR A 403 -8.63 -3.32 37.21
CA TYR A 403 -9.05 -2.64 35.99
C TYR A 403 -8.36 -1.30 35.80
N ASN A 404 -7.39 -0.95 36.66
CA ASN A 404 -6.81 0.38 36.66
C ASN A 404 -5.34 0.41 36.24
N VAL A 405 -4.82 -0.68 35.66
CA VAL A 405 -3.40 -0.71 35.31
C VAL A 405 -3.09 0.33 34.23
N LEU A 406 -4.04 0.57 33.33
CA LEU A 406 -3.79 1.49 32.23
C LEU A 406 -3.65 2.93 32.72
N ILE A 407 -4.58 3.39 33.54
CA ILE A 407 -4.54 4.77 34.01
C ILE A 407 -3.36 4.99 34.95
N LEU A 408 -3.09 4.02 35.82
CA LEU A 408 -1.93 4.11 36.71
C LEU A 408 -0.64 4.16 35.92
N THR A 409 -0.52 3.33 34.88
CA THR A 409 0.67 3.37 34.04
C THR A 409 0.79 4.70 33.31
N MET A 410 -0.34 5.25 32.84
CA MET A 410 -0.29 6.55 32.18
C MET A 410 0.21 7.63 33.13
N GLN A 411 -0.28 7.65 34.37
CA GLN A 411 0.16 8.63 35.35
C GLN A 411 1.64 8.46 35.67
N ALA A 412 2.09 7.22 35.83
CA ALA A 412 3.50 6.96 36.10
C ALA A 412 4.37 7.46 34.94
N SER A 413 4.04 7.04 33.72
CA SER A 413 4.82 7.33 32.53
C SER A 413 4.91 8.81 32.22
N LEU A 414 3.78 9.52 32.26
CA LEU A 414 3.61 10.86 31.70
C LEU A 414 4.81 11.79 31.91
N PRO A 415 5.37 11.93 33.13
CA PRO A 415 6.58 12.77 33.27
C PRO A 415 7.74 12.33 32.40
N LYS A 416 8.11 11.04 32.51
CA LYS A 416 9.23 10.52 31.75
C LYS A 416 8.95 10.56 30.26
N VAL A 417 7.72 10.22 29.85
CA VAL A 417 7.37 10.24 28.44
C VAL A 417 7.48 11.65 27.88
N LEU A 418 6.98 12.65 28.61
CA LEU A 418 7.07 14.02 28.15
C LEU A 418 8.52 14.48 28.06
N ARG A 419 9.34 14.12 29.05
CA ARG A 419 10.75 14.50 29.01
C ARG A 419 11.47 13.86 27.82
N PHE A 420 11.14 12.60 27.53
CA PHE A 420 11.76 11.91 26.40
C PHE A 420 11.37 12.57 25.08
N CYS A 421 10.09 12.94 24.94
CA CYS A 421 9.61 13.49 23.68
C CYS A 421 10.21 14.86 23.38
N ALA A 422 10.82 15.51 24.37
CA ALA A 422 11.47 16.80 24.11
C ALA A 422 12.71 16.62 23.24
N CYS A 423 13.58 15.68 23.59
CA CYS A 423 14.80 15.45 22.82
C CYS A 423 14.47 14.86 21.45
N ALA A 424 13.56 13.90 21.41
CA ALA A 424 13.17 13.32 20.12
C ALA A 424 12.47 14.34 19.24
N GLY A 425 11.75 15.29 19.86
CA GLY A 425 11.05 16.31 19.09
C GLY A 425 11.99 17.22 18.33
N MET A 426 13.14 17.56 18.93
CA MET A 426 14.10 18.42 18.26
C MET A 426 14.68 17.73 17.02
N ILE A 427 15.04 16.45 17.14
CA ILE A 427 15.54 15.70 16.00
C ILE A 427 14.46 15.58 14.94
N TYR A 428 13.22 15.33 15.35
CA TYR A 428 12.12 15.23 14.41
C TYR A 428 11.91 16.53 13.65
N LEU A 429 11.99 17.66 14.34
CA LEU A 429 11.82 18.95 13.68
C LEU A 429 12.96 19.24 12.71
N GLY A 430 14.20 18.94 13.12
CA GLY A 430 15.32 19.11 12.22
C GLY A 430 15.20 18.28 10.97
N TYR A 431 14.80 17.01 11.13
CA TYR A 431 14.61 16.14 9.98
C TYR A 431 13.47 16.64 9.10
N THR A 432 12.41 17.18 9.71
CA THR A 432 11.30 17.72 8.93
C THR A 432 11.75 18.88 8.06
N PHE A 433 12.48 19.83 8.66
CA PHE A 433 12.96 20.96 7.88
C PHE A 433 13.92 20.53 6.79
N CYS A 434 14.85 19.62 7.11
CA CYS A 434 15.82 19.17 6.11
C CYS A 434 15.13 18.46 4.95
N GLY A 435 14.20 17.55 5.25
CA GLY A 435 13.50 16.84 4.21
C GLY A 435 12.62 17.72 3.36
N TRP A 436 11.95 18.71 3.96
CA TRP A 436 11.16 19.63 3.16
C TRP A 436 12.04 20.48 2.24
N ILE A 437 13.18 20.94 2.75
CA ILE A 437 14.01 21.83 1.92
C ILE A 437 14.73 21.06 0.81
N VAL A 438 15.13 19.81 1.05
CA VAL A 438 15.93 19.07 0.06
C VAL A 438 15.05 18.20 -0.83
N LEU A 439 14.21 17.35 -0.24
CA LEU A 439 13.42 16.40 -1.00
C LEU A 439 12.07 16.96 -1.43
N GLY A 440 11.76 18.20 -1.06
CA GLY A 440 10.49 18.80 -1.39
C GLY A 440 10.25 18.98 -2.88
N PRO A 441 11.23 19.52 -3.61
CA PRO A 441 11.06 19.64 -5.07
C PRO A 441 10.97 18.31 -5.79
N TYR A 442 11.42 17.20 -5.20
CA TYR A 442 11.56 15.94 -5.91
C TYR A 442 10.74 14.82 -5.30
N HIS A 443 9.87 15.09 -4.35
CA HIS A 443 9.11 14.00 -3.69
C HIS A 443 7.80 14.63 -3.29
N ASP A 444 6.71 13.89 -3.43
CA ASP A 444 5.37 14.43 -3.17
C ASP A 444 4.95 14.12 -1.75
N LYS A 445 5.77 13.39 -1.03
CA LYS A 445 5.50 13.10 0.38
C LYS A 445 6.33 14.10 1.18
N PHE A 446 7.03 15.00 0.51
CA PHE A 446 7.86 15.99 1.20
C PHE A 446 7.58 17.38 0.67
N GLU A 447 6.43 17.58 0.03
CA GLU A 447 6.14 18.84 -0.66
C GLU A 447 5.86 19.97 0.31
N ASN A 448 5.05 19.71 1.34
CA ASN A 448 4.72 20.70 2.36
C ASN A 448 5.23 20.22 3.72
N LEU A 449 5.45 21.17 4.63
CA LEU A 449 6.02 20.83 5.92
C LEU A 449 5.15 19.88 6.74
N ASN A 450 3.84 20.08 6.72
CA ASN A 450 2.94 19.13 7.37
C ASN A 450 2.93 17.77 6.68
N THR A 451 3.06 17.75 5.34
CA THR A 451 3.19 16.48 4.64
C THR A 451 4.48 15.77 5.05
N VAL A 452 5.57 16.53 5.22
CA VAL A 452 6.83 15.95 5.68
C VAL A 452 6.64 15.35 7.08
N ALA A 453 5.95 16.09 7.96
CA ALA A 453 5.71 15.60 9.31
C ALA A 453 4.91 14.30 9.29
N GLU A 454 3.85 14.26 8.47
CA GLU A 454 3.02 13.06 8.38
C GLU A 454 3.82 11.88 7.83
N CYS A 455 4.63 12.13 6.78
CA CYS A 455 5.45 11.08 6.20
C CYS A 455 6.46 10.54 7.22
N LEU A 456 7.09 11.44 7.98
CA LEU A 456 8.06 11.00 8.98
C LEU A 456 7.40 10.20 10.09
N PHE A 457 6.21 10.64 10.52
CA PHE A 457 5.48 9.89 11.55
C PHE A 457 5.12 8.49 11.06
N SER A 458 4.62 8.39 9.82
CA SER A 458 4.32 7.08 9.25
C SER A 458 5.56 6.23 9.09
N LEU A 459 6.70 6.83 8.72
CA LEU A 459 7.94 6.07 8.61
C LEU A 459 8.39 5.55 9.97
N VAL A 460 8.22 6.36 11.02
CA VAL A 460 8.48 5.86 12.37
C VAL A 460 7.59 4.67 12.67
N ASN A 461 6.34 4.70 12.19
CA ASN A 461 5.46 3.55 12.33
C ASN A 461 5.61 2.54 11.19
N GLY A 462 6.67 2.67 10.39
CA GLY A 462 6.99 1.67 9.38
C GLY A 462 6.01 1.56 8.24
N ASP A 463 5.54 2.67 7.69
CA ASP A 463 4.49 2.65 6.65
C ASP A 463 5.01 3.23 5.34
N ASP A 464 4.78 2.57 4.21
CA ASP A 464 5.15 3.06 2.86
C ASP A 464 6.64 3.36 2.81
N MET A 465 7.47 2.46 3.30
CA MET A 465 8.93 2.68 3.35
C MET A 465 9.54 2.46 1.97
N PHE A 466 9.06 1.48 1.22
CA PHE A 466 9.63 1.24 -0.09
C PHE A 466 9.16 2.26 -1.12
N ALA A 467 7.89 2.68 -1.06
CA ALA A 467 7.43 3.74 -1.95
C ALA A 467 8.14 5.06 -1.67
N THR A 468 8.42 5.36 -0.40
CA THR A 468 9.18 6.56 -0.05
C THR A 468 10.60 6.47 -0.58
N PHE A 469 11.24 5.30 -0.48
CA PHE A 469 12.57 5.15 -1.02
C PHE A 469 12.59 5.23 -2.55
N ALA A 470 11.60 4.65 -3.21
CA ALA A 470 11.64 4.46 -4.65
C ALA A 470 10.98 5.59 -5.43
N GLN A 471 10.32 6.52 -4.76
CA GLN A 471 9.61 7.59 -5.47
C GLN A 471 10.51 8.78 -5.78
N ILE A 472 11.81 8.68 -5.47
CA ILE A 472 12.79 9.71 -5.79
C ILE A 472 13.52 9.27 -7.05
N GLN A 473 13.55 10.15 -8.06
CA GLN A 473 14.17 9.87 -9.34
C GLN A 473 15.68 10.11 -9.28
N GLN A 474 16.43 9.25 -9.96
CA GLN A 474 17.89 9.31 -9.95
C GLN A 474 18.45 10.24 -11.03
N LYS A 475 17.61 11.14 -11.57
CA LYS A 475 18.11 12.12 -12.54
C LYS A 475 19.15 13.03 -11.90
N SER A 476 18.90 13.47 -10.67
CA SER A 476 19.90 14.19 -9.89
C SER A 476 20.55 13.19 -8.92
N ILE A 477 21.85 12.97 -9.09
CA ILE A 477 22.51 11.96 -8.28
C ILE A 477 22.83 12.49 -6.88
N LEU A 478 23.10 13.79 -6.75
CA LEU A 478 23.37 14.36 -5.44
C LEU A 478 22.14 14.29 -4.54
N VAL A 479 20.98 14.70 -5.08
CA VAL A 479 19.75 14.64 -4.31
C VAL A 479 19.36 13.20 -4.01
N TRP A 480 19.60 12.30 -4.95
CA TRP A 480 19.28 10.88 -4.73
C TRP A 480 20.13 10.30 -3.61
N LEU A 481 21.43 10.57 -3.62
CA LEU A 481 22.31 10.09 -2.56
C LEU A 481 21.93 10.69 -1.22
N PHE A 482 21.64 11.99 -1.19
CA PHE A 482 21.21 12.62 0.05
C PHE A 482 19.91 12.02 0.55
N SER A 483 18.98 11.72 -0.36
CA SER A 483 17.71 11.12 0.05
C SER A 483 17.94 9.75 0.68
N ARG A 484 18.82 8.95 0.09
CA ARG A 484 19.11 7.65 0.67
C ARG A 484 19.73 7.79 2.07
N LEU A 485 20.72 8.67 2.20
CA LEU A 485 21.34 8.89 3.51
C LEU A 485 20.32 9.38 4.54
N TYR A 486 19.52 10.37 4.15
CA TYR A 486 18.48 10.94 5.00
C TYR A 486 17.50 9.89 5.49
N LEU A 487 16.94 9.12 4.54
CA LEU A 487 15.94 8.13 4.89
C LEU A 487 16.52 7.02 5.77
N TYR A 488 17.67 6.49 5.50
CA TYR A 488 18.25 5.40 6.31
C TYR A 488 18.65 5.86 7.68
N SER A 489 19.09 7.10 7.86
CA SER A 489 19.47 7.70 9.16
C SER A 489 18.27 7.94 10.07
N PHE A 490 17.12 8.33 9.55
CA PHE A 490 15.91 8.61 10.32
C PHE A 490 15.33 7.33 10.61
N ILE A 491 15.14 6.50 9.60
CA ILE A 491 14.46 5.26 9.96
C ILE A 491 15.23 4.52 11.04
N SER A 492 16.53 4.32 10.81
CA SER A 492 17.35 3.60 11.78
C SER A 492 17.28 4.26 13.15
N LEU A 493 17.80 5.49 13.25
CA LEU A 493 17.81 6.21 14.52
C LEU A 493 16.45 6.20 15.19
N PHE A 494 15.46 6.84 14.56
CA PHE A 494 14.17 7.01 15.20
C PHE A 494 13.55 5.67 15.56
N ILE A 495 13.22 4.83 14.56
CA ILE A 495 12.51 3.60 14.85
C ILE A 495 13.27 2.86 15.94
N TYR A 496 14.49 2.40 15.63
CA TYR A 496 15.12 1.48 16.56
C TYR A 496 15.36 2.14 17.91
N MET A 497 16.22 3.16 17.97
CA MET A 497 16.63 3.68 19.27
C MET A 497 15.46 4.34 20.00
N ILE A 498 14.78 5.28 19.33
CA ILE A 498 13.79 6.07 20.04
C ILE A 498 12.57 5.24 20.41
N LEU A 499 12.06 4.41 19.49
CA LEU A 499 10.92 3.57 19.85
C LEU A 499 11.30 2.59 20.94
N SER A 500 12.51 2.04 20.92
CA SER A 500 12.95 1.17 21.99
C SER A 500 12.91 1.89 23.33
N LEU A 501 13.50 3.07 23.40
CA LEU A 501 13.59 3.80 24.67
C LEU A 501 12.24 4.35 25.13
N PHE A 502 11.27 4.50 24.23
CA PHE A 502 9.96 5.00 24.59
C PHE A 502 9.08 3.87 25.13
N ILE A 503 9.04 2.75 24.40
CA ILE A 503 8.32 1.58 24.87
C ILE A 503 8.94 1.07 26.17
N ALA A 504 10.26 1.16 26.30
CA ALA A 504 10.93 0.70 27.52
C ALA A 504 10.52 1.55 28.71
N LEU A 505 10.45 2.87 28.53
CA LEU A 505 10.00 3.73 29.61
C LEU A 505 8.58 3.40 30.03
N ILE A 506 7.69 3.19 29.05
CA ILE A 506 6.31 2.84 29.37
C ILE A 506 6.25 1.52 30.14
N THR A 507 7.01 0.53 29.67
CA THR A 507 6.98 -0.79 30.31
C THR A 507 7.57 -0.77 31.71
N ASP A 508 8.63 0.01 31.94
CA ASP A 508 9.18 0.09 33.29
C ASP A 508 8.24 0.84 34.22
N SER A 509 7.52 1.84 33.71
CA SER A 509 6.47 2.46 34.52
C SER A 509 5.38 1.46 34.87
N TYR A 510 4.98 0.62 33.91
CA TYR A 510 3.98 -0.41 34.17
C TYR A 510 4.49 -1.40 35.21
N ASP A 511 5.77 -1.77 35.14
CA ASP A 511 6.36 -2.69 36.11
C ASP A 511 6.40 -2.09 37.50
N THR A 512 6.75 -0.81 37.62
CA THR A 512 6.73 -0.15 38.92
C THR A 512 5.32 -0.11 39.48
N ILE A 513 4.32 0.18 38.64
CA ILE A 513 2.94 0.18 39.11
C ILE A 513 2.54 -1.21 39.59
N LYS A 514 2.95 -2.28 38.93
CA LYS A 514 2.46 -3.63 39.33
C LYS A 514 3.12 -4.09 40.65
N LYS A 515 4.37 -3.68 40.91
CA LYS A 515 5.08 -4.16 42.13
C LYS A 515 4.49 -3.47 43.36
N PHE A 516 4.04 -2.24 43.23
CA PHE A 516 3.35 -1.54 44.35
C PHE A 516 2.06 -2.26 44.62
N GLN A 517 1.38 -2.66 43.57
CA GLN A 517 0.10 -3.39 43.71
C GLN A 517 0.37 -4.71 44.45
N GLN A 518 1.54 -5.30 44.21
CA GLN A 518 1.83 -6.64 44.78
C GLN A 518 2.40 -6.49 46.20
N ASN A 519 2.90 -5.31 46.55
CA ASN A 519 3.42 -5.07 47.93
C ASN A 519 2.28 -4.51 48.78
N MET B 36 47.83 27.45 46.82
CA MET B 36 46.49 26.94 46.53
C MET B 36 46.30 26.72 45.02
N LYS B 37 47.37 26.26 44.35
CA LYS B 37 47.24 25.93 42.94
C LYS B 37 46.33 24.72 42.73
N GLU B 38 46.34 23.77 43.67
CA GLU B 38 45.37 22.68 43.62
C GLU B 38 43.95 23.19 43.83
N GLU B 39 43.77 24.15 44.74
CA GLU B 39 42.48 24.78 44.92
C GLU B 39 42.00 25.41 43.61
N CYS B 40 42.89 26.15 42.94
CA CYS B 40 42.55 26.77 41.66
C CYS B 40 42.15 25.73 40.62
N LEU B 41 42.96 24.66 40.50
CA LEU B 41 42.70 23.63 39.51
C LEU B 41 41.37 22.95 39.77
N ARG B 42 41.09 22.58 41.02
CA ARG B 42 39.86 21.87 41.31
C ARG B 42 38.65 22.79 41.19
N GLU B 43 38.79 24.08 41.51
CA GLU B 43 37.70 25.02 41.29
C GLU B 43 37.41 25.17 39.80
N ASP B 44 38.47 25.23 38.98
CA ASP B 44 38.26 25.32 37.53
C ASP B 44 37.60 24.05 36.99
N LEU B 45 37.99 22.89 37.50
CA LEU B 45 37.35 21.64 37.07
C LEU B 45 35.88 21.58 37.52
N LYS B 46 35.57 22.13 38.69
CA LYS B 46 34.18 22.26 39.10
C LYS B 46 33.42 23.18 38.16
N PHE B 47 34.05 24.29 37.75
CA PHE B 47 33.41 25.22 36.83
C PHE B 47 33.14 24.57 35.48
N TYR B 48 34.04 23.69 35.04
CA TYR B 48 33.92 23.15 33.69
C TYR B 48 32.70 22.27 33.48
N PHE B 49 32.20 21.60 34.52
CA PHE B 49 31.15 20.60 34.36
C PHE B 49 29.78 21.06 34.86
N MET B 50 29.67 22.26 35.41
CA MET B 50 28.36 22.70 35.90
C MET B 50 27.53 23.25 34.74
N SER B 51 26.21 23.21 34.92
CA SER B 51 25.28 23.63 33.88
C SER B 51 25.45 25.11 33.59
N PRO B 52 25.14 25.59 32.37
CA PRO B 52 25.32 27.01 32.06
C PRO B 52 24.56 27.93 33.00
N CYS B 53 23.43 27.43 33.52
CA CYS B 53 22.73 28.16 34.57
C CYS B 53 23.58 28.26 35.83
N GLU B 54 24.26 27.17 36.19
CA GLU B 54 25.12 27.18 37.38
C GLU B 54 26.41 27.96 37.12
N LYS B 55 26.84 28.03 35.87
CA LYS B 55 28.03 28.81 35.54
C LYS B 55 27.75 30.30 35.71
N TYR B 56 26.48 30.67 35.78
CA TYR B 56 26.07 32.04 36.07
C TYR B 56 26.04 32.33 37.57
N ARG B 57 26.18 31.29 38.39
CA ARG B 57 26.29 31.45 39.84
C ARG B 57 27.72 31.31 40.32
N ALA B 58 28.48 30.39 39.71
CA ALA B 58 29.87 30.17 40.11
C ALA B 58 30.72 31.41 39.86
N ARG B 59 30.55 32.04 38.69
CA ARG B 59 31.38 33.18 38.31
C ARG B 59 30.57 34.35 37.78
N ARG B 60 29.24 34.24 37.72
CA ARG B 60 28.36 35.32 37.32
C ARG B 60 28.77 35.94 35.99
N GLN B 61 28.64 35.18 34.90
CA GLN B 61 28.99 35.66 33.57
C GLN B 61 27.86 35.35 32.60
N ILE B 62 27.75 36.17 31.56
CA ILE B 62 26.67 36.03 30.58
C ILE B 62 26.91 34.79 29.72
N PRO B 63 25.89 33.96 29.50
CA PRO B 63 26.07 32.80 28.62
C PRO B 63 25.81 33.11 27.16
N TRP B 64 26.80 33.71 26.48
CA TRP B 64 26.62 34.09 25.08
C TRP B 64 26.36 32.87 24.21
N LYS B 65 27.02 31.76 24.51
CA LYS B 65 26.91 30.55 23.70
C LYS B 65 25.56 29.86 23.85
N LEU B 66 24.61 30.49 24.54
CA LEU B 66 23.27 29.94 24.61
C LEU B 66 22.28 30.87 23.91
N GLY B 67 22.38 32.16 24.19
CA GLY B 67 21.53 33.13 23.53
C GLY B 67 21.84 33.22 22.05
N LEU B 68 23.13 33.23 21.72
CA LEU B 68 23.55 33.27 20.33
C LEU B 68 23.15 31.99 19.60
N GLN B 69 23.15 30.85 20.30
CA GLN B 69 22.66 29.61 19.67
C GLN B 69 21.16 29.65 19.44
N ILE B 70 20.40 30.22 20.38
CA ILE B 70 18.96 30.40 20.14
C ILE B 70 18.74 31.31 18.94
N LEU B 71 19.53 32.37 18.84
CA LEU B 71 19.47 33.25 17.68
C LEU B 71 19.76 32.47 16.40
N LYS B 72 20.75 31.58 16.44
CA LYS B 72 21.05 30.74 15.29
C LYS B 72 19.85 29.89 14.90
N ILE B 73 19.21 29.24 15.88
CA ILE B 73 18.06 28.40 15.59
C ILE B 73 17.01 29.23 14.86
N VAL B 74 16.65 30.37 15.45
CA VAL B 74 15.57 31.19 14.89
C VAL B 74 15.91 31.66 13.49
N MET B 75 17.11 32.21 13.33
CA MET B 75 17.48 32.85 12.06
C MET B 75 17.69 31.82 10.95
N VAL B 76 18.34 30.70 11.29
CA VAL B 76 18.55 29.64 10.31
C VAL B 76 17.22 29.05 9.87
N THR B 77 16.29 28.81 10.80
CA THR B 77 14.99 28.31 10.41
C THR B 77 14.24 29.29 9.53
N THR B 78 14.28 30.59 9.85
CA THR B 78 13.61 31.59 9.01
C THR B 78 14.22 31.61 7.60
N GLN B 79 15.55 31.57 7.52
CA GLN B 79 16.22 31.57 6.23
C GLN B 79 15.83 30.35 5.41
N LEU B 80 15.81 29.18 6.04
CA LEU B 80 15.44 27.95 5.33
C LEU B 80 14.02 28.03 4.82
N VAL B 81 13.08 28.49 5.66
CA VAL B 81 11.68 28.52 5.24
C VAL B 81 11.49 29.48 4.07
N ARG B 82 12.11 30.66 4.15
CA ARG B 82 11.94 31.65 3.08
C ARG B 82 12.56 31.17 1.76
N PHE B 83 13.76 30.60 1.84
CA PHE B 83 14.40 29.98 0.68
C PHE B 83 13.50 28.92 0.07
N GLY B 84 12.92 28.07 0.92
CA GLY B 84 12.05 27.01 0.45
C GLY B 84 10.85 27.54 -0.31
N LEU B 85 10.20 28.57 0.25
CA LEU B 85 9.02 29.13 -0.41
C LEU B 85 9.37 29.73 -1.78
N SER B 86 10.46 30.48 -1.84
CA SER B 86 10.84 31.11 -3.11
C SER B 86 11.19 30.06 -4.17
N ASN B 87 12.02 29.08 -3.80
CA ASN B 87 12.41 28.09 -4.79
C ASN B 87 11.23 27.20 -5.16
N GLN B 88 10.27 27.03 -4.24
CA GLN B 88 9.03 26.34 -4.60
C GLN B 88 8.29 27.07 -5.70
N LEU B 89 8.18 28.40 -5.59
CA LEU B 89 7.50 29.15 -6.65
C LEU B 89 8.20 28.97 -7.98
N VAL B 90 9.53 29.10 -7.99
CA VAL B 90 10.27 28.99 -9.25
C VAL B 90 10.12 27.60 -9.85
N VAL B 91 10.27 26.57 -9.03
CA VAL B 91 10.17 25.19 -9.51
C VAL B 91 8.78 24.91 -10.05
N ALA B 92 7.75 25.43 -9.36
CA ALA B 92 6.38 25.23 -9.82
C ALA B 92 6.19 25.83 -11.20
N PHE B 93 6.66 27.06 -11.41
CA PHE B 93 6.53 27.68 -12.73
C PHE B 93 7.19 26.83 -13.80
N LYS B 94 8.43 26.40 -13.53
CA LYS B 94 9.17 25.64 -14.54
C LYS B 94 8.48 24.32 -14.86
N GLU B 95 8.01 23.62 -13.83
CA GLU B 95 7.36 22.32 -14.05
C GLU B 95 6.04 22.47 -14.81
N ASP B 96 5.25 23.50 -14.47
CA ASP B 96 4.00 23.70 -15.19
C ASP B 96 4.25 24.03 -16.66
N ASN B 97 5.26 24.86 -16.94
CA ASN B 97 5.59 25.12 -18.34
C ASN B 97 6.05 23.85 -19.05
N THR B 98 6.82 23.00 -18.37
CA THR B 98 7.24 21.75 -18.99
C THR B 98 6.06 20.84 -19.32
N VAL B 99 5.10 20.74 -18.40
CA VAL B 99 3.93 19.91 -18.64
C VAL B 99 3.12 20.46 -19.82
N ALA B 100 2.94 21.77 -19.88
CA ALA B 100 2.27 22.38 -21.02
C ALA B 100 3.01 22.14 -22.32
N PHE B 101 4.35 22.20 -22.31
CA PHE B 101 5.14 21.92 -23.50
C PHE B 101 4.95 20.48 -23.95
N LYS B 102 4.93 19.54 -23.02
CA LYS B 102 4.72 18.14 -23.38
C LYS B 102 3.35 17.94 -24.02
N HIS B 103 2.31 18.56 -23.45
CA HIS B 103 0.99 18.46 -24.07
C HIS B 103 0.97 19.09 -25.46
N LEU B 104 1.61 20.26 -25.62
CA LEU B 104 1.60 20.92 -26.92
C LEU B 104 2.34 20.13 -27.99
N PHE B 105 3.47 19.52 -27.66
CA PHE B 105 4.38 19.03 -28.69
C PHE B 105 4.46 17.52 -28.81
N LEU B 106 4.04 16.76 -27.81
CA LEU B 106 4.09 15.31 -27.87
C LEU B 106 2.73 14.77 -28.29
N LYS B 107 2.71 14.04 -29.40
CA LYS B 107 1.45 13.55 -29.95
C LYS B 107 0.86 12.46 -29.07
N GLY B 108 -0.43 12.58 -28.77
CA GLY B 108 -1.11 11.61 -27.95
C GLY B 108 -0.49 11.45 -26.58
N TYR B 109 -0.19 12.57 -25.93
CA TYR B 109 0.42 12.55 -24.61
C TYR B 109 -0.68 12.41 -23.56
N SER B 110 -0.63 11.34 -22.79
CA SER B 110 -1.67 11.08 -21.79
C SER B 110 -1.69 12.18 -20.73
N GLY B 111 -0.53 12.49 -20.17
CA GLY B 111 -0.45 13.46 -19.10
C GLY B 111 0.51 12.99 -18.03
N THR B 112 0.87 11.72 -18.09
CA THR B 112 1.85 11.12 -17.19
C THR B 112 2.93 10.47 -18.02
N ASP B 113 4.18 10.59 -17.56
CA ASP B 113 5.30 9.98 -18.26
C ASP B 113 5.28 8.47 -18.07
N GLU B 114 5.48 7.75 -19.17
CA GLU B 114 5.56 6.29 -19.10
C GLU B 114 6.72 5.85 -18.21
N ASP B 115 7.88 6.47 -18.39
CA ASP B 115 9.09 6.17 -17.65
C ASP B 115 9.91 7.45 -17.61
N ASP B 116 11.23 7.35 -17.44
CA ASP B 116 12.08 8.52 -17.64
C ASP B 116 11.87 9.16 -19.02
N TYR B 117 11.38 8.41 -20.00
CA TYR B 117 10.91 8.97 -21.25
C TYR B 117 9.41 9.27 -21.16
N SER B 118 8.95 10.16 -22.02
CA SER B 118 7.57 10.63 -21.96
C SER B 118 6.62 9.76 -22.77
N CYS B 119 6.95 9.50 -24.04
CA CYS B 119 6.11 8.75 -24.95
C CYS B 119 6.92 7.62 -25.57
N SER B 120 6.23 6.81 -26.38
CA SER B 120 6.89 5.76 -27.14
C SER B 120 6.03 5.42 -28.35
N VAL B 121 6.68 4.90 -29.38
CA VAL B 121 6.01 4.50 -30.61
C VAL B 121 6.60 3.17 -31.07
N TYR B 122 5.77 2.36 -31.73
CA TYR B 122 6.18 1.05 -32.18
C TYR B 122 6.04 0.84 -33.68
N THR B 123 5.60 1.85 -34.42
CA THR B 123 5.35 1.74 -35.85
C THR B 123 6.08 2.85 -36.57
N GLN B 124 6.52 2.56 -37.81
CA GLN B 124 7.19 3.57 -38.61
C GLN B 124 6.30 4.75 -38.98
N GLU B 125 4.98 4.55 -38.99
CA GLU B 125 4.06 5.63 -39.28
C GLU B 125 3.72 6.45 -38.03
N ASP B 126 3.72 5.83 -36.85
CA ASP B 126 3.55 6.54 -35.60
C ASP B 126 4.70 7.50 -35.32
N ALA B 127 5.94 7.10 -35.62
CA ALA B 127 7.11 7.96 -35.45
C ALA B 127 7.07 9.15 -36.40
N TYR B 128 6.71 8.92 -37.66
CA TYR B 128 6.55 10.01 -38.61
C TYR B 128 5.47 10.97 -38.15
N GLU B 129 4.35 10.43 -37.66
CA GLU B 129 3.26 11.26 -37.18
C GLU B 129 3.71 12.11 -35.99
N SER B 130 4.45 11.51 -35.06
CA SER B 130 4.94 12.25 -33.90
C SER B 130 5.90 13.38 -34.30
N ILE B 131 6.83 13.07 -35.20
CA ILE B 131 7.82 14.07 -35.63
C ILE B 131 7.13 15.23 -36.34
N PHE B 132 6.25 14.90 -37.29
CA PHE B 132 5.56 15.94 -38.03
C PHE B 132 4.61 16.73 -37.13
N PHE B 133 4.02 16.07 -36.14
CA PHE B 133 3.16 16.77 -35.18
C PHE B 133 3.96 17.77 -34.37
N ALA B 134 5.16 17.37 -33.92
CA ALA B 134 5.99 18.30 -33.17
C ALA B 134 6.36 19.52 -34.01
N ILE B 135 6.78 19.28 -35.26
CA ILE B 135 7.18 20.40 -36.11
C ILE B 135 5.98 21.30 -36.42
N ASN B 136 4.82 20.71 -36.71
CA ASN B 136 3.65 21.51 -37.05
C ASN B 136 3.10 22.26 -35.84
N GLN B 137 3.23 21.70 -34.64
CA GLN B 137 2.78 22.41 -33.45
C GLN B 137 3.75 23.54 -33.08
N TYR B 138 5.04 23.37 -33.40
CA TYR B 138 5.95 24.51 -33.30
C TYR B 138 5.57 25.61 -34.28
N HIS B 139 5.20 25.23 -35.50
CA HIS B 139 4.83 26.22 -36.51
C HIS B 139 3.64 27.07 -36.09
N GLN B 140 2.73 26.54 -35.28
CA GLN B 140 1.48 27.20 -34.93
C GLN B 140 1.43 27.54 -33.44
N LEU B 141 2.57 27.89 -32.85
CA LEU B 141 2.63 28.08 -31.40
C LEU B 141 1.76 29.25 -30.95
N LYS B 142 1.73 30.33 -31.74
CA LYS B 142 1.03 31.54 -31.31
C LYS B 142 -0.48 31.35 -31.20
N ASP B 143 -1.03 30.31 -31.84
CA ASP B 143 -2.46 30.06 -31.82
C ASP B 143 -2.82 28.82 -31.01
N ILE B 144 -1.89 28.28 -30.24
CA ILE B 144 -2.14 27.04 -29.51
C ILE B 144 -1.82 27.23 -28.04
N THR B 145 -0.90 28.14 -27.73
CA THR B 145 -0.42 28.28 -26.36
C THR B 145 -1.40 29.12 -25.54
N LEU B 146 -1.59 28.71 -24.28
CA LEU B 146 -2.47 29.41 -23.35
C LEU B 146 -1.70 30.35 -22.43
N GLY B 147 -0.48 30.72 -22.81
CA GLY B 147 0.35 31.52 -21.93
C GLY B 147 1.07 32.66 -22.63
N THR B 148 2.01 33.28 -21.93
CA THR B 148 2.78 34.38 -22.49
C THR B 148 4.05 33.86 -23.12
N LEU B 149 3.91 32.99 -24.12
CA LEU B 149 5.05 32.39 -24.80
C LEU B 149 5.34 33.11 -26.10
N GLY B 150 6.56 32.88 -26.59
CA GLY B 150 6.98 33.48 -27.85
C GLY B 150 8.13 32.68 -28.43
N TYR B 151 8.59 33.14 -29.59
CA TYR B 151 9.67 32.48 -30.30
C TYR B 151 11.00 33.08 -29.86
N GLY B 152 11.89 32.25 -29.35
CA GLY B 152 13.19 32.71 -28.92
C GLY B 152 14.20 32.75 -30.05
N GLU B 153 15.48 32.60 -29.72
CA GLU B 153 16.54 32.62 -30.73
C GLU B 153 17.66 31.71 -30.28
N ASN B 154 18.27 31.02 -31.24
CA ASN B 154 19.40 30.16 -30.96
C ASN B 154 20.68 30.99 -30.86
N GLU B 155 21.82 30.30 -30.79
CA GLU B 155 23.10 30.99 -30.74
C GLU B 155 23.35 31.77 -32.03
N ASP B 156 22.89 31.23 -33.16
CA ASP B 156 23.02 31.91 -34.45
C ASP B 156 22.08 33.11 -34.58
N ASN B 157 21.18 33.31 -33.60
CA ASN B 157 20.26 34.44 -33.57
C ASN B 157 19.29 34.41 -34.75
N ARG B 158 18.62 33.28 -34.91
CA ARG B 158 17.59 33.11 -35.92
C ARG B 158 16.41 32.35 -35.33
N ILE B 159 15.20 32.79 -35.64
CA ILE B 159 13.99 32.12 -35.18
C ILE B 159 13.73 30.93 -36.10
N GLY B 160 13.88 29.72 -35.58
CA GLY B 160 13.70 28.55 -36.41
C GLY B 160 13.80 27.28 -35.59
N LEU B 161 13.73 26.16 -36.29
CA LEU B 161 13.73 24.83 -35.72
C LEU B 161 14.89 24.03 -36.30
N LYS B 162 15.56 23.25 -35.46
CA LYS B 162 16.64 22.38 -35.89
C LYS B 162 16.24 20.93 -35.72
N VAL B 163 16.39 20.14 -36.78
CA VAL B 163 16.16 18.70 -36.75
C VAL B 163 17.46 18.01 -37.10
N CYS B 164 17.92 17.11 -36.24
CA CYS B 164 19.17 16.38 -36.44
C CYS B 164 18.91 14.89 -36.29
N LYS B 165 19.28 14.12 -37.30
CA LYS B 165 19.16 12.66 -37.28
C LYS B 165 20.54 12.02 -37.25
N GLN B 166 20.64 10.87 -36.61
CA GLN B 166 21.88 10.10 -36.55
C GLN B 166 21.61 8.72 -37.13
N HIS B 167 22.43 8.31 -38.09
CA HIS B 167 22.33 7.00 -38.73
C HIS B 167 23.67 6.29 -38.64
N TYR B 168 23.62 4.96 -38.75
CA TYR B 168 24.83 4.19 -38.97
C TYR B 168 25.18 4.25 -40.46
N LYS B 169 26.43 4.58 -40.76
CA LYS B 169 26.84 4.72 -42.15
C LYS B 169 26.77 3.37 -42.86
N LYS B 170 26.36 3.41 -44.12
CA LYS B 170 26.23 2.19 -44.91
C LYS B 170 27.31 2.11 -45.98
N LEU B 180 22.43 -4.60 -42.41
CA LEU B 180 23.11 -5.30 -43.49
C LEU B 180 24.57 -4.86 -43.58
N ASN B 181 24.85 -3.94 -44.52
CA ASN B 181 26.20 -3.42 -44.73
C ASN B 181 26.36 -2.07 -44.03
N ILE B 182 26.29 -2.10 -42.71
CA ILE B 182 26.39 -0.89 -41.90
C ILE B 182 27.75 -0.83 -41.24
N ASP B 183 28.24 0.39 -41.05
CA ASP B 183 29.50 0.65 -40.37
C ASP B 183 29.24 1.13 -38.94
N ASN B 184 30.33 1.25 -38.18
CA ASN B 184 30.24 1.72 -36.80
C ASN B 184 30.30 3.24 -36.68
N ASP B 185 30.56 3.94 -37.78
CA ASP B 185 30.62 5.39 -37.75
C ASP B 185 29.21 5.95 -37.91
N VAL B 186 28.89 6.94 -37.09
CA VAL B 186 27.57 7.54 -37.04
C VAL B 186 27.57 8.80 -37.89
N GLU B 187 26.77 8.81 -38.95
CA GLU B 187 26.59 10.01 -39.74
C GLU B 187 25.57 10.92 -39.07
N LEU B 188 25.87 12.22 -39.04
CA LEU B 188 25.01 13.20 -38.40
C LEU B 188 24.60 14.23 -39.44
N ASP B 189 23.32 14.23 -39.81
CA ASP B 189 22.77 15.19 -40.77
C ASP B 189 21.78 16.08 -40.04
N CYS B 190 21.95 17.40 -40.20
CA CYS B 190 21.10 18.37 -39.55
C CYS B 190 20.50 19.31 -40.58
N VAL B 191 19.30 19.80 -40.27
CA VAL B 191 18.61 20.79 -41.08
C VAL B 191 18.08 21.88 -40.15
N GLN B 192 17.96 23.09 -40.68
CA GLN B 192 17.43 24.22 -39.92
C GLN B 192 16.18 24.73 -40.62
N LEU B 193 15.05 24.49 -39.98
CA LEU B 193 13.75 24.87 -40.57
C LEU B 193 13.33 26.18 -39.92
N ASP B 194 13.36 27.24 -40.68
CA ASP B 194 12.99 28.58 -40.16
C ASP B 194 11.48 28.74 -40.31
N LEU B 195 10.89 29.69 -39.59
CA LEU B 195 9.42 29.88 -39.61
C LEU B 195 8.97 30.27 -41.01
N GLN B 196 9.84 30.87 -41.81
CA GLN B 196 9.38 31.32 -43.14
C GLN B 196 9.26 30.09 -44.03
N ASP B 197 10.14 29.10 -43.87
CA ASP B 197 10.03 27.83 -44.59
C ASP B 197 8.81 27.05 -44.11
N LEU B 198 8.60 27.01 -42.79
CA LEU B 198 7.45 26.29 -42.24
C LEU B 198 6.14 26.94 -42.65
N SER B 199 6.13 28.26 -42.81
CA SER B 199 4.90 29.01 -43.05
C SER B 199 4.39 28.82 -44.47
N LYS B 200 5.28 28.55 -45.42
CA LYS B 200 4.94 28.38 -46.83
C LYS B 200 3.69 27.52 -46.99
N LYS B 201 2.66 28.06 -47.63
CA LYS B 201 1.34 27.42 -47.71
C LYS B 201 1.37 26.04 -48.37
N PRO B 202 2.05 25.83 -49.50
CA PRO B 202 2.35 24.47 -49.94
C PRO B 202 3.68 24.00 -49.40
N PRO B 203 3.74 23.52 -48.15
CA PRO B 203 5.03 23.27 -47.51
C PRO B 203 5.87 22.26 -48.28
N ASP B 204 7.18 22.45 -48.20
CA ASP B 204 8.12 21.60 -48.91
C ASP B 204 8.96 20.72 -48.01
N TRP B 205 9.15 21.10 -46.74
CA TRP B 205 10.01 20.33 -45.84
C TRP B 205 9.49 18.91 -45.64
N LYS B 206 8.17 18.71 -45.72
CA LYS B 206 7.61 17.39 -45.47
C LYS B 206 8.03 16.39 -46.53
N ASN B 207 8.23 16.84 -47.77
CA ASN B 207 8.59 15.95 -48.87
C ASN B 207 10.09 15.97 -49.16
N SER B 208 10.88 16.58 -48.28
CA SER B 208 12.31 16.63 -48.48
C SER B 208 12.93 15.25 -48.19
N SER B 209 14.16 15.08 -48.68
CA SER B 209 14.88 13.83 -48.48
C SER B 209 15.43 13.67 -47.07
N PHE B 210 15.36 14.71 -46.25
CA PHE B 210 15.86 14.61 -44.88
C PHE B 210 14.95 13.73 -44.02
N PHE B 211 13.65 13.73 -44.29
CA PHE B 211 12.68 13.07 -43.43
C PHE B 211 12.32 11.67 -43.91
N ARG B 212 13.16 11.07 -44.76
CA ARG B 212 13.06 9.67 -45.13
C ARG B 212 14.00 8.90 -44.20
N LEU B 213 13.45 8.48 -43.06
CA LEU B 213 14.25 7.99 -41.94
C LEU B 213 14.36 6.46 -41.96
N GLU B 214 15.33 5.94 -42.73
CA GLU B 214 15.64 4.52 -42.66
C GLU B 214 15.79 4.09 -41.20
N PHE B 215 14.93 3.20 -40.72
CA PHE B 215 14.84 2.92 -39.29
C PHE B 215 15.74 1.79 -38.82
N TYR B 216 16.19 0.91 -39.72
CA TYR B 216 17.11 -0.13 -39.33
C TYR B 216 18.52 0.41 -39.09
N ARG B 217 18.80 1.63 -39.55
CA ARG B 217 20.08 2.28 -39.35
C ARG B 217 19.98 3.49 -38.44
N LEU B 218 18.79 3.79 -37.93
CA LEU B 218 18.56 5.04 -37.21
C LEU B 218 18.90 4.86 -35.74
N LEU B 219 19.59 5.85 -35.18
CA LEU B 219 19.90 5.89 -33.76
C LEU B 219 19.00 6.83 -32.97
N GLN B 220 18.79 8.05 -33.47
CA GLN B 220 17.92 9.01 -32.79
C GLN B 220 17.65 10.17 -33.73
N VAL B 221 16.56 10.88 -33.45
CA VAL B 221 16.21 12.13 -34.11
C VAL B 221 15.98 13.18 -33.02
N GLU B 222 16.54 14.37 -33.23
CA GLU B 222 16.45 15.45 -32.26
C GLU B 222 15.77 16.65 -32.88
N ILE B 223 14.80 17.23 -32.17
CA ILE B 223 14.20 18.50 -32.52
C ILE B 223 14.50 19.48 -31.40
N SER B 224 15.14 20.60 -31.73
CA SER B 224 15.54 21.60 -30.75
C SER B 224 14.98 22.95 -31.16
N PHE B 225 14.46 23.69 -30.17
CA PHE B 225 13.95 25.03 -30.42
C PHE B 225 14.00 25.82 -29.12
N HIS B 226 13.85 27.13 -29.24
CA HIS B 226 13.92 28.05 -28.12
C HIS B 226 12.62 28.82 -27.98
N LEU B 227 12.12 28.93 -26.76
CA LEU B 227 10.92 29.69 -26.47
C LEU B 227 11.20 30.67 -25.33
N LYS B 228 10.50 31.81 -25.37
CA LYS B 228 10.62 32.85 -24.35
C LYS B 228 9.29 32.96 -23.61
N GLY B 229 9.36 32.95 -22.28
CA GLY B 229 8.19 33.09 -21.45
C GLY B 229 8.33 34.26 -20.47
N ILE B 230 7.19 34.62 -19.88
CA ILE B 230 7.11 35.68 -18.89
C ILE B 230 6.29 35.16 -17.71
N ASP B 231 6.84 35.29 -16.51
CA ASP B 231 6.11 34.93 -15.30
C ASP B 231 5.22 36.11 -14.90
N LEU B 232 3.95 36.06 -15.28
CA LEU B 232 3.01 37.12 -14.95
C LEU B 232 2.39 36.97 -13.57
N GLN B 233 2.57 35.83 -12.92
CA GLN B 233 2.05 35.63 -11.57
C GLN B 233 2.84 36.40 -10.52
N THR B 234 3.87 37.15 -10.93
CA THR B 234 4.64 37.99 -10.03
C THR B 234 4.26 39.46 -10.11
N ILE B 235 3.66 39.89 -11.23
CA ILE B 235 3.38 41.30 -11.47
C ILE B 235 2.37 41.85 -10.47
N HIS B 236 1.60 40.98 -9.82
CA HIS B 236 0.64 41.47 -8.83
C HIS B 236 1.33 42.15 -7.66
N SER B 237 2.63 41.90 -7.48
CA SER B 237 3.49 42.68 -6.59
C SER B 237 4.31 43.59 -7.51
N ARG B 238 4.11 44.90 -7.39
CA ARG B 238 4.67 45.88 -8.32
C ARG B 238 6.16 45.64 -8.51
N GLU B 239 6.54 45.17 -9.70
CA GLU B 239 7.90 44.80 -10.07
C GLU B 239 7.95 44.58 -11.57
N LEU B 240 9.16 44.47 -12.09
CA LEU B 240 9.33 43.92 -13.42
C LEU B 240 9.37 42.40 -13.32
N PRO B 241 8.48 41.68 -13.99
CA PRO B 241 8.40 40.23 -13.80
C PRO B 241 9.61 39.51 -14.36
N ASP B 242 9.67 38.21 -14.08
CA ASP B 242 10.79 37.37 -14.48
C ASP B 242 10.57 36.85 -15.89
N CYS B 243 11.61 36.96 -16.71
CA CYS B 243 11.58 36.49 -18.10
C CYS B 243 12.43 35.23 -18.20
N TYR B 244 11.88 34.19 -18.80
CA TYR B 244 12.54 32.90 -18.91
C TYR B 244 12.83 32.58 -20.37
N VAL B 245 13.82 31.73 -20.58
CA VAL B 245 14.14 31.17 -21.89
C VAL B 245 14.19 29.66 -21.74
N PHE B 246 13.48 28.95 -22.62
CA PHE B 246 13.37 27.50 -22.55
C PHE B 246 14.14 26.89 -23.71
N GLN B 247 15.10 26.02 -23.38
CA GLN B 247 15.82 25.24 -24.38
C GLN B 247 15.16 23.86 -24.43
N ASN B 248 14.25 23.69 -25.38
CA ASN B 248 13.45 22.47 -25.47
C ASN B 248 14.07 21.52 -26.50
N THR B 249 14.18 20.25 -26.12
CA THR B 249 14.74 19.23 -26.98
C THR B 249 13.84 18.01 -26.94
N ILE B 250 13.48 17.48 -28.11
CA ILE B 250 12.69 16.26 -28.23
C ILE B 250 13.56 15.24 -28.94
N ILE B 251 13.79 14.11 -28.27
CA ILE B 251 14.63 13.03 -28.80
C ILE B 251 13.74 11.82 -29.07
N PHE B 252 13.74 11.34 -30.31
CA PHE B 252 13.11 10.09 -30.68
C PHE B 252 14.21 9.04 -30.74
N ASP B 253 14.34 8.27 -29.66
CA ASP B 253 15.54 7.48 -29.39
C ASP B 253 15.26 6.00 -29.59
N ASN B 254 16.00 5.38 -30.51
CA ASN B 254 16.00 3.94 -30.64
C ASN B 254 17.41 3.37 -30.60
N LYS B 255 18.20 3.77 -29.59
CA LYS B 255 19.53 3.19 -29.43
C LYS B 255 19.49 1.70 -29.17
N ALA B 256 18.39 1.19 -28.64
CA ALA B 256 18.27 -0.24 -28.35
C ALA B 256 17.97 -1.06 -29.60
N HIS B 257 17.34 -0.46 -30.61
CA HIS B 257 16.95 -1.15 -31.83
C HIS B 257 16.10 -2.39 -31.53
N SER B 258 15.14 -2.23 -30.63
CA SER B 258 14.29 -3.33 -30.18
C SER B 258 12.83 -3.12 -30.53
N GLY B 259 12.53 -2.23 -31.49
CA GLY B 259 11.20 -2.03 -31.98
C GLY B 259 10.48 -0.82 -31.39
N LYS B 260 10.93 -0.34 -30.24
CA LYS B 260 10.33 0.82 -29.59
C LYS B 260 11.24 2.03 -29.72
N ILE B 261 10.68 3.15 -30.14
CA ILE B 261 11.37 4.44 -30.14
C ILE B 261 10.87 5.20 -28.91
N LYS B 262 11.79 5.46 -27.98
CA LYS B 262 11.47 6.22 -26.78
C LYS B 262 11.58 7.71 -27.08
N ILE B 263 10.56 8.47 -26.64
CA ILE B 263 10.49 9.90 -26.91
C ILE B 263 10.76 10.64 -25.61
N TYR B 264 11.84 11.41 -25.60
CA TYR B 264 12.26 12.18 -24.43
C TYR B 264 12.02 13.66 -24.69
N PHE B 265 11.37 14.33 -23.74
CA PHE B 265 11.24 15.77 -23.78
C PHE B 265 11.98 16.37 -22.59
N ASP B 266 12.92 17.26 -22.87
CA ASP B 266 13.68 17.96 -21.84
C ASP B 266 13.60 19.45 -22.10
N SER B 267 13.24 20.20 -21.06
CA SER B 267 13.16 21.66 -21.13
C SER B 267 14.13 22.25 -20.11
N ASP B 268 15.08 23.03 -20.60
CA ASP B 268 16.05 23.71 -19.75
C ASP B 268 15.70 25.20 -19.70
N ALA B 269 15.26 25.66 -18.54
CA ALA B 269 14.78 27.02 -18.38
C ALA B 269 15.81 27.85 -17.62
N LYS B 270 16.14 29.02 -18.16
CA LYS B 270 17.03 29.97 -17.51
C LYS B 270 16.36 31.34 -17.50
N ILE B 271 16.69 32.13 -16.48
CA ILE B 271 16.12 33.46 -16.33
C ILE B 271 16.98 34.45 -17.09
N GLU B 272 16.40 35.09 -18.09
CA GLU B 272 17.05 36.12 -18.86
C GLU B 272 16.53 37.49 -18.41
N GLU B 273 16.93 38.55 -19.12
CA GLU B 273 16.50 39.90 -18.82
C GLU B 273 15.31 40.25 -19.70
N CYS B 274 14.34 40.96 -19.14
CA CYS B 274 13.15 41.34 -19.89
C CYS B 274 13.47 42.51 -20.82
N LYS B 275 13.82 42.20 -22.07
CA LYS B 275 14.20 43.22 -23.04
C LYS B 275 13.00 43.90 -23.69
N ASP B 276 11.85 43.24 -23.75
CA ASP B 276 10.63 43.81 -24.35
C ASP B 276 9.49 43.64 -23.36
N LEU B 277 9.33 44.62 -22.46
CA LEU B 277 8.28 44.59 -21.47
C LEU B 277 8.07 45.99 -20.91
N ASN B 278 6.80 46.38 -20.78
CA ASN B 278 6.43 47.68 -20.21
C ASN B 278 5.23 47.46 -19.30
N ILE B 279 5.52 47.23 -18.02
CA ILE B 279 4.46 47.06 -17.01
C ILE B 279 4.19 48.44 -16.44
N PHE B 280 3.38 49.21 -17.17
CA PHE B 280 3.03 50.61 -16.86
C PHE B 280 4.16 51.40 -16.17
N ASN B 286 13.02 42.36 -1.80
CA ASN B 286 14.20 43.13 -2.28
C ASN B 286 15.45 42.23 -2.25
N ALA B 287 16.18 42.15 -3.36
CA ALA B 287 17.43 41.36 -3.39
C ALA B 287 18.35 41.90 -2.30
N GLN B 288 18.37 43.23 -2.13
CA GLN B 288 19.19 43.84 -1.06
C GLN B 288 18.77 43.25 0.29
N TYR B 289 17.46 43.12 0.53
CA TYR B 289 17.04 42.67 1.89
C TYR B 289 16.98 41.15 2.03
N VAL B 290 17.58 40.43 1.08
CA VAL B 290 17.68 38.95 1.22
C VAL B 290 19.18 38.70 1.21
N LEU B 291 19.96 39.73 0.91
CA LEU B 291 21.41 39.61 0.99
C LEU B 291 21.97 40.16 2.30
N VAL B 292 21.19 40.96 3.02
CA VAL B 292 21.61 41.42 4.34
C VAL B 292 21.14 40.46 5.43
N PHE B 293 20.01 39.79 5.22
CA PHE B 293 19.60 38.74 6.15
C PHE B 293 20.55 37.55 6.08
N ASP B 294 21.01 37.19 4.88
CA ASP B 294 22.02 36.15 4.75
C ASP B 294 23.33 36.56 5.40
N ALA B 295 23.72 37.83 5.24
CA ALA B 295 24.94 38.31 5.87
C ALA B 295 24.83 38.26 7.39
N PHE B 296 23.66 38.57 7.94
CA PHE B 296 23.46 38.44 9.37
C PHE B 296 23.62 36.99 9.83
N VAL B 297 23.06 36.05 9.08
CA VAL B 297 23.19 34.63 9.43
C VAL B 297 24.66 34.22 9.40
N ILE B 298 25.41 34.70 8.41
CA ILE B 298 26.84 34.42 8.36
C ILE B 298 27.55 34.99 9.58
N VAL B 299 27.18 36.21 9.98
CA VAL B 299 27.83 36.85 11.13
C VAL B 299 27.58 36.06 12.40
N ILE B 300 26.33 35.65 12.63
CA ILE B 300 26.00 34.88 13.83
C ILE B 300 26.73 33.55 13.83
N CYS B 301 26.79 32.89 12.67
CA CYS B 301 27.46 31.59 12.60
C CYS B 301 28.97 31.74 12.71
N LEU B 302 29.53 32.82 12.17
CA LEU B 302 30.97 33.05 12.29
C LEU B 302 31.35 33.31 13.75
N ALA B 303 30.52 34.05 14.49
CA ALA B 303 30.78 34.27 15.90
C ALA B 303 30.71 32.96 16.68
N SER B 304 29.74 32.11 16.34
CA SER B 304 29.59 30.83 17.04
C SER B 304 30.79 29.93 16.78
N LEU B 305 31.36 29.99 15.58
CA LEU B 305 32.58 29.24 15.31
C LEU B 305 33.74 29.70 16.18
N ILE B 306 33.85 31.01 16.40
CA ILE B 306 34.97 31.54 17.18
C ILE B 306 34.81 31.17 18.65
N LEU B 307 33.60 31.29 19.18
CA LEU B 307 33.35 30.95 20.58
C LEU B 307 33.57 29.45 20.83
N CYS B 308 33.03 28.60 19.94
CA CYS B 308 33.15 27.17 20.14
C CYS B 308 34.57 26.67 19.94
N THR B 309 35.30 27.25 18.99
CA THR B 309 36.70 26.88 18.82
C THR B 309 37.53 27.28 20.02
N ARG B 310 37.19 28.42 20.64
CA ARG B 310 37.86 28.82 21.88
C ARG B 310 37.68 27.77 22.96
N SER B 311 36.45 27.31 23.17
CA SER B 311 36.17 26.31 24.21
C SER B 311 36.95 25.03 23.97
N ILE B 312 36.92 24.52 22.74
CA ILE B 312 37.61 23.27 22.43
C ILE B 312 39.09 23.39 22.72
N VAL B 313 39.69 24.52 22.36
CA VAL B 313 41.11 24.74 22.63
C VAL B 313 41.34 24.88 24.14
N LEU B 314 40.50 25.69 24.81
CA LEU B 314 40.68 25.90 26.24
C LEU B 314 40.38 24.63 27.04
N ALA B 315 39.45 23.79 26.56
CA ALA B 315 39.18 22.53 27.24
C ALA B 315 40.39 21.62 27.21
N LEU B 316 41.10 21.59 26.08
CA LEU B 316 42.30 20.75 25.99
C LEU B 316 43.36 21.21 26.98
N ARG B 317 43.51 22.53 27.15
CA ARG B 317 44.47 23.04 28.12
C ARG B 317 44.10 22.62 29.53
N LEU B 318 42.80 22.61 29.85
CA LEU B 318 42.36 22.16 31.17
C LEU B 318 42.70 20.69 31.39
N ARG B 319 42.55 19.86 30.36
CA ARG B 319 42.91 18.46 30.47
C ARG B 319 44.40 18.29 30.76
N LYS B 320 45.23 19.10 30.09
CA LYS B 320 46.67 19.04 30.33
C LYS B 320 47.00 19.40 31.77
N ARG B 321 46.36 20.44 32.30
CA ARG B 321 46.64 20.87 33.67
C ARG B 321 46.22 19.82 34.70
N PHE B 322 45.21 19.01 34.40
CA PHE B 322 44.74 17.99 35.32
C PHE B 322 45.47 16.66 35.14
N LEU B 323 45.85 16.32 33.91
CA LEU B 323 46.65 15.12 33.69
C LEU B 323 48.01 15.23 34.34
N ASN B 324 48.65 16.41 34.25
CA ASN B 324 49.96 16.61 34.85
C ASN B 324 49.89 16.44 36.36
N PHE B 325 48.86 16.98 37.01
CA PHE B 325 48.70 16.82 38.45
C PHE B 325 48.46 15.37 38.82
N PHE B 326 47.65 14.65 38.04
CA PHE B 326 47.30 13.27 38.40
C PHE B 326 48.54 12.38 38.42
N LEU B 327 49.44 12.55 37.44
CA LEU B 327 50.71 11.86 37.47
C LEU B 327 51.58 12.30 38.63
N GLU B 328 51.38 13.52 39.13
CA GLU B 328 52.19 14.03 40.23
C GLU B 328 51.77 13.42 41.57
N LYS B 329 50.51 13.65 41.96
CA LYS B 329 50.01 13.13 43.23
C LYS B 329 49.88 11.62 43.20
N TYR B 330 49.06 11.10 42.28
CA TYR B 330 48.87 9.65 42.17
C TYR B 330 49.85 9.08 41.16
N TRP B 340 38.39 12.52 27.56
CA TRP B 340 37.12 12.44 26.79
C TRP B 340 36.05 13.28 27.49
N GLU B 341 36.05 13.25 28.82
CA GLU B 341 35.13 14.13 29.57
C GLU B 341 35.66 15.54 29.39
N PHE B 342 36.68 15.68 28.56
CA PHE B 342 37.23 17.02 28.26
C PHE B 342 36.86 17.39 26.82
N ILE B 343 36.80 16.41 25.92
CA ILE B 343 36.40 16.68 24.53
C ILE B 343 34.88 16.66 24.45
N ASN B 344 34.31 17.73 23.91
CA ASN B 344 32.87 17.85 23.74
C ASN B 344 32.55 17.65 22.26
N GLY B 345 31.89 16.53 21.94
CA GLY B 345 31.48 16.28 20.57
C GLY B 345 30.30 17.10 20.13
N TRP B 346 29.58 17.71 21.06
CA TRP B 346 28.49 18.62 20.69
C TRP B 346 29.04 19.88 20.05
N TYR B 347 30.17 20.38 20.53
CA TYR B 347 30.81 21.53 19.90
C TYR B 347 31.43 21.17 18.56
N VAL B 348 31.88 19.93 18.39
CA VAL B 348 32.32 19.49 17.07
C VAL B 348 31.15 19.50 16.10
N LEU B 349 29.95 19.17 16.57
CA LEU B 349 28.74 19.27 15.76
C LEU B 349 28.36 20.71 15.47
N VAL B 350 28.51 21.61 16.46
CA VAL B 350 28.19 23.01 16.24
C VAL B 350 29.13 23.63 15.21
N ILE B 351 30.41 23.25 15.24
CA ILE B 351 31.35 23.79 14.27
C ILE B 351 30.98 23.37 12.85
N ILE B 352 30.61 22.10 12.67
CA ILE B 352 30.20 21.62 11.35
C ILE B 352 28.90 22.31 10.92
N SER B 353 27.98 22.52 11.86
CA SER B 353 26.75 23.24 11.56
C SER B 353 27.05 24.63 11.05
N ASP B 354 27.95 25.34 11.74
CA ASP B 354 28.30 26.70 11.36
C ASP B 354 28.97 26.74 9.99
N LEU B 355 29.89 25.80 9.74
CA LEU B 355 30.54 25.77 8.44
C LEU B 355 29.54 25.51 7.32
N MET B 356 28.64 24.55 7.52
CA MET B 356 27.65 24.25 6.49
C MET B 356 26.70 25.43 6.29
N THR B 357 26.33 26.12 7.36
CA THR B 357 25.45 27.28 7.23
C THR B 357 26.15 28.39 6.45
N ILE B 358 27.42 28.65 6.74
CA ILE B 358 28.14 29.69 6.01
C ILE B 358 28.26 29.33 4.54
N ILE B 359 28.60 28.08 4.24
CA ILE B 359 28.71 27.65 2.85
C ILE B 359 27.36 27.77 2.14
N GLY B 360 26.29 27.34 2.81
CA GLY B 360 24.97 27.44 2.21
C GLY B 360 24.54 28.87 1.95
N SER B 361 24.80 29.76 2.91
CA SER B 361 24.45 31.17 2.73
C SER B 361 25.25 31.79 1.60
N ILE B 362 26.55 31.47 1.51
CA ILE B 362 27.36 31.98 0.41
C ILE B 362 26.89 31.43 -0.94
N LEU B 363 26.55 30.14 -1.01
CA LEU B 363 26.03 29.58 -2.25
C LEU B 363 24.69 30.19 -2.63
N LYS B 364 23.83 30.46 -1.67
CA LYS B 364 22.54 31.09 -1.93
C LYS B 364 22.67 32.55 -2.39
N MET B 365 23.59 33.30 -1.79
CA MET B 365 23.87 34.66 -2.25
C MET B 365 24.45 34.64 -3.66
N GLU B 366 25.33 33.68 -3.95
CA GLU B 366 25.85 33.53 -5.31
C GLU B 366 24.74 33.17 -6.28
N ILE B 367 23.81 32.30 -5.86
CA ILE B 367 22.71 31.88 -6.72
C ILE B 367 21.83 33.08 -7.08
N LYS B 368 21.48 33.89 -6.08
CA LYS B 368 20.63 35.04 -6.35
C LYS B 368 21.38 36.10 -7.14
N ALA B 369 22.68 36.27 -6.89
CA ALA B 369 23.43 37.34 -7.51
C ALA B 369 23.58 37.17 -9.01
N LYS B 370 23.72 35.93 -9.51
CA LYS B 370 23.84 35.68 -10.94
C LYS B 370 22.61 34.96 -11.49
N ASN B 371 21.50 34.97 -10.76
CA ASN B 371 20.21 34.48 -11.23
C ASN B 371 20.30 33.03 -11.71
N LEU B 372 20.63 32.14 -10.79
CA LEU B 372 20.65 30.71 -11.05
C LEU B 372 19.35 30.07 -10.61
N THR B 373 19.10 28.87 -11.13
CA THR B 373 17.86 28.15 -10.84
C THR B 373 18.10 26.71 -10.40
N ASN B 374 19.31 26.40 -9.95
CA ASN B 374 19.63 25.09 -9.39
C ASN B 374 20.07 25.28 -7.95
N TYR B 375 19.32 24.70 -7.01
CA TYR B 375 19.56 24.90 -5.59
C TYR B 375 19.84 23.60 -4.85
N ASP B 376 20.14 22.51 -5.56
CA ASP B 376 20.29 21.23 -4.91
C ASP B 376 21.40 21.25 -3.86
N LEU B 377 22.57 21.79 -4.22
CA LEU B 377 23.67 21.84 -3.27
C LEU B 377 23.39 22.80 -2.13
N CYS B 378 22.88 24.00 -2.45
CA CYS B 378 22.58 24.99 -1.43
C CYS B 378 21.48 24.50 -0.49
N SER B 379 20.45 23.87 -1.05
CA SER B 379 19.37 23.32 -0.22
C SER B 379 19.90 22.22 0.69
N ILE B 380 20.80 21.37 0.18
CA ILE B 380 21.38 20.31 1.01
C ILE B 380 22.15 20.92 2.18
N PHE B 381 22.99 21.91 1.90
CA PHE B 381 23.77 22.55 2.97
C PHE B 381 22.86 23.19 4.01
N LEU B 382 21.87 23.97 3.54
CA LEU B 382 20.98 24.66 4.47
C LEU B 382 20.16 23.69 5.29
N GLY B 383 19.61 22.66 4.66
CA GLY B 383 18.80 21.70 5.38
C GLY B 383 19.59 20.89 6.38
N THR B 384 20.79 20.45 6.01
CA THR B 384 21.62 19.71 6.97
C THR B 384 22.05 20.60 8.12
N SER B 385 22.35 21.87 7.84
CA SER B 385 22.69 22.80 8.91
C SER B 385 21.52 23.01 9.86
N THR B 386 20.30 23.14 9.33
CA THR B 386 19.13 23.30 10.19
C THR B 386 18.87 22.05 11.02
N LEU B 387 19.00 20.87 10.40
CA LEU B 387 18.88 19.62 11.13
C LEU B 387 19.87 19.57 12.28
N LEU B 388 21.12 19.93 12.00
CA LEU B 388 22.15 19.84 13.04
C LEU B 388 21.94 20.89 14.12
N VAL B 389 21.39 22.05 13.76
CA VAL B 389 21.07 23.06 14.77
C VAL B 389 19.99 22.55 15.72
N TRP B 390 18.91 22.00 15.17
CA TRP B 390 17.85 21.48 16.03
C TRP B 390 18.33 20.30 16.86
N VAL B 391 19.23 19.50 16.31
CA VAL B 391 19.80 18.38 17.09
C VAL B 391 20.70 18.90 18.21
N GLY B 392 21.49 19.94 17.94
CA GLY B 392 22.36 20.51 18.96
C GLY B 392 21.62 21.30 20.02
N VAL B 393 20.34 21.59 19.79
CA VAL B 393 19.52 22.10 20.88
C VAL B 393 19.48 21.14 22.06
N ILE B 394 19.69 19.84 21.83
CA ILE B 394 19.56 18.84 22.89
C ILE B 394 20.67 18.98 23.92
N ARG B 395 21.82 19.52 23.52
CA ARG B 395 22.90 19.77 24.48
C ARG B 395 22.42 20.64 25.63
N TYR B 396 21.53 21.58 25.36
CA TYR B 396 21.04 22.51 26.39
C TYR B 396 19.82 21.95 27.09
N LEU B 397 19.63 20.63 26.96
CA LEU B 397 18.72 19.90 27.83
C LEU B 397 19.39 18.65 28.39
N GLY B 398 20.65 18.41 28.04
CA GLY B 398 21.36 17.22 28.49
C GLY B 398 21.88 17.24 29.90
N TYR B 399 22.28 18.41 30.42
CA TYR B 399 22.64 18.48 31.85
C TYR B 399 21.46 18.16 32.74
N PHE B 400 20.24 18.42 32.29
CA PHE B 400 19.07 18.16 33.10
C PHE B 400 19.03 16.69 33.52
N GLN B 401 18.64 16.46 34.77
CA GLN B 401 18.83 15.16 35.40
C GLN B 401 17.98 14.06 34.79
N ALA B 402 16.91 14.40 34.07
CA ALA B 402 16.00 13.40 33.53
C ALA B 402 15.70 13.63 32.06
N TYR B 403 16.54 14.38 31.35
CA TYR B 403 16.36 14.62 29.92
C TYR B 403 17.45 13.97 29.08
N ASN B 404 18.34 13.20 29.69
CA ASN B 404 19.53 12.68 29.01
C ASN B 404 19.51 11.17 28.80
N VAL B 405 18.37 10.51 29.00
CA VAL B 405 18.34 9.05 28.88
C VAL B 405 18.66 8.62 27.45
N LEU B 406 18.23 9.43 26.47
CA LEU B 406 18.41 9.05 25.06
C LEU B 406 19.88 9.05 24.68
N ILE B 407 20.59 10.13 24.99
CA ILE B 407 21.98 10.24 24.60
C ILE B 407 22.84 9.24 25.37
N LEU B 408 22.56 9.08 26.67
CA LEU B 408 23.29 8.09 27.45
C LEU B 408 23.08 6.69 26.91
N THR B 409 21.83 6.36 26.55
CA THR B 409 21.56 5.05 25.97
C THR B 409 22.26 4.89 24.63
N MET B 410 22.31 5.94 23.82
CA MET B 410 23.02 5.86 22.55
C MET B 410 24.50 5.58 22.77
N GLN B 411 25.13 6.27 23.72
CA GLN B 411 26.54 6.05 24.02
C GLN B 411 26.79 4.63 24.53
N ALA B 412 25.91 4.14 25.42
CA ALA B 412 26.03 2.79 25.92
C ALA B 412 25.91 1.76 24.79
N SER B 413 24.86 1.88 23.99
CA SER B 413 24.54 0.92 22.94
C SER B 413 25.61 0.86 21.85
N LEU B 414 26.07 2.02 21.37
CA LEU B 414 26.83 2.16 20.14
C LEU B 414 27.87 1.06 19.91
N PRO B 415 28.74 0.72 20.89
CA PRO B 415 29.68 -0.40 20.66
C PRO B 415 28.99 -1.71 20.32
N LYS B 416 28.05 -2.12 21.17
CA LYS B 416 27.34 -3.38 20.97
C LYS B 416 26.52 -3.34 19.69
N VAL B 417 25.85 -2.22 19.42
CA VAL B 417 25.04 -2.10 18.21
C VAL B 417 25.90 -2.24 16.97
N LEU B 418 27.05 -1.57 16.95
CA LEU B 418 27.95 -1.66 15.81
C LEU B 418 28.47 -3.09 15.63
N ARG B 419 28.84 -3.74 16.74
CA ARG B 419 29.32 -5.12 16.63
C ARG B 419 28.23 -6.05 16.10
N PHE B 420 27.00 -5.84 16.54
CA PHE B 420 25.89 -6.67 16.06
C PHE B 420 25.65 -6.47 14.58
N CYS B 421 25.70 -5.22 14.12
CA CYS B 421 25.41 -4.92 12.72
C CYS B 421 26.44 -5.49 11.77
N ALA B 422 27.60 -5.90 12.27
CA ALA B 422 28.62 -6.51 11.41
C ALA B 422 28.15 -7.88 10.92
N CYS B 423 27.69 -8.73 11.84
CA CYS B 423 27.24 -10.07 11.45
C CYS B 423 25.96 -10.01 10.64
N ALA B 424 25.02 -9.16 11.04
CA ALA B 424 23.79 -9.02 10.28
C ALA B 424 24.05 -8.42 8.91
N GLY B 425 25.07 -7.56 8.81
CA GLY B 425 25.39 -6.95 7.52
C GLY B 425 25.84 -7.95 6.49
N MET B 426 26.62 -8.96 6.91
CA MET B 426 27.08 -9.98 5.97
C MET B 426 25.91 -10.79 5.41
N ILE B 427 24.98 -11.19 6.28
CA ILE B 427 23.79 -11.91 5.81
C ILE B 427 22.96 -11.02 4.90
N TYR B 428 22.82 -9.75 5.25
CA TYR B 428 22.06 -8.82 4.42
C TYR B 428 22.69 -8.68 3.04
N LEU B 429 24.01 -8.57 2.97
CA LEU B 429 24.70 -8.45 1.68
C LEU B 429 24.56 -9.73 0.86
N GLY B 430 24.69 -10.89 1.50
CA GLY B 430 24.50 -12.14 0.77
C GLY B 430 23.10 -12.26 0.21
N TYR B 431 22.09 -11.92 1.01
CA TYR B 431 20.72 -11.95 0.54
C TYR B 431 20.48 -10.95 -0.59
N THR B 432 21.12 -9.78 -0.50
CA THR B 432 20.99 -8.78 -1.55
C THR B 432 21.52 -9.31 -2.87
N PHE B 433 22.73 -9.88 -2.85
CA PHE B 433 23.31 -10.42 -4.07
C PHE B 433 22.47 -11.57 -4.63
N CYS B 434 22.04 -12.48 -3.75
CA CYS B 434 21.24 -13.62 -4.21
C CYS B 434 19.93 -13.17 -4.83
N GLY B 435 19.22 -12.25 -4.17
CA GLY B 435 17.97 -11.76 -4.70
C GLY B 435 18.11 -10.99 -5.98
N TRP B 436 19.15 -10.19 -6.12
CA TRP B 436 19.37 -9.48 -7.38
C TRP B 436 19.67 -10.46 -8.51
N ILE B 437 20.50 -11.49 -8.25
CA ILE B 437 20.88 -12.38 -9.34
C ILE B 437 19.73 -13.31 -9.73
N VAL B 438 18.90 -13.74 -8.79
CA VAL B 438 17.85 -14.72 -9.09
C VAL B 438 16.52 -14.05 -9.43
N LEU B 439 16.04 -13.17 -8.55
CA LEU B 439 14.72 -12.56 -8.72
C LEU B 439 14.77 -11.27 -9.53
N GLY B 440 15.95 -10.84 -9.97
CA GLY B 440 16.09 -9.62 -10.71
C GLY B 440 15.39 -9.62 -12.05
N PRO B 441 15.57 -10.67 -12.85
CA PRO B 441 14.83 -10.75 -14.13
C PRO B 441 13.32 -10.83 -13.98
N TYR B 442 12.80 -11.24 -12.82
CA TYR B 442 11.39 -11.57 -12.68
C TYR B 442 10.69 -10.71 -11.62
N HIS B 443 11.32 -9.69 -11.09
CA HIS B 443 10.68 -8.89 -10.03
C HIS B 443 11.25 -7.50 -10.18
N ASP B 444 10.41 -6.49 -10.01
CA ASP B 444 10.82 -5.10 -10.24
C ASP B 444 11.29 -4.47 -8.95
N LYS B 445 11.18 -5.20 -7.86
CA LYS B 445 11.70 -4.71 -6.56
C LYS B 445 13.07 -5.35 -6.39
N PHE B 446 13.54 -6.11 -7.36
CA PHE B 446 14.83 -6.76 -7.28
C PHE B 446 15.66 -6.49 -8.53
N GLU B 447 15.31 -5.45 -9.28
CA GLU B 447 15.93 -5.21 -10.58
C GLU B 447 17.36 -4.72 -10.46
N ASN B 448 17.61 -3.76 -9.56
CA ASN B 448 18.94 -3.23 -9.31
C ASN B 448 19.36 -3.53 -7.88
N LEU B 449 20.67 -3.54 -7.64
CA LEU B 449 21.18 -3.92 -6.34
C LEU B 449 20.73 -2.97 -5.23
N ASN B 450 20.70 -1.67 -5.50
CA ASN B 450 20.15 -0.72 -4.53
C ASN B 450 18.66 -0.90 -4.32
N THR B 451 17.92 -1.25 -5.38
CA THR B 451 16.51 -1.57 -5.22
C THR B 451 16.33 -2.81 -4.36
N VAL B 452 17.19 -3.81 -4.54
CA VAL B 452 17.14 -5.01 -3.69
C VAL B 452 17.40 -4.63 -2.24
N ALA B 453 18.39 -3.76 -2.00
CA ALA B 453 18.69 -3.33 -0.64
C ALA B 453 17.51 -2.60 -0.01
N GLU B 454 16.88 -1.70 -0.77
CA GLU B 454 15.72 -0.97 -0.26
C GLU B 454 14.56 -1.91 0.03
N CYS B 455 14.30 -2.86 -0.87
CA CYS B 455 13.22 -3.83 -0.67
C CYS B 455 13.48 -4.67 0.57
N LEU B 456 14.73 -5.12 0.76
CA LEU B 456 15.04 -5.94 1.92
C LEU B 456 14.91 -5.14 3.22
N PHE B 457 15.34 -3.88 3.20
CA PHE B 457 15.19 -3.04 4.38
C PHE B 457 13.72 -2.83 4.74
N SER B 458 12.89 -2.56 3.73
CA SER B 458 11.46 -2.41 3.97
C SER B 458 10.83 -3.71 4.45
N LEU B 459 11.28 -4.85 3.93
CA LEU B 459 10.77 -6.14 4.39
C LEU B 459 11.14 -6.39 5.85
N VAL B 460 12.36 -6.00 6.24
CA VAL B 460 12.73 -6.06 7.64
C VAL B 460 11.80 -5.19 8.47
N ASN B 461 11.39 -4.05 7.93
CA ASN B 461 10.40 -3.22 8.60
C ASN B 461 8.96 -3.62 8.26
N GLY B 462 8.76 -4.78 7.64
CA GLY B 462 7.43 -5.32 7.41
C GLY B 462 6.57 -4.54 6.44
N ASP B 463 7.13 -4.10 5.31
CA ASP B 463 6.40 -3.24 4.36
C ASP B 463 6.24 -3.93 3.01
N ASP B 464 5.03 -3.92 2.44
CA ASP B 464 4.74 -4.49 1.10
C ASP B 464 5.15 -5.96 1.04
N MET B 465 4.80 -6.74 2.04
CA MET B 465 5.22 -8.15 2.11
C MET B 465 4.35 -8.99 1.18
N PHE B 466 3.07 -8.70 1.06
CA PHE B 466 2.22 -9.47 0.18
C PHE B 466 2.43 -9.13 -1.28
N ALA B 467 2.64 -7.86 -1.61
CA ALA B 467 2.96 -7.49 -2.98
C ALA B 467 4.30 -8.08 -3.43
N THR B 468 5.28 -8.13 -2.53
CA THR B 468 6.56 -8.75 -2.84
C THR B 468 6.40 -10.24 -3.08
N PHE B 469 5.57 -10.91 -2.26
CA PHE B 469 5.32 -12.33 -2.48
C PHE B 469 4.56 -12.59 -3.76
N ALA B 470 3.58 -11.76 -4.09
CA ALA B 470 2.64 -12.05 -5.15
C ALA B 470 3.04 -11.47 -6.50
N GLN B 471 4.10 -10.65 -6.56
CA GLN B 471 4.48 -10.01 -7.81
C GLN B 471 5.42 -10.90 -8.64
N ILE B 472 5.69 -12.11 -8.19
CA ILE B 472 6.49 -13.08 -8.93
C ILE B 472 5.53 -14.04 -9.64
N GLN B 473 5.71 -14.19 -10.96
CA GLN B 473 4.86 -15.02 -11.79
C GLN B 473 5.29 -16.48 -11.71
N GLN B 474 4.31 -17.38 -11.69
CA GLN B 474 4.56 -18.81 -11.57
C GLN B 474 4.81 -19.48 -12.92
N LYS B 475 5.14 -18.71 -13.96
CA LYS B 475 5.48 -19.31 -15.24
C LYS B 475 6.72 -20.18 -15.12
N SER B 476 7.74 -19.70 -14.41
CA SER B 476 8.89 -20.52 -14.05
C SER B 476 8.68 -21.05 -12.65
N ILE B 477 8.59 -22.37 -12.51
CA ILE B 477 8.29 -22.95 -11.20
C ILE B 477 9.54 -23.00 -10.33
N LEU B 478 10.72 -23.18 -10.92
CA LEU B 478 11.95 -23.21 -10.15
C LEU B 478 12.22 -21.84 -9.50
N VAL B 479 12.10 -20.78 -10.30
CA VAL B 479 12.31 -19.43 -9.77
C VAL B 479 11.23 -19.08 -8.75
N TRP B 480 9.99 -19.52 -8.99
CA TRP B 480 8.92 -19.24 -8.04
C TRP B 480 9.16 -19.93 -6.69
N LEU B 481 9.57 -21.20 -6.73
CA LEU B 481 9.87 -21.92 -5.49
C LEU B 481 11.05 -21.30 -4.76
N PHE B 482 12.10 -20.93 -5.52
CA PHE B 482 13.24 -20.27 -4.90
C PHE B 482 12.85 -18.94 -4.30
N SER B 483 11.97 -18.19 -4.96
CA SER B 483 11.53 -16.90 -4.43
C SER B 483 10.78 -17.09 -3.12
N ARG B 484 9.92 -18.09 -3.05
CA ARG B 484 9.20 -18.37 -1.80
C ARG B 484 10.18 -18.73 -0.68
N LEU B 485 11.11 -19.64 -0.97
CA LEU B 485 12.09 -20.03 0.06
C LEU B 485 12.92 -18.83 0.51
N TYR B 486 13.42 -18.05 -0.45
CA TYR B 486 14.22 -16.85 -0.19
C TYR B 486 13.48 -15.86 0.70
N LEU B 487 12.26 -15.52 0.31
CA LEU B 487 11.49 -14.52 1.05
C LEU B 487 11.15 -14.99 2.45
N TYR B 488 10.72 -16.21 2.64
CA TYR B 488 10.33 -16.71 3.99
C TYR B 488 11.53 -16.86 4.89
N SER B 489 12.71 -17.19 4.38
CA SER B 489 13.97 -17.32 5.16
C SER B 489 14.52 -15.98 5.64
N PHE B 490 14.38 -14.91 4.86
CA PHE B 490 14.88 -13.57 5.20
C PHE B 490 13.90 -13.02 6.11
N ILE B 491 12.64 -13.04 5.73
CA ILE B 491 11.71 -12.38 6.65
C ILE B 491 11.81 -13.01 8.04
N SER B 492 11.70 -14.34 8.10
CA SER B 492 11.75 -15.03 9.38
C SER B 492 13.04 -14.68 10.12
N LEU B 493 14.18 -15.12 9.57
CA LEU B 493 15.47 -14.89 10.20
C LEU B 493 15.65 -13.44 10.62
N PHE B 494 15.69 -12.54 9.63
CA PHE B 494 16.00 -11.15 9.92
C PHE B 494 15.01 -10.55 10.90
N ILE B 495 13.73 -10.44 10.53
CA ILE B 495 12.78 -9.75 11.39
C ILE B 495 12.88 -10.36 12.77
N TYR B 496 12.49 -11.63 12.91
CA TYR B 496 12.34 -12.15 14.26
C TYR B 496 13.65 -12.13 15.02
N MET B 497 14.64 -12.92 14.58
CA MET B 497 15.85 -13.08 15.40
C MET B 497 16.63 -11.78 15.49
N ILE B 498 16.94 -11.16 14.35
CA ILE B 498 17.85 -10.03 14.37
C ILE B 498 17.20 -8.81 15.02
N LEU B 499 15.94 -8.50 14.68
CA LEU B 499 15.30 -7.37 15.32
C LEU B 499 15.14 -7.60 16.82
N SER B 500 14.85 -8.84 17.23
CA SER B 500 14.77 -9.15 18.65
C SER B 500 16.10 -8.85 19.33
N LEU B 501 17.19 -9.35 18.78
CA LEU B 501 18.49 -9.18 19.42
C LEU B 501 19.02 -7.76 19.35
N PHE B 502 18.52 -6.96 18.42
CA PHE B 502 18.96 -5.57 18.29
C PHE B 502 18.20 -4.67 19.28
N ILE B 503 16.87 -4.81 19.31
CA ILE B 503 16.06 -4.09 20.29
C ILE B 503 16.45 -4.50 21.70
N ALA B 504 16.77 -5.79 21.89
CA ALA B 504 17.16 -6.27 23.22
C ALA B 504 18.46 -5.63 23.67
N LEU B 505 19.43 -5.52 22.77
CA LEU B 505 20.69 -4.86 23.13
C LEU B 505 20.43 -3.40 23.51
N ILE B 506 19.61 -2.70 22.72
CA ILE B 506 19.31 -1.30 23.05
C ILE B 506 18.64 -1.19 24.41
N THR B 507 17.67 -2.07 24.67
CA THR B 507 16.92 -2.00 25.92
C THR B 507 17.80 -2.34 27.13
N ASP B 508 18.70 -3.31 26.99
CA ASP B 508 19.60 -3.63 28.11
C ASP B 508 20.60 -2.51 28.35
N SER B 509 21.04 -1.83 27.29
CA SER B 509 21.86 -0.64 27.48
C SER B 509 21.08 0.45 28.22
N TYR B 510 19.80 0.63 27.87
CA TYR B 510 18.96 1.61 28.56
C TYR B 510 18.79 1.23 30.03
N ASP B 511 18.62 -0.07 30.30
CA ASP B 511 18.47 -0.54 31.68
C ASP B 511 19.74 -0.31 32.49
N THR B 512 20.91 -0.58 31.89
CA THR B 512 22.16 -0.31 32.59
C THR B 512 22.32 1.18 32.88
N ILE B 513 21.96 2.03 31.91
CA ILE B 513 22.03 3.47 32.15
C ILE B 513 21.10 3.88 33.29
N LYS B 514 19.90 3.31 33.40
CA LYS B 514 18.94 3.79 34.44
C LYS B 514 19.39 3.32 35.85
N LYS B 515 20.03 2.16 35.97
CA LYS B 515 20.40 1.63 37.31
C LYS B 515 21.56 2.45 37.86
N PHE B 516 22.46 2.94 37.00
CA PHE B 516 23.56 3.83 37.46
C PHE B 516 22.94 5.11 37.96
N GLN B 517 21.93 5.59 37.25
CA GLN B 517 21.24 6.84 37.64
C GLN B 517 20.59 6.63 39.01
N GLN B 518 20.13 5.41 39.27
CA GLN B 518 19.38 5.14 40.53
C GLN B 518 20.37 4.81 41.67
N ASN B 519 21.59 4.44 41.34
CA ASN B 519 22.62 4.17 42.38
C ASN B 519 23.41 5.46 42.65
N MET C 36 54.95 -38.14 27.58
CA MET C 36 54.18 -36.91 27.49
C MET C 36 53.14 -36.97 26.36
N LYS C 37 52.54 -38.15 26.19
CA LYS C 37 51.46 -38.28 25.22
C LYS C 37 50.24 -37.47 25.64
N GLU C 38 49.98 -37.37 26.95
CA GLU C 38 48.92 -36.49 27.42
C GLU C 38 49.27 -35.03 27.16
N GLU C 39 50.54 -34.65 27.33
CA GLU C 39 50.99 -33.32 26.98
C GLU C 39 50.71 -33.03 25.50
N CYS C 40 51.07 -33.97 24.63
CA CYS C 40 50.81 -33.82 23.20
C CYS C 40 49.33 -33.65 22.90
N LEU C 41 48.50 -34.52 23.50
CA LEU C 41 47.07 -34.48 23.25
C LEU C 41 46.47 -33.15 23.71
N ARG C 42 46.83 -32.70 24.91
CA ARG C 42 46.24 -31.47 25.42
C ARG C 42 46.76 -30.25 24.67
N GLU C 43 48.02 -30.27 24.22
CA GLU C 43 48.53 -29.19 23.39
C GLU C 43 47.78 -29.13 22.05
N ASP C 44 47.52 -30.31 21.46
CA ASP C 44 46.75 -30.34 20.21
C ASP C 44 45.32 -29.83 20.41
N LEU C 45 44.70 -30.20 21.54
CA LEU C 45 43.36 -29.70 21.83
C LEU C 45 43.37 -28.20 22.07
N LYS C 46 44.43 -27.66 22.68
CA LYS C 46 44.57 -26.22 22.80
C LYS C 46 44.70 -25.57 21.43
N PHE C 47 45.47 -26.20 20.53
CA PHE C 47 45.64 -25.68 19.17
C PHE C 47 44.32 -25.66 18.42
N TYR C 48 43.47 -26.66 18.66
CA TYR C 48 42.26 -26.81 17.85
C TYR C 48 41.26 -25.67 18.05
N PHE C 49 41.22 -25.04 19.23
CA PHE C 49 40.18 -24.09 19.55
C PHE C 49 40.64 -22.64 19.56
N MET C 50 41.92 -22.36 19.32
CA MET C 50 42.37 -20.98 19.31
C MET C 50 42.08 -20.32 17.98
N SER C 51 41.96 -19.00 18.02
CA SER C 51 41.59 -18.23 16.83
C SER C 51 42.68 -18.36 15.76
N PRO C 52 42.35 -18.23 14.47
CA PRO C 52 43.37 -18.40 13.42
C PRO C 52 44.55 -17.45 13.59
N CYS C 53 44.28 -16.27 14.16
CA CYS C 53 45.36 -15.37 14.53
C CYS C 53 46.26 -16.00 15.59
N GLU C 54 45.66 -16.67 16.59
CA GLU C 54 46.44 -17.32 17.63
C GLU C 54 47.11 -18.59 17.13
N LYS C 55 46.54 -19.22 16.10
CA LYS C 55 47.15 -20.40 15.50
C LYS C 55 48.43 -20.03 14.78
N TYR C 56 48.61 -18.74 14.49
CA TYR C 56 49.83 -18.23 13.90
C TYR C 56 50.88 -17.93 14.95
N ARG C 57 50.52 -18.00 16.23
CA ARG C 57 51.47 -17.85 17.34
C ARG C 57 51.81 -19.20 17.96
N ALA C 58 50.82 -20.09 18.06
CA ALA C 58 51.05 -21.40 18.66
C ALA C 58 52.04 -22.22 17.84
N ARG C 59 51.88 -22.22 16.51
CA ARG C 59 52.72 -23.03 15.64
C ARG C 59 53.28 -22.26 14.45
N ARG C 60 52.98 -20.97 14.33
CA ARG C 60 53.53 -20.11 13.29
C ARG C 60 53.35 -20.71 11.90
N GLN C 61 52.11 -20.79 11.43
CA GLN C 61 51.81 -21.32 10.11
C GLN C 61 50.86 -20.38 9.38
N ILE C 62 50.94 -20.41 8.05
CA ILE C 62 50.14 -19.50 7.22
C ILE C 62 48.68 -19.94 7.25
N PRO C 63 47.73 -19.03 7.43
CA PRO C 63 46.31 -19.40 7.40
C PRO C 63 45.72 -19.37 6.00
N TRP C 64 45.97 -20.42 5.20
CA TRP C 64 45.48 -20.46 3.83
C TRP C 64 43.96 -20.40 3.79
N LYS C 65 43.30 -21.06 4.74
CA LYS C 65 41.84 -21.15 4.76
C LYS C 65 41.18 -19.83 5.12
N LEU C 66 41.96 -18.75 5.23
CA LEU C 66 41.36 -17.44 5.46
C LEU C 66 41.61 -16.54 4.25
N GLY C 67 42.84 -16.52 3.75
CA GLY C 67 43.14 -15.74 2.58
C GLY C 67 42.44 -16.28 1.35
N LEU C 68 42.45 -17.60 1.21
CA LEU C 68 41.76 -18.24 0.10
C LEU C 68 40.24 -18.03 0.19
N GLN C 69 39.70 -17.98 1.41
CA GLN C 69 38.27 -17.67 1.55
C GLN C 69 37.98 -16.21 1.17
N ILE C 70 38.86 -15.28 1.54
CA ILE C 70 38.68 -13.90 1.10
C ILE C 70 38.74 -13.82 -0.42
N LEU C 71 39.65 -14.57 -1.03
CA LEU C 71 39.71 -14.66 -2.48
C LEU C 71 38.41 -15.19 -3.05
N LYS C 72 37.84 -16.21 -2.40
CA LYS C 72 36.54 -16.73 -2.82
C LYS C 72 35.48 -15.64 -2.79
N ILE C 73 35.41 -14.90 -1.70
CA ILE C 73 34.39 -13.85 -1.58
C ILE C 73 34.52 -12.89 -2.74
N VAL C 74 35.75 -12.38 -2.96
CA VAL C 74 35.96 -11.36 -3.99
C VAL C 74 35.61 -11.91 -5.38
N MET C 75 36.14 -13.10 -5.69
CA MET C 75 36.00 -13.62 -7.05
C MET C 75 34.58 -14.07 -7.33
N VAL C 76 33.93 -14.71 -6.35
CA VAL C 76 32.54 -15.13 -6.53
C VAL C 76 31.64 -13.92 -6.69
N THR C 77 31.84 -12.87 -5.89
CA THR C 77 31.03 -11.68 -6.06
C THR C 77 31.25 -11.02 -7.43
N THR C 78 32.50 -10.95 -7.90
CA THR C 78 32.76 -10.39 -9.22
C THR C 78 32.08 -11.21 -10.31
N GLN C 79 32.18 -12.53 -10.23
CA GLN C 79 31.55 -13.41 -11.20
C GLN C 79 30.04 -13.21 -11.23
N LEU C 80 29.42 -13.15 -10.03
CA LEU C 80 27.98 -12.97 -9.96
C LEU C 80 27.56 -11.63 -10.56
N VAL C 81 28.28 -10.55 -10.24
CA VAL C 81 27.89 -9.24 -10.76
C VAL C 81 28.00 -9.19 -12.28
N ARG C 82 29.10 -9.74 -12.83
CA ARG C 82 29.29 -9.69 -14.28
C ARG C 82 28.25 -10.54 -14.99
N PHE C 83 27.98 -11.75 -14.48
CA PHE C 83 26.91 -12.59 -15.02
C PHE C 83 25.58 -11.85 -15.00
N GLY C 84 25.29 -11.18 -13.88
CA GLY C 84 24.04 -10.46 -13.76
C GLY C 84 23.89 -9.38 -14.80
N LEU C 85 24.96 -8.60 -15.01
CA LEU C 85 24.89 -7.51 -15.98
C LEU C 85 24.67 -8.05 -17.40
N SER C 86 25.40 -9.10 -17.77
CA SER C 86 25.25 -9.64 -19.13
C SER C 86 23.86 -10.22 -19.35
N ASN C 87 23.37 -11.02 -18.40
CA ASN C 87 22.07 -11.62 -18.61
C ASN C 87 20.97 -10.56 -18.52
N GLN C 88 21.21 -9.47 -17.78
CA GLN C 88 20.27 -8.34 -17.82
C GLN C 88 20.17 -7.76 -19.20
N LEU C 89 21.31 -7.56 -19.88
CA LEU C 89 21.24 -7.03 -21.24
C LEU C 89 20.45 -7.95 -22.17
N VAL C 90 20.74 -9.26 -22.10
CA VAL C 90 20.04 -10.19 -22.99
C VAL C 90 18.53 -10.21 -22.71
N VAL C 91 18.17 -10.28 -21.42
CA VAL C 91 16.76 -10.33 -21.05
C VAL C 91 16.04 -9.06 -21.48
N ALA C 92 16.71 -7.91 -21.31
CA ALA C 92 16.11 -6.64 -21.72
C ALA C 92 15.81 -6.64 -23.21
N PHE C 93 16.78 -7.08 -24.03
CA PHE C 93 16.52 -7.13 -25.46
C PHE C 93 15.32 -8.00 -25.79
N LYS C 94 15.28 -9.20 -25.20
CA LYS C 94 14.20 -10.14 -25.50
C LYS C 94 12.85 -9.57 -25.08
N GLU C 95 12.78 -8.97 -23.90
CA GLU C 95 11.51 -8.43 -23.41
C GLU C 95 11.04 -7.26 -24.26
N ASP C 96 11.96 -6.37 -24.64
CA ASP C 96 11.55 -5.24 -25.48
C ASP C 96 11.04 -5.72 -26.83
N ASN C 97 11.70 -6.71 -27.43
CA ASN C 97 11.19 -7.25 -28.68
C ASN C 97 9.82 -7.88 -28.49
N THR C 98 9.59 -8.57 -27.38
CA THR C 98 8.27 -9.15 -27.13
C THR C 98 7.19 -8.09 -27.00
N VAL C 99 7.49 -7.00 -26.29
CA VAL C 99 6.52 -5.92 -26.15
C VAL C 99 6.21 -5.29 -27.49
N ALA C 100 7.23 -5.07 -28.32
CA ALA C 100 6.99 -4.55 -29.66
C ALA C 100 6.18 -5.51 -30.52
N PHE C 101 6.42 -6.82 -30.38
CA PHE C 101 5.63 -7.81 -31.11
C PHE C 101 4.17 -7.77 -30.69
N LYS C 102 3.92 -7.64 -29.39
CA LYS C 102 2.54 -7.56 -28.91
C LYS C 102 1.84 -6.33 -29.47
N HIS C 103 2.52 -5.18 -29.46
CA HIS C 103 1.92 -3.99 -30.05
C HIS C 103 1.66 -4.16 -31.55
N LEU C 104 2.61 -4.75 -32.27
CA LEU C 104 2.44 -4.92 -33.71
C LEU C 104 1.29 -5.86 -34.06
N PHE C 105 1.13 -6.97 -33.33
CA PHE C 105 0.27 -8.05 -33.79
C PHE C 105 -1.02 -8.22 -33.01
N LEU C 106 -1.14 -7.69 -31.81
CA LEU C 106 -2.36 -7.82 -31.02
C LEU C 106 -3.22 -6.58 -31.21
N LYS C 107 -4.44 -6.77 -31.70
CA LYS C 107 -5.31 -5.65 -32.00
C LYS C 107 -5.80 -4.97 -30.73
N GLY C 108 -5.71 -3.65 -30.69
CA GLY C 108 -6.14 -2.89 -29.54
C GLY C 108 -5.43 -3.28 -28.27
N TYR C 109 -4.11 -3.42 -28.34
CA TYR C 109 -3.31 -3.81 -27.19
C TYR C 109 -2.98 -2.56 -26.38
N SER C 110 -3.43 -2.54 -25.12
CA SER C 110 -3.23 -1.37 -24.27
C SER C 110 -1.74 -1.12 -24.04
N GLY C 111 -1.02 -2.15 -23.64
CA GLY C 111 0.39 -2.01 -23.31
C GLY C 111 0.73 -2.81 -22.07
N THR C 112 -0.30 -3.24 -21.35
CA THR C 112 -0.17 -4.08 -20.18
C THR C 112 -1.01 -5.33 -20.37
N ASP C 113 -0.50 -6.46 -19.93
CA ASP C 113 -1.23 -7.71 -20.03
C ASP C 113 -2.36 -7.74 -19.02
N GLU C 114 -3.54 -8.15 -19.48
CA GLU C 114 -4.70 -8.29 -18.59
C GLU C 114 -4.41 -9.31 -17.49
N ASP C 115 -3.84 -10.45 -17.87
CA ASP C 115 -3.51 -11.54 -16.97
C ASP C 115 -2.32 -12.28 -17.58
N ASP C 116 -2.14 -13.56 -17.24
CA ASP C 116 -1.19 -14.37 -17.99
C ASP C 116 -1.44 -14.35 -19.49
N TYR C 117 -2.68 -14.07 -19.91
CA TYR C 117 -2.99 -13.77 -21.30
C TYR C 117 -2.88 -12.27 -21.55
N SER C 118 -2.69 -11.92 -22.83
CA SER C 118 -2.46 -10.52 -23.18
C SER C 118 -3.75 -9.76 -23.45
N CYS C 119 -4.62 -10.31 -24.29
CA CYS C 119 -5.85 -9.66 -24.69
C CYS C 119 -7.01 -10.61 -24.48
N SER C 120 -8.22 -10.12 -24.76
CA SER C 120 -9.42 -10.95 -24.70
C SER C 120 -10.48 -10.31 -25.58
N VAL C 121 -11.40 -11.15 -26.06
CA VAL C 121 -12.50 -10.70 -26.91
C VAL C 121 -13.77 -11.41 -26.46
N TYR C 122 -14.91 -10.75 -26.62
CA TYR C 122 -16.18 -11.30 -26.20
C TYR C 122 -17.20 -11.42 -27.32
N THR C 123 -16.85 -11.05 -28.56
CA THR C 123 -17.77 -11.04 -29.68
C THR C 123 -17.15 -11.83 -30.83
N GLN C 124 -18.02 -12.47 -31.62
CA GLN C 124 -17.54 -13.22 -32.78
C GLN C 124 -16.91 -12.34 -33.84
N GLU C 125 -17.24 -11.05 -33.88
CA GLU C 125 -16.64 -10.13 -34.82
C GLU C 125 -15.33 -9.56 -34.32
N ASP C 126 -15.19 -9.39 -33.00
CA ASP C 126 -13.92 -8.99 -32.41
C ASP C 126 -12.83 -10.03 -32.59
N ALA C 127 -13.17 -11.32 -32.48
CA ALA C 127 -12.20 -12.39 -32.71
C ALA C 127 -11.76 -12.45 -34.17
N TYR C 128 -12.71 -12.32 -35.09
CA TYR C 128 -12.35 -12.26 -36.50
C TYR C 128 -11.45 -11.06 -36.79
N GLU C 129 -11.77 -9.91 -36.20
CA GLU C 129 -10.96 -8.73 -36.40
C GLU C 129 -9.54 -8.93 -35.87
N SER C 130 -9.42 -9.54 -34.69
CA SER C 130 -8.10 -9.79 -34.11
C SER C 130 -7.29 -10.75 -34.98
N ILE C 131 -7.91 -11.84 -35.44
CA ILE C 131 -7.19 -12.83 -36.26
C ILE C 131 -6.73 -12.19 -37.57
N PHE C 132 -7.64 -11.51 -38.25
CA PHE C 132 -7.29 -10.89 -39.52
C PHE C 132 -6.27 -9.77 -39.33
N PHE C 133 -6.34 -9.06 -38.21
CA PHE C 133 -5.35 -8.03 -37.92
C PHE C 133 -3.97 -8.63 -37.74
N ALA C 134 -3.89 -9.75 -37.02
CA ALA C 134 -2.60 -10.40 -36.85
C ALA C 134 -2.02 -10.84 -38.19
N ILE C 135 -2.85 -11.47 -39.03
CA ILE C 135 -2.36 -11.94 -40.32
C ILE C 135 -1.95 -10.78 -41.22
N ASN C 136 -2.74 -9.71 -41.24
CA ASN C 136 -2.42 -8.57 -42.09
C ASN C 136 -1.23 -7.79 -41.59
N GLN C 137 -0.99 -7.75 -40.28
CA GLN C 137 0.20 -7.08 -39.76
C GLN C 137 1.44 -7.93 -40.01
N TYR C 138 1.31 -9.25 -40.03
CA TYR C 138 2.41 -10.07 -40.49
C TYR C 138 2.73 -9.79 -41.95
N HIS C 139 1.68 -9.65 -42.78
CA HIS C 139 1.89 -9.41 -44.20
C HIS C 139 2.67 -8.12 -44.47
N GLN C 140 2.55 -7.13 -43.60
CA GLN C 140 3.13 -5.80 -43.82
C GLN C 140 4.23 -5.48 -42.83
N LEU C 141 4.99 -6.50 -42.41
CA LEU C 141 5.96 -6.31 -41.34
C LEU C 141 7.05 -5.31 -41.73
N LYS C 142 7.50 -5.36 -42.98
CA LYS C 142 8.64 -4.54 -43.40
C LYS C 142 8.34 -3.05 -43.36
N ASP C 143 7.06 -2.66 -43.35
CA ASP C 143 6.68 -1.26 -43.34
C ASP C 143 6.06 -0.83 -42.02
N ILE C 144 6.15 -1.66 -40.98
CA ILE C 144 5.51 -1.36 -39.71
C ILE C 144 6.54 -1.42 -38.58
N THR C 145 7.58 -2.23 -38.75
CA THR C 145 8.52 -2.47 -37.66
C THR C 145 9.53 -1.34 -37.57
N LEU C 146 9.87 -0.96 -36.33
CA LEU C 146 10.84 0.08 -36.06
C LEU C 146 12.23 -0.47 -35.77
N GLY C 147 12.49 -1.72 -36.15
CA GLY C 147 13.74 -2.35 -35.81
C GLY C 147 14.38 -3.11 -36.95
N THR C 148 15.40 -3.89 -36.63
CA THR C 148 16.11 -4.69 -37.63
C THR C 148 15.49 -6.08 -37.72
N LEU C 149 14.21 -6.14 -38.06
CA LEU C 149 13.48 -7.40 -38.14
C LEU C 149 13.39 -7.88 -39.59
N GLY C 150 13.09 -9.16 -39.74
CA GLY C 150 12.95 -9.76 -41.05
C GLY C 150 12.13 -11.01 -40.95
N TYR C 151 11.92 -11.64 -42.11
CA TYR C 151 11.12 -12.85 -42.20
C TYR C 151 12.04 -14.06 -42.04
N GLY C 152 11.75 -14.90 -41.05
CA GLY C 152 12.55 -16.09 -40.82
C GLY C 152 12.09 -17.26 -41.67
N GLU C 153 12.32 -18.47 -41.17
CA GLU C 153 11.92 -19.67 -41.90
C GLU C 153 11.57 -20.76 -40.90
N ASN C 154 10.55 -21.54 -41.22
CA ASN C 154 10.15 -22.67 -40.39
C ASN C 154 11.06 -23.87 -40.65
N GLU C 155 10.69 -25.01 -40.06
CA GLU C 155 11.46 -26.24 -40.29
C GLU C 155 11.40 -26.65 -41.76
N ASP C 156 10.27 -26.41 -42.43
CA ASP C 156 10.14 -26.71 -43.84
C ASP C 156 10.92 -25.74 -44.72
N ASN C 157 11.51 -24.68 -44.14
CA ASN C 157 12.33 -23.72 -44.87
C ASN C 157 11.52 -22.96 -45.91
N ARG C 158 10.41 -22.38 -45.46
CA ARG C 158 9.58 -21.54 -46.31
C ARG C 158 9.13 -20.32 -45.51
N ILE C 159 9.15 -19.16 -46.14
CA ILE C 159 8.69 -17.92 -45.52
C ILE C 159 7.18 -17.87 -45.62
N GLY C 160 6.49 -18.00 -44.48
CA GLY C 160 5.04 -18.02 -44.51
C GLY C 160 4.47 -18.04 -43.12
N LEU C 161 3.15 -18.15 -43.06
CA LEU C 161 2.38 -18.12 -41.83
C LEU C 161 1.55 -19.40 -41.73
N LYS C 162 1.47 -19.96 -40.52
CA LYS C 162 0.66 -21.14 -40.27
C LYS C 162 -0.49 -20.79 -39.34
N VAL C 163 -1.70 -21.15 -39.74
CA VAL C 163 -2.90 -20.98 -38.92
C VAL C 163 -3.49 -22.37 -38.69
N CYS C 164 -3.69 -22.72 -37.42
CA CYS C 164 -4.23 -24.01 -37.03
C CYS C 164 -5.40 -23.81 -36.09
N LYS C 165 -6.55 -24.38 -36.44
CA LYS C 165 -7.74 -24.33 -35.60
C LYS C 165 -8.07 -25.72 -35.07
N GLN C 166 -8.64 -25.77 -33.88
CA GLN C 166 -9.09 -27.03 -33.26
C GLN C 166 -10.57 -26.93 -32.97
N HIS C 167 -11.34 -27.91 -33.43
CA HIS C 167 -12.77 -27.98 -33.22
C HIS C 167 -13.13 -29.32 -32.60
N TYR C 168 -14.29 -29.36 -31.95
CA TYR C 168 -14.90 -30.63 -31.56
C TYR C 168 -15.61 -31.21 -32.77
N LYS C 169 -15.34 -32.48 -33.07
CA LYS C 169 -15.95 -33.08 -34.24
C LYS C 169 -17.46 -33.21 -34.06
N LYS C 170 -18.17 -33.01 -35.16
CA LYS C 170 -19.64 -33.06 -35.12
C LYS C 170 -20.15 -34.32 -35.84
N LEU C 180 -24.33 -29.26 -29.61
CA LEU C 180 -25.41 -30.15 -30.02
C LEU C 180 -24.90 -31.58 -30.20
N ASN C 181 -24.64 -31.95 -31.45
CA ASN C 181 -24.14 -33.29 -31.78
C ASN C 181 -22.63 -33.27 -31.97
N ILE C 182 -21.92 -32.99 -30.88
CA ILE C 182 -20.47 -32.88 -30.90
C ILE C 182 -19.86 -34.13 -30.25
N ASP C 183 -18.69 -34.51 -30.73
CA ASP C 183 -17.93 -35.64 -30.20
C ASP C 183 -16.79 -35.13 -29.32
N ASN C 184 -16.12 -36.06 -28.66
CA ASN C 184 -14.98 -35.74 -27.81
C ASN C 184 -13.66 -35.69 -28.57
N ASP C 185 -13.65 -36.09 -29.84
CA ASP C 185 -12.45 -36.06 -30.64
C ASP C 185 -12.26 -34.68 -31.24
N VAL C 186 -11.04 -34.18 -31.17
CA VAL C 186 -10.70 -32.83 -31.61
C VAL C 186 -10.13 -32.93 -33.01
N GLU C 187 -10.83 -32.30 -33.97
CA GLU C 187 -10.30 -32.19 -35.32
C GLU C 187 -9.31 -31.03 -35.39
N LEU C 188 -8.19 -31.25 -36.08
CA LEU C 188 -7.14 -30.25 -36.21
C LEU C 188 -6.94 -29.97 -37.69
N ASP C 189 -7.31 -28.77 -38.12
CA ASP C 189 -7.13 -28.34 -39.50
C ASP C 189 -6.13 -27.19 -39.53
N CYS C 190 -5.12 -27.32 -40.38
CA CYS C 190 -4.06 -26.33 -40.50
C CYS C 190 -3.94 -25.85 -41.94
N VAL C 191 -3.53 -24.60 -42.09
CA VAL C 191 -3.25 -24.00 -43.40
C VAL C 191 -1.92 -23.28 -43.30
N GLN C 192 -1.23 -23.18 -44.44
CA GLN C 192 0.03 -22.47 -44.52
C GLN C 192 -0.11 -21.33 -45.51
N LEU C 193 -0.10 -20.13 -44.97
CA LEU C 193 -0.28 -18.93 -45.81
C LEU C 193 1.09 -18.34 -46.06
N ASP C 194 1.56 -18.44 -47.29
CA ASP C 194 2.88 -17.93 -47.67
C ASP C 194 2.74 -16.46 -48.04
N LEU C 195 3.84 -15.71 -48.05
CA LEU C 195 3.78 -14.26 -48.34
C LEU C 195 3.27 -14.02 -49.75
N GLN C 196 3.43 -14.97 -50.65
CA GLN C 196 3.00 -14.71 -52.04
C GLN C 196 1.47 -14.80 -52.08
N ASP C 197 0.87 -15.70 -51.29
CA ASP C 197 -0.58 -15.76 -51.16
C ASP C 197 -1.12 -14.52 -50.46
N LEU C 198 -0.46 -14.10 -49.37
CA LEU C 198 -0.89 -12.92 -48.64
C LEU C 198 -0.75 -11.66 -49.48
N SER C 199 0.24 -11.61 -50.37
CA SER C 199 0.55 -10.40 -51.12
C SER C 199 -0.46 -10.13 -52.22
N LYS C 200 -1.09 -11.19 -52.75
CA LYS C 200 -2.06 -11.08 -53.84
C LYS C 200 -3.02 -9.93 -53.61
N LYS C 201 -3.07 -8.98 -54.55
CA LYS C 201 -3.82 -7.73 -54.38
C LYS C 201 -5.31 -7.94 -54.14
N PRO C 202 -6.02 -8.79 -54.88
CA PRO C 202 -7.35 -9.24 -54.42
C PRO C 202 -7.25 -10.49 -53.57
N PRO C 203 -6.95 -10.36 -52.27
CA PRO C 203 -6.61 -11.54 -51.48
C PRO C 203 -7.77 -12.54 -51.43
N ASP C 204 -7.39 -13.81 -51.35
CA ASP C 204 -8.35 -14.91 -51.34
C ASP C 204 -8.47 -15.62 -50.01
N TRP C 205 -7.42 -15.59 -49.18
CA TRP C 205 -7.44 -16.32 -47.91
C TRP C 205 -8.56 -15.86 -47.00
N LYS C 206 -8.94 -14.58 -47.09
CA LYS C 206 -9.96 -14.05 -46.19
C LYS C 206 -11.33 -14.68 -46.44
N ASN C 207 -11.62 -15.06 -47.68
CA ASN C 207 -12.90 -15.64 -48.05
C ASN C 207 -12.85 -17.16 -48.13
N SER C 208 -11.75 -17.76 -47.68
CA SER C 208 -11.64 -19.21 -47.72
C SER C 208 -12.51 -19.84 -46.64
N SER C 209 -12.77 -21.14 -46.80
CA SER C 209 -13.59 -21.88 -45.86
C SER C 209 -12.86 -22.20 -44.56
N PHE C 210 -11.55 -21.95 -44.49
CA PHE C 210 -10.82 -22.22 -43.25
C PHE C 210 -11.18 -21.23 -42.15
N PHE C 211 -11.50 -19.99 -42.51
CA PHE C 211 -11.70 -18.93 -41.53
C PHE C 211 -13.16 -18.74 -41.17
N ARG C 212 -14.01 -19.73 -41.43
CA ARG C 212 -15.38 -19.76 -40.95
C ARG C 212 -15.36 -20.56 -39.65
N LEU C 213 -15.16 -19.87 -38.54
CA LEU C 213 -14.83 -20.49 -37.26
C LEU C 213 -16.08 -20.68 -36.41
N GLU C 214 -16.80 -21.78 -36.62
CA GLU C 214 -17.89 -22.15 -35.73
C GLU C 214 -17.42 -22.09 -34.28
N PHE C 215 -18.00 -21.20 -33.47
CA PHE C 215 -17.45 -20.88 -32.16
C PHE C 215 -17.98 -21.77 -31.05
N TYR C 216 -19.14 -22.40 -31.22
CA TYR C 216 -19.65 -23.30 -30.21
C TYR C 216 -18.89 -24.61 -30.17
N ARG C 217 -18.11 -24.90 -31.21
CA ARG C 217 -17.29 -26.10 -31.29
C ARG C 217 -15.81 -25.80 -31.24
N LEU C 218 -15.44 -24.52 -31.13
CA LEU C 218 -14.05 -24.11 -31.27
C LEU C 218 -13.33 -24.22 -29.93
N LEU C 219 -12.12 -24.76 -29.97
CA LEU C 219 -11.25 -24.83 -28.80
C LEU C 219 -10.16 -23.77 -28.79
N GLN C 220 -9.46 -23.58 -29.91
CA GLN C 220 -8.42 -22.57 -29.99
C GLN C 220 -8.02 -22.39 -31.45
N VAL C 221 -7.43 -21.24 -31.74
CA VAL C 221 -6.82 -20.93 -33.03
C VAL C 221 -5.39 -20.49 -32.77
N GLU C 222 -4.44 -21.01 -33.55
CA GLU C 222 -3.03 -20.70 -33.38
C GLU C 222 -2.48 -20.08 -34.65
N ILE C 223 -1.75 -18.98 -34.49
CA ILE C 223 -0.98 -18.37 -35.57
C ILE C 223 0.50 -18.44 -35.18
N SER C 224 1.30 -19.07 -36.02
CA SER C 224 2.72 -19.25 -35.75
C SER C 224 3.54 -18.70 -36.91
N PHE C 225 4.61 -17.99 -36.58
CA PHE C 225 5.51 -17.46 -37.60
C PHE C 225 6.89 -17.26 -36.99
N HIS C 226 7.88 -17.06 -37.85
CA HIS C 226 9.27 -16.91 -37.44
C HIS C 226 9.79 -15.56 -37.91
N LEU C 227 10.50 -14.87 -37.03
CA LEU C 227 11.13 -13.59 -37.35
C LEU C 227 12.61 -13.63 -36.95
N LYS C 228 13.42 -12.90 -37.70
CA LYS C 228 14.85 -12.80 -37.45
C LYS C 228 15.19 -11.37 -37.05
N GLY C 229 15.92 -11.21 -35.95
CA GLY C 229 16.35 -9.92 -35.48
C GLY C 229 17.86 -9.84 -35.33
N ILE C 230 18.33 -8.60 -35.18
CA ILE C 230 19.75 -8.30 -34.98
C ILE C 230 19.87 -7.34 -33.81
N ASP C 231 20.72 -7.68 -32.85
CA ASP C 231 21.00 -6.77 -31.74
C ASP C 231 22.06 -5.77 -32.18
N LEU C 232 21.63 -4.58 -32.59
CA LEU C 232 22.57 -3.55 -33.03
C LEU C 232 23.13 -2.72 -31.88
N GLN C 233 22.58 -2.85 -30.68
CA GLN C 233 23.10 -2.13 -29.53
C GLN C 233 24.42 -2.70 -29.02
N THR C 234 24.95 -3.74 -29.67
CA THR C 234 26.24 -4.31 -29.33
C THR C 234 27.34 -3.87 -30.28
N ILE C 235 27.00 -3.46 -31.49
CA ILE C 235 27.98 -3.14 -32.53
C ILE C 235 28.86 -1.96 -32.13
N HIS C 236 28.39 -1.13 -31.19
CA HIS C 236 29.22 -0.01 -30.76
C HIS C 236 30.52 -0.46 -30.11
N SER C 237 30.60 -1.72 -29.71
CA SER C 237 31.84 -2.38 -29.33
C SER C 237 32.18 -3.30 -30.50
N ARG C 238 33.30 -3.01 -31.18
CA ARG C 238 33.66 -3.67 -32.43
C ARG C 238 33.56 -5.19 -32.29
N GLU C 239 32.56 -5.77 -32.95
CA GLU C 239 32.24 -7.19 -32.90
C GLU C 239 31.23 -7.50 -34.00
N LEU C 240 31.02 -8.78 -34.23
CA LEU C 240 29.84 -9.19 -34.99
C LEU C 240 28.66 -9.30 -34.03
N PRO C 241 27.57 -8.57 -34.27
CA PRO C 241 26.47 -8.52 -33.30
C PRO C 241 25.73 -9.85 -33.22
N ASP C 242 24.84 -9.91 -32.24
CA ASP C 242 24.08 -11.13 -31.96
C ASP C 242 22.84 -11.17 -32.84
N CYS C 243 22.61 -12.33 -33.47
CA CYS C 243 21.44 -12.54 -34.32
C CYS C 243 20.47 -13.46 -33.60
N TYR C 244 19.21 -13.06 -33.56
CA TYR C 244 18.17 -13.80 -32.85
C TYR C 244 17.15 -14.34 -33.83
N VAL C 245 16.46 -15.40 -33.41
CA VAL C 245 15.31 -15.95 -34.12
C VAL C 245 14.16 -16.06 -33.14
N PHE C 246 13.01 -15.53 -33.52
CA PHE C 246 11.84 -15.48 -32.65
C PHE C 246 10.79 -16.46 -33.16
N GLN C 247 10.39 -17.39 -32.30
CA GLN C 247 9.29 -18.32 -32.60
C GLN C 247 8.05 -17.74 -31.92
N ASN C 248 7.25 -17.01 -32.70
CA ASN C 248 6.09 -16.30 -32.16
C ASN C 248 4.83 -17.11 -32.40
N THR C 249 4.02 -17.23 -31.35
CA THR C 249 2.77 -17.97 -31.42
C THR C 249 1.67 -17.14 -30.78
N ILE C 250 0.55 -17.00 -31.48
CA ILE C 250 -0.63 -16.30 -30.97
C ILE C 250 -1.75 -17.33 -30.86
N ILE C 251 -2.28 -17.51 -29.65
CA ILE C 251 -3.34 -18.47 -29.38
C ILE C 251 -4.60 -17.70 -29.00
N PHE C 252 -5.68 -17.93 -29.74
CA PHE C 252 -7.00 -17.43 -29.40
C PHE C 252 -7.74 -18.58 -28.73
N ASP C 253 -7.76 -18.57 -27.40
CA ASP C 253 -8.10 -19.74 -26.61
C ASP C 253 -9.46 -19.58 -25.96
N ASN C 254 -10.38 -20.48 -26.29
CA ASN C 254 -11.65 -20.57 -25.55
C ASN C 254 -11.89 -21.99 -25.06
N LYS C 255 -10.91 -22.58 -24.37
CA LYS C 255 -11.11 -23.90 -23.78
C LYS C 255 -12.20 -23.90 -22.72
N ALA C 256 -12.47 -22.74 -22.10
CA ALA C 256 -13.49 -22.65 -21.08
C ALA C 256 -14.90 -22.60 -21.65
N HIS C 257 -15.05 -22.11 -22.89
CA HIS C 257 -16.35 -21.97 -23.53
C HIS C 257 -17.31 -21.14 -22.67
N SER C 258 -16.82 -20.04 -22.12
CA SER C 258 -17.58 -19.19 -21.22
C SER C 258 -17.80 -17.79 -21.79
N GLY C 259 -17.64 -17.62 -23.10
CA GLY C 259 -17.91 -16.36 -23.76
C GLY C 259 -16.70 -15.51 -24.04
N LYS C 260 -15.60 -15.73 -23.33
CA LYS C 260 -14.38 -14.98 -23.52
C LYS C 260 -13.33 -15.84 -24.22
N ILE C 261 -12.72 -15.29 -25.27
CA ILE C 261 -11.58 -15.91 -25.91
C ILE C 261 -10.33 -15.18 -25.41
N LYS C 262 -9.48 -15.92 -24.71
CA LYS C 262 -8.24 -15.37 -24.20
C LYS C 262 -7.15 -15.45 -25.27
N ILE C 263 -6.43 -14.34 -25.46
CA ILE C 263 -5.41 -14.25 -26.49
C ILE C 263 -4.05 -14.26 -25.83
N TYR C 264 -3.26 -15.29 -26.14
CA TYR C 264 -1.93 -15.47 -25.58
C TYR C 264 -0.89 -15.19 -26.65
N PHE C 265 0.10 -14.37 -26.34
CA PHE C 265 1.24 -14.17 -27.21
C PHE C 265 2.49 -14.68 -26.49
N ASP C 266 3.19 -15.61 -27.14
CA ASP C 266 4.44 -16.16 -26.61
C ASP C 266 5.51 -16.04 -27.68
N SER C 267 6.66 -15.48 -27.29
CA SER C 267 7.80 -15.34 -28.20
C SER C 267 8.98 -16.10 -27.60
N ASP C 268 9.49 -17.08 -28.34
CA ASP C 268 10.64 -17.87 -27.93
C ASP C 268 11.83 -17.44 -28.77
N ALA C 269 12.81 -16.78 -28.14
CA ALA C 269 13.95 -16.22 -28.83
C ALA C 269 15.18 -17.07 -28.58
N LYS C 270 15.89 -17.43 -29.65
CA LYS C 270 17.15 -18.14 -29.56
C LYS C 270 18.20 -17.41 -30.40
N ILE C 271 19.45 -17.53 -29.99
CA ILE C 271 20.56 -16.88 -30.68
C ILE C 271 21.05 -17.81 -31.78
N GLU C 272 20.95 -17.35 -33.02
CA GLU C 272 21.46 -18.07 -34.17
C GLU C 272 22.76 -17.42 -34.64
N GLU C 273 23.29 -17.88 -35.76
CA GLU C 273 24.51 -17.33 -36.34
C GLU C 273 24.14 -16.29 -37.38
N CYS C 274 24.91 -15.21 -37.43
CA CYS C 274 24.65 -14.14 -38.39
C CYS C 274 25.12 -14.54 -39.78
N LYS C 275 24.22 -15.10 -40.58
CA LYS C 275 24.58 -15.59 -41.91
C LYS C 275 24.62 -14.48 -42.96
N ASP C 276 23.88 -13.39 -42.75
CA ASP C 276 23.86 -12.26 -43.69
C ASP C 276 24.11 -10.97 -42.91
N LEU C 277 25.39 -10.63 -42.75
CA LEU C 277 25.79 -9.42 -42.04
C LEU C 277 27.21 -9.06 -42.40
N ASN C 278 27.44 -7.77 -42.66
CA ASN C 278 28.77 -7.25 -42.97
C ASN C 278 28.94 -5.93 -42.22
N ILE C 279 29.49 -6.02 -41.02
CA ILE C 279 29.78 -4.81 -40.21
C ILE C 279 31.19 -4.39 -40.56
N PHE C 280 31.31 -3.66 -41.68
CA PHE C 280 32.58 -3.20 -42.25
C PHE C 280 33.76 -4.17 -42.03
N ASN C 286 35.51 -11.01 -24.23
CA ASN C 286 36.03 -12.21 -24.94
C ASN C 286 35.49 -13.48 -24.27
N ALA C 287 34.89 -14.39 -25.05
CA ALA C 287 34.40 -15.67 -24.50
C ALA C 287 35.58 -16.37 -23.82
N GLN C 288 36.76 -16.29 -24.43
CA GLN C 288 37.97 -16.90 -23.82
C GLN C 288 38.17 -16.29 -22.42
N TYR C 289 38.03 -14.97 -22.29
CA TYR C 289 38.36 -14.35 -20.97
C TYR C 289 37.18 -14.35 -20.00
N VAL C 290 36.14 -15.13 -20.30
CA VAL C 290 35.01 -15.28 -19.33
C VAL C 290 35.01 -16.78 -19.04
N LEU C 291 35.79 -17.55 -19.79
CA LEU C 291 35.94 -18.96 -19.49
C LEU C 291 37.18 -19.27 -18.69
N VAL C 292 38.14 -18.34 -18.64
CA VAL C 292 39.31 -18.52 -17.78
C VAL C 292 39.06 -17.93 -16.39
N PHE C 293 38.24 -16.89 -16.30
CA PHE C 293 37.84 -16.39 -14.99
C PHE C 293 36.95 -17.39 -14.27
N ASP C 294 36.06 -18.06 -15.00
CA ASP C 294 35.26 -19.13 -14.40
C ASP C 294 36.13 -20.30 -13.97
N ALA C 295 37.14 -20.64 -14.78
CA ALA C 295 38.05 -21.71 -14.41
C ALA C 295 38.83 -21.37 -13.15
N PHE C 296 39.23 -20.10 -13.01
CA PHE C 296 39.90 -19.67 -11.78
C PHE C 296 38.98 -19.83 -10.57
N VAL C 297 37.72 -19.45 -10.70
CA VAL C 297 36.77 -19.60 -9.60
C VAL C 297 36.61 -21.07 -9.23
N ILE C 298 36.57 -21.94 -10.24
CA ILE C 298 36.49 -23.38 -9.96
C ILE C 298 37.73 -23.86 -9.23
N VAL C 299 38.91 -23.36 -9.62
CA VAL C 299 40.16 -23.77 -8.99
C VAL C 299 40.18 -23.36 -7.52
N ILE C 300 39.80 -22.11 -7.24
CA ILE C 300 39.80 -21.64 -5.87
C ILE C 300 38.80 -22.42 -5.03
N CYS C 301 37.62 -22.70 -5.58
CA CYS C 301 36.60 -23.44 -4.83
C CYS C 301 36.99 -24.90 -4.67
N LEU C 302 37.65 -25.49 -5.67
CA LEU C 302 38.11 -26.87 -5.54
C LEU C 302 39.18 -27.00 -4.46
N ALA C 303 40.09 -26.03 -4.38
CA ALA C 303 41.09 -26.03 -3.32
C ALA C 303 40.44 -25.91 -1.94
N SER C 304 39.42 -25.05 -1.83
CA SER C 304 38.75 -24.86 -0.55
C SER C 304 38.01 -26.12 -0.12
N LEU C 305 37.47 -26.88 -1.08
CA LEU C 305 36.86 -28.17 -0.75
C LEU C 305 37.88 -29.14 -0.17
N ILE C 306 39.10 -29.15 -0.72
CA ILE C 306 40.12 -30.09 -0.28
C ILE C 306 40.61 -29.72 1.12
N LEU C 307 40.85 -28.43 1.36
CA LEU C 307 41.30 -27.98 2.67
C LEU C 307 40.24 -28.23 3.74
N CYS C 308 38.99 -27.88 3.44
CA CYS C 308 37.92 -28.03 4.44
C CYS C 308 37.60 -29.50 4.70
N THR C 309 37.65 -30.34 3.68
CA THR C 309 37.43 -31.77 3.89
C THR C 309 38.55 -32.37 4.74
N ARG C 310 39.78 -31.88 4.56
CA ARG C 310 40.89 -32.31 5.41
C ARG C 310 40.59 -32.02 6.87
N SER C 311 40.16 -30.79 7.17
CA SER C 311 39.89 -30.40 8.55
C SER C 311 38.81 -31.27 9.18
N ILE C 312 37.70 -31.47 8.47
CA ILE C 312 36.59 -32.26 9.00
C ILE C 312 37.05 -33.67 9.32
N VAL C 313 37.87 -34.26 8.44
CA VAL C 313 38.39 -35.59 8.70
C VAL C 313 39.37 -35.57 9.86
N LEU C 314 40.29 -34.60 9.86
CA LEU C 314 41.28 -34.53 10.93
C LEU C 314 40.65 -34.16 12.27
N ALA C 315 39.57 -33.38 12.25
CA ALA C 315 38.88 -33.06 13.49
C ALA C 315 38.27 -34.30 14.12
N LEU C 316 37.71 -35.19 13.30
CA LEU C 316 37.13 -36.42 13.82
C LEU C 316 38.20 -37.29 14.47
N ARG C 317 39.40 -37.34 13.89
CA ARG C 317 40.48 -38.11 14.49
C ARG C 317 40.88 -37.53 15.84
N LEU C 318 40.87 -36.21 15.97
CA LEU C 318 41.17 -35.58 17.25
C LEU C 318 40.15 -35.94 18.31
N ARG C 319 38.86 -36.01 17.91
CA ARG C 319 37.82 -36.42 18.84
C ARG C 319 38.05 -37.84 19.33
N LYS C 320 38.45 -38.74 18.42
CA LYS C 320 38.73 -40.11 18.80
C LYS C 320 39.87 -40.19 19.81
N ARG C 321 40.93 -39.42 19.57
CA ARG C 321 42.08 -39.44 20.47
C ARG C 321 41.74 -38.92 21.86
N PHE C 322 40.77 -38.01 21.97
CA PHE C 322 40.38 -37.44 23.26
C PHE C 322 39.29 -38.26 23.95
N LEU C 323 38.38 -38.86 23.18
CA LEU C 323 37.37 -39.73 23.76
C LEU C 323 38.01 -40.97 24.38
N ASN C 324 39.00 -41.55 23.70
CA ASN C 324 39.68 -42.73 24.22
C ASN C 324 40.37 -42.44 25.55
N PHE C 325 41.03 -41.28 25.65
CA PHE C 325 41.68 -40.90 26.89
C PHE C 325 40.67 -40.68 28.00
N PHE C 326 39.54 -40.06 27.69
CA PHE C 326 38.56 -39.71 28.72
C PHE C 326 38.01 -40.98 29.38
N LEU C 327 37.72 -42.00 28.58
CA LEU C 327 37.33 -43.30 29.13
C LEU C 327 38.48 -43.94 29.93
N GLU C 328 39.73 -43.60 29.61
CA GLU C 328 40.87 -44.20 30.31
C GLU C 328 41.04 -43.59 31.70
N LYS C 329 41.28 -42.27 31.75
CA LYS C 329 41.50 -41.60 33.03
C LYS C 329 40.21 -41.55 33.85
N TYR C 330 39.17 -40.93 33.32
CA TYR C 330 37.90 -40.83 34.02
C TYR C 330 37.00 -41.98 33.64
N TRP C 340 30.73 -32.73 19.37
CA TRP C 340 30.06 -31.61 18.66
C TRP C 340 31.00 -30.41 18.64
N GLU C 341 31.72 -30.19 19.74
CA GLU C 341 32.73 -29.11 19.76
C GLU C 341 33.87 -29.60 18.86
N PHE C 342 33.65 -30.72 18.21
CA PHE C 342 34.66 -31.26 17.26
C PHE C 342 34.11 -31.10 15.84
N ILE C 343 32.80 -31.24 15.65
CA ILE C 343 32.19 -31.06 14.34
C ILE C 343 31.92 -29.58 14.11
N ASN C 344 32.43 -29.04 13.00
CA ASN C 344 32.24 -27.65 12.64
C ASN C 344 31.21 -27.59 11.52
N GLY C 345 30.04 -27.04 11.82
CA GLY C 345 29.02 -26.87 10.81
C GLY C 345 29.29 -25.74 9.85
N TRP C 346 30.20 -24.84 10.19
CA TRP C 346 30.59 -23.80 9.26
C TRP C 346 31.35 -24.37 8.07
N TYR C 347 32.19 -25.38 8.30
CA TYR C 347 32.86 -26.05 7.19
C TYR C 347 31.90 -26.91 6.37
N VAL C 348 30.84 -27.44 6.99
CA VAL C 348 29.81 -28.10 6.21
C VAL C 348 29.12 -27.12 5.29
N LEU C 349 28.95 -25.87 5.74
CA LEU C 349 28.42 -24.81 4.90
C LEU C 349 29.39 -24.41 3.80
N VAL C 350 30.69 -24.35 4.11
CA VAL C 350 31.69 -24.00 3.10
C VAL C 350 31.74 -25.06 2.00
N ILE C 351 31.63 -26.33 2.38
CA ILE C 351 31.65 -27.40 1.38
C ILE C 351 30.48 -27.27 0.42
N ILE C 352 29.28 -27.01 0.95
CA ILE C 352 28.10 -26.83 0.11
C ILE C 352 28.26 -25.61 -0.76
N SER C 353 28.83 -24.53 -0.22
CA SER C 353 29.08 -23.33 -1.01
C SER C 353 30.00 -23.64 -2.18
N ASP C 354 31.06 -24.38 -1.93
CA ASP C 354 32.02 -24.71 -2.97
C ASP C 354 31.38 -25.59 -4.04
N LEU C 355 30.60 -26.58 -3.62
CA LEU C 355 29.93 -27.44 -4.59
C LEU C 355 28.96 -26.66 -5.45
N MET C 356 28.16 -25.79 -4.84
CA MET C 356 27.22 -24.99 -5.61
C MET C 356 27.94 -24.03 -6.55
N THR C 357 29.05 -23.45 -6.11
CA THR C 357 29.82 -22.56 -6.97
C THR C 357 30.39 -23.31 -8.17
N ILE C 358 30.93 -24.50 -7.94
CA ILE C 358 31.48 -25.28 -9.05
C ILE C 358 30.38 -25.65 -10.04
N ILE C 359 29.23 -26.10 -9.53
CA ILE C 359 28.13 -26.46 -10.41
C ILE C 359 27.65 -25.24 -11.19
N GLY C 360 27.53 -24.09 -10.52
CA GLY C 360 27.10 -22.88 -11.21
C GLY C 360 28.07 -22.43 -12.27
N SER C 361 29.36 -22.49 -11.97
CA SER C 361 30.37 -22.10 -12.96
C SER C 361 30.37 -23.05 -14.16
N ILE C 362 30.22 -24.35 -13.90
CA ILE C 362 30.14 -25.30 -15.00
C ILE C 362 28.88 -25.09 -15.84
N LEU C 363 27.74 -24.83 -15.21
CA LEU C 363 26.51 -24.54 -15.95
C LEU C 363 26.61 -23.26 -16.74
N LYS C 364 27.27 -22.24 -16.21
CA LYS C 364 27.47 -20.98 -16.92
C LYS C 364 28.43 -21.12 -18.10
N MET C 365 29.51 -21.89 -17.94
CA MET C 365 30.38 -22.17 -19.06
C MET C 365 29.67 -22.96 -20.14
N GLU C 366 28.84 -23.93 -19.74
CA GLU C 366 28.04 -24.67 -20.71
C GLU C 366 27.04 -23.75 -21.41
N ILE C 367 26.45 -22.82 -20.67
CA ILE C 367 25.48 -21.89 -21.25
C ILE C 367 26.14 -21.02 -22.31
N LYS C 368 27.32 -20.47 -22.00
CA LYS C 368 27.99 -19.62 -22.97
C LYS C 368 28.53 -20.43 -24.14
N ALA C 369 28.98 -21.66 -23.89
CA ALA C 369 29.62 -22.46 -24.93
C ALA C 369 28.66 -22.85 -26.04
N LYS C 370 27.39 -23.13 -25.72
CA LYS C 370 26.41 -23.49 -26.74
C LYS C 370 25.34 -22.41 -26.91
N ASN C 371 25.60 -21.20 -26.43
CA ASN C 371 24.77 -20.02 -26.67
C ASN C 371 23.32 -20.26 -26.24
N LEU C 372 23.16 -20.49 -24.94
CA LEU C 372 21.83 -20.63 -24.34
C LEU C 372 21.39 -19.30 -23.75
N THR C 373 20.07 -19.20 -23.51
CA THR C 373 19.48 -17.96 -22.99
C THR C 373 18.58 -18.21 -21.79
N ASN C 374 18.73 -19.35 -21.12
CA ASN C 374 18.01 -19.63 -19.89
C ASN C 374 19.03 -19.82 -18.78
N TYR C 375 18.97 -18.96 -17.77
CA TYR C 375 19.96 -18.95 -16.69
C TYR C 375 19.34 -19.18 -15.32
N ASP C 376 18.09 -19.64 -15.25
CA ASP C 376 17.41 -19.74 -13.96
C ASP C 376 18.17 -20.67 -13.01
N LEU C 377 18.57 -21.85 -13.49
CA LEU C 377 19.28 -22.78 -12.62
C LEU C 377 20.67 -22.26 -12.27
N CYS C 378 21.40 -21.76 -13.27
CA CYS C 378 22.74 -21.25 -13.02
C CYS C 378 22.71 -20.04 -12.10
N SER C 379 21.75 -19.14 -12.30
CA SER C 379 21.62 -17.98 -11.43
C SER C 379 21.28 -18.40 -10.01
N ILE C 380 20.43 -19.41 -9.84
CA ILE C 380 20.10 -19.90 -8.50
C ILE C 380 21.35 -20.44 -7.82
N PHE C 381 22.13 -21.27 -8.53
CA PHE C 381 23.34 -21.83 -7.93
C PHE C 381 24.32 -20.73 -7.55
N LEU C 382 24.57 -19.79 -8.47
CA LEU C 382 25.54 -18.73 -8.20
C LEU C 382 25.09 -17.82 -7.06
N GLY C 383 23.81 -17.45 -7.05
CA GLY C 383 23.31 -16.58 -6.00
C GLY C 383 23.32 -17.23 -4.63
N THR C 384 22.91 -18.50 -4.57
CA THR C 384 22.95 -19.20 -3.28
C THR C 384 24.37 -19.39 -2.80
N SER C 385 25.30 -19.66 -3.72
CA SER C 385 26.71 -19.78 -3.34
C SER C 385 27.25 -18.45 -2.81
N THR C 386 26.90 -17.34 -3.44
CA THR C 386 27.35 -16.04 -2.96
C THR C 386 26.75 -15.71 -1.60
N LEU C 387 25.46 -15.99 -1.43
CA LEU C 387 24.82 -15.82 -0.12
C LEU C 387 25.56 -16.62 0.95
N LEU C 388 25.85 -17.88 0.66
CA LEU C 388 26.50 -18.72 1.66
C LEU C 388 27.94 -18.28 1.91
N VAL C 389 28.61 -17.74 0.90
CA VAL C 389 29.96 -17.22 1.10
C VAL C 389 29.92 -16.02 2.06
N TRP C 390 29.02 -15.08 1.82
CA TRP C 390 28.94 -13.91 2.70
C TRP C 390 28.49 -14.31 4.11
N VAL C 391 27.65 -15.34 4.22
CA VAL C 391 27.24 -15.81 5.54
C VAL C 391 28.40 -16.50 6.25
N GLY C 392 29.22 -17.27 5.51
CA GLY C 392 30.36 -17.94 6.12
C GLY C 392 31.50 -17.00 6.46
N VAL C 393 31.45 -15.76 5.97
CA VAL C 393 32.36 -14.74 6.48
C VAL C 393 32.23 -14.56 7.99
N ILE C 394 31.06 -14.87 8.57
CA ILE C 394 30.81 -14.62 9.98
C ILE C 394 31.65 -15.54 10.86
N ARG C 395 32.01 -16.72 10.34
CA ARG C 395 32.90 -17.60 11.09
C ARG C 395 34.19 -16.90 11.50
N TYR C 396 34.70 -16.02 10.64
CA TYR C 396 35.96 -15.32 10.90
C TYR C 396 35.73 -14.03 11.66
N LEU C 397 34.55 -13.94 12.28
CA LEU C 397 34.31 -12.93 13.32
C LEU C 397 33.68 -13.57 14.56
N GLY C 398 33.46 -14.88 14.54
CA GLY C 398 32.82 -15.55 15.66
C GLY C 398 33.70 -15.85 16.87
N TYR C 399 35.00 -16.10 16.66
CA TYR C 399 35.89 -16.23 17.81
C TYR C 399 35.97 -14.92 18.61
N PHE C 400 35.78 -13.78 17.95
CA PHE C 400 35.86 -12.51 18.65
C PHE C 400 34.88 -12.48 19.81
N GLN C 401 35.33 -11.90 20.93
CA GLN C 401 34.64 -12.06 22.20
C GLN C 401 33.28 -11.37 22.25
N ALA C 402 33.02 -10.42 21.34
CA ALA C 402 31.78 -9.66 21.38
C ALA C 402 31.10 -9.58 20.01
N TYR C 403 31.44 -10.49 19.09
CA TYR C 403 30.83 -10.54 17.78
C TYR C 403 29.97 -11.78 17.57
N ASN C 404 29.79 -12.60 18.61
CA ASN C 404 29.15 -13.90 18.47
C ASN C 404 27.79 -13.99 19.16
N VAL C 405 27.21 -12.87 19.57
CA VAL C 405 25.93 -12.94 20.31
C VAL C 405 24.83 -13.50 19.42
N LEU C 406 24.89 -13.19 18.12
CA LEU C 406 23.82 -13.63 17.21
C LEU C 406 23.81 -15.13 17.04
N ILE C 407 24.96 -15.73 16.76
CA ILE C 407 25.02 -17.18 16.53
C ILE C 407 24.75 -17.94 17.81
N LEU C 408 25.29 -17.45 18.93
CA LEU C 408 25.02 -18.10 20.22
C LEU C 408 23.53 -18.04 20.56
N THR C 409 22.90 -16.89 20.32
CA THR C 409 21.47 -16.77 20.55
C THR C 409 20.68 -17.70 19.63
N MET C 410 21.10 -17.83 18.37
CA MET C 410 20.43 -18.74 17.46
C MET C 410 20.52 -20.18 17.96
N GLN C 411 21.70 -20.60 18.40
CA GLN C 411 21.86 -21.96 18.92
C GLN C 411 21.03 -22.19 20.17
N ALA C 412 20.99 -21.20 21.07
CA ALA C 412 20.18 -21.31 22.28
C ALA C 412 18.70 -21.43 21.91
N SER C 413 18.20 -20.51 21.09
CA SER C 413 16.79 -20.43 20.74
C SER C 413 16.28 -21.65 20.01
N LEU C 414 17.02 -22.12 19.00
CA LEU C 414 16.56 -23.08 18.00
C LEU C 414 15.66 -24.19 18.55
N PRO C 415 16.05 -24.90 19.63
CA PRO C 415 15.13 -25.92 20.18
C PRO C 415 13.77 -25.36 20.57
N LYS C 416 13.79 -24.32 21.41
CA LYS C 416 12.54 -23.72 21.89
C LYS C 416 11.75 -23.11 20.74
N VAL C 417 12.43 -22.44 19.81
CA VAL C 417 11.75 -21.83 18.67
C VAL C 417 11.07 -22.90 17.82
N LEU C 418 11.77 -24.00 17.55
CA LEU C 418 11.17 -25.08 16.77
C LEU C 418 9.98 -25.69 17.49
N ARG C 419 10.09 -25.90 18.80
CA ARG C 419 8.98 -26.46 19.55
C ARG C 419 7.77 -25.53 19.53
N PHE C 420 8.02 -24.22 19.64
CA PHE C 420 6.92 -23.25 19.61
C PHE C 420 6.22 -23.25 18.25
N CYS C 421 7.00 -23.31 17.17
CA CYS C 421 6.44 -23.23 15.84
C CYS C 421 5.57 -24.43 15.49
N ALA C 422 5.68 -25.53 16.25
CA ALA C 422 4.83 -26.69 16.00
C ALA C 422 3.38 -26.38 16.33
N CYS C 423 3.13 -25.82 17.53
CA CYS C 423 1.76 -25.52 17.93
C CYS C 423 1.18 -24.38 17.08
N ALA C 424 1.97 -23.34 16.84
CA ALA C 424 1.50 -22.23 16.00
C ALA C 424 1.27 -22.69 14.58
N GLY C 425 2.05 -23.66 14.11
CA GLY C 425 1.88 -24.16 12.75
C GLY C 425 0.55 -24.83 12.53
N MET C 426 0.05 -25.58 13.52
CA MET C 426 -1.24 -26.24 13.39
C MET C 426 -2.36 -25.23 13.27
N ILE C 427 -2.34 -24.18 14.09
CA ILE C 427 -3.35 -23.12 14.01
C ILE C 427 -3.24 -22.41 12.68
N TYR C 428 -2.03 -22.15 12.22
CA TYR C 428 -1.82 -21.49 10.93
C TYR C 428 -2.39 -22.32 9.79
N LEU C 429 -2.16 -23.63 9.82
CA LEU C 429 -2.69 -24.50 8.76
C LEU C 429 -4.21 -24.57 8.80
N GLY C 430 -4.80 -24.66 10.00
CA GLY C 430 -6.24 -24.65 10.10
C GLY C 430 -6.85 -23.36 9.57
N TYR C 431 -6.25 -22.23 9.92
CA TYR C 431 -6.73 -20.94 9.41
C TYR C 431 -6.56 -20.86 7.90
N THR C 432 -5.46 -21.41 7.37
CA THR C 432 -5.25 -21.40 5.92
C THR C 432 -6.35 -22.17 5.20
N PHE C 433 -6.64 -23.39 5.67
CA PHE C 433 -7.69 -24.18 5.04
C PHE C 433 -9.05 -23.51 5.16
N CYS C 434 -9.37 -22.98 6.35
CA CYS C 434 -10.66 -22.33 6.54
C CYS C 434 -10.82 -21.10 5.64
N GLY C 435 -9.79 -20.25 5.59
CA GLY C 435 -9.85 -19.09 4.74
C GLY C 435 -9.91 -19.39 3.26
N TRP C 436 -9.19 -20.41 2.81
CA TRP C 436 -9.29 -20.78 1.41
C TRP C 436 -10.67 -21.32 1.07
N ILE C 437 -11.25 -22.14 1.96
CA ILE C 437 -12.55 -22.74 1.63
C ILE C 437 -13.68 -21.72 1.71
N VAL C 438 -13.63 -20.76 2.62
CA VAL C 438 -14.73 -19.83 2.83
C VAL C 438 -14.54 -18.55 2.04
N LEU C 439 -13.40 -17.88 2.20
CA LEU C 439 -13.18 -16.58 1.57
C LEU C 439 -12.55 -16.69 0.19
N GLY C 440 -12.29 -17.90 -0.28
CA GLY C 440 -11.68 -18.10 -1.58
C GLY C 440 -12.52 -17.63 -2.75
N PRO C 441 -13.81 -17.99 -2.78
CA PRO C 441 -14.67 -17.48 -3.86
C PRO C 441 -14.86 -15.97 -3.84
N TYR C 442 -14.62 -15.29 -2.72
CA TYR C 442 -15.00 -13.89 -2.57
C TYR C 442 -13.82 -12.99 -2.27
N HIS C 443 -12.59 -13.47 -2.36
CA HIS C 443 -11.42 -12.63 -2.00
C HIS C 443 -10.30 -13.14 -2.87
N ASP C 444 -9.48 -12.24 -3.39
CA ASP C 444 -8.41 -12.61 -4.33
C ASP C 444 -7.11 -12.83 -3.59
N LYS C 445 -7.13 -12.58 -2.29
CA LYS C 445 -5.94 -12.85 -1.45
C LYS C 445 -6.18 -14.21 -0.80
N PHE C 446 -7.28 -14.86 -1.12
CA PHE C 446 -7.59 -16.16 -0.55
C PHE C 446 -7.96 -17.17 -1.62
N GLU C 447 -7.58 -16.89 -2.87
CA GLU C 447 -8.02 -17.70 -4.00
C GLU C 447 -7.35 -19.07 -4.03
N ASN C 448 -6.04 -19.12 -3.82
CA ASN C 448 -5.28 -20.36 -3.78
C ASN C 448 -4.67 -20.56 -2.40
N LEU C 449 -4.38 -21.81 -2.06
CA LEU C 449 -3.89 -22.12 -0.72
C LEU C 449 -2.56 -21.45 -0.41
N ASN C 450 -1.64 -21.40 -1.36
CA ASN C 450 -0.40 -20.66 -1.17
C ASN C 450 -0.64 -19.16 -1.07
N THR C 451 -1.61 -18.62 -1.81
CA THR C 451 -1.97 -17.22 -1.65
C THR C 451 -2.54 -16.96 -0.26
N VAL C 452 -3.33 -17.89 0.26
CA VAL C 452 -3.86 -17.76 1.63
C VAL C 452 -2.70 -17.76 2.62
N ALA C 453 -1.73 -18.65 2.42
CA ALA C 453 -0.58 -18.71 3.32
C ALA C 453 0.21 -17.40 3.29
N GLU C 454 0.44 -16.87 2.10
CA GLU C 454 1.17 -15.60 1.98
C GLU C 454 0.41 -14.46 2.63
N CYS C 455 -0.91 -14.40 2.40
CA CYS C 455 -1.73 -13.35 3.01
C CYS C 455 -1.70 -13.45 4.53
N LEU C 456 -1.80 -14.67 5.06
CA LEU C 456 -1.78 -14.83 6.51
C LEU C 456 -0.43 -14.45 7.10
N PHE C 457 0.66 -14.80 6.41
CA PHE C 457 1.99 -14.43 6.89
C PHE C 457 2.15 -12.91 6.90
N SER C 458 1.70 -12.25 5.83
CA SER C 458 1.77 -10.79 5.79
C SER C 458 0.89 -10.15 6.86
N LEU C 459 -0.28 -10.75 7.13
CA LEU C 459 -1.15 -10.23 8.19
C LEU C 459 -0.50 -10.37 9.56
N VAL C 460 0.21 -11.48 9.78
CA VAL C 460 1.00 -11.63 11.01
C VAL C 460 2.04 -10.53 11.09
N ASN C 461 2.62 -10.16 9.95
CA ASN C 461 3.54 -9.02 9.92
C ASN C 461 2.83 -7.69 9.71
N GLY C 462 1.51 -7.66 9.85
CA GLY C 462 0.76 -6.41 9.83
C GLY C 462 0.75 -5.67 8.50
N ASP C 463 0.55 -6.39 7.39
CA ASP C 463 0.63 -5.78 6.05
C ASP C 463 -0.71 -5.88 5.33
N ASP C 464 -1.18 -4.78 4.73
CA ASP C 464 -2.43 -4.75 3.93
C ASP C 464 -3.61 -5.23 4.76
N MET C 465 -3.75 -4.76 5.99
CA MET C 465 -4.81 -5.23 6.89
C MET C 465 -6.14 -4.57 6.51
N PHE C 466 -6.12 -3.30 6.12
CA PHE C 466 -7.37 -2.65 5.75
C PHE C 466 -7.87 -3.09 4.39
N ALA C 467 -6.97 -3.28 3.42
CA ALA C 467 -7.39 -3.80 2.12
C ALA C 467 -7.95 -5.22 2.24
N THR C 468 -7.35 -6.05 3.10
CA THR C 468 -7.87 -7.39 3.34
C THR C 468 -9.25 -7.34 3.98
N PHE C 469 -9.45 -6.43 4.94
CA PHE C 469 -10.78 -6.29 5.54
C PHE C 469 -11.81 -5.76 4.55
N ALA C 470 -11.43 -4.81 3.72
CA ALA C 470 -12.38 -4.06 2.91
C ALA C 470 -12.60 -4.66 1.53
N GLN C 471 -11.82 -5.66 1.13
CA GLN C 471 -11.94 -6.21 -0.21
C GLN C 471 -13.00 -7.32 -0.29
N ILE C 472 -13.72 -7.57 0.80
CA ILE C 472 -14.82 -8.53 0.83
C ILE C 472 -16.12 -7.75 0.69
N GLN C 473 -16.95 -8.15 -0.27
CA GLN C 473 -18.21 -7.48 -0.57
C GLN C 473 -19.30 -7.97 0.37
N GLN C 474 -20.17 -7.05 0.80
CA GLN C 474 -21.24 -7.35 1.73
C GLN C 474 -22.51 -7.84 1.04
N LYS C 475 -22.41 -8.30 -0.21
CA LYS C 475 -23.57 -8.87 -0.88
C LYS C 475 -24.05 -10.12 -0.16
N SER C 476 -23.13 -10.98 0.26
CA SER C 476 -23.44 -12.10 1.14
C SER C 476 -23.13 -11.69 2.57
N ILE C 477 -24.15 -11.65 3.42
CA ILE C 477 -23.94 -11.18 4.78
C ILE C 477 -23.33 -12.26 5.66
N LEU C 478 -23.65 -13.53 5.40
CA LEU C 478 -23.07 -14.62 6.18
C LEU C 478 -21.57 -14.70 5.95
N VAL C 479 -21.14 -14.66 4.69
CA VAL C 479 -19.72 -14.72 4.37
C VAL C 479 -19.01 -13.48 4.89
N TRP C 480 -19.66 -12.31 4.82
CA TRP C 480 -19.06 -11.09 5.32
C TRP C 480 -18.84 -11.15 6.83
N LEU C 481 -19.86 -11.61 7.57
CA LEU C 481 -19.71 -11.75 9.02
C LEU C 481 -18.63 -12.77 9.38
N PHE C 482 -18.61 -13.90 8.67
CA PHE C 482 -17.58 -14.89 8.92
C PHE C 482 -16.19 -14.33 8.61
N SER C 483 -16.07 -13.54 7.55
CA SER C 483 -14.78 -12.96 7.21
C SER C 483 -14.30 -12.02 8.30
N ARG C 484 -15.21 -11.20 8.84
CA ARG C 484 -14.83 -10.31 9.94
C ARG C 484 -14.38 -11.10 11.16
N LEU C 485 -15.15 -12.12 11.54
CA LEU C 485 -14.77 -12.94 12.70
C LEU C 485 -13.43 -13.63 12.47
N TYR C 486 -13.26 -14.23 11.30
CA TYR C 486 -12.03 -14.91 10.92
C TYR C 486 -10.82 -13.99 11.00
N LEU C 487 -10.90 -12.83 10.35
CA LEU C 487 -9.78 -11.90 10.31
C LEU C 487 -9.45 -11.36 11.68
N TYR C 488 -10.39 -10.96 12.49
CA TYR C 488 -10.10 -10.40 13.83
C TYR C 488 -9.56 -11.44 14.77
N SER C 489 -9.96 -12.69 14.68
CA SER C 489 -9.47 -13.82 15.52
C SER C 489 -8.03 -14.21 15.20
N PHE C 490 -7.60 -14.16 13.94
CA PHE C 490 -6.25 -14.52 13.52
C PHE C 490 -5.43 -13.38 13.84
N ILE C 491 -5.82 -12.20 13.41
CA ILE C 491 -4.88 -11.11 13.69
C ILE C 491 -4.62 -11.01 15.18
N SER C 492 -5.69 -10.96 15.98
CA SER C 492 -5.54 -10.84 17.42
C SER C 492 -4.67 -11.96 17.97
N LEU C 493 -5.18 -13.20 17.88
CA LEU C 493 -4.47 -14.35 18.41
C LEU C 493 -3.02 -14.39 17.93
N PHE C 494 -2.83 -14.54 16.62
CA PHE C 494 -1.49 -14.74 16.11
C PHE C 494 -0.58 -13.57 16.46
N ILE C 495 -0.87 -12.37 15.95
CA ILE C 495 0.05 -11.26 16.16
C ILE C 495 0.34 -11.16 17.65
N TYR C 496 -0.68 -10.82 18.44
CA TYR C 496 -0.39 -10.47 19.83
C TYR C 496 0.22 -11.64 20.57
N MET C 497 -0.53 -12.73 20.77
CA MET C 497 -0.05 -13.78 21.65
C MET C 497 1.18 -14.48 21.07
N ILE C 498 1.09 -14.94 19.83
CA ILE C 498 2.15 -15.78 19.29
C ILE C 498 3.42 -14.97 19.05
N LEU C 499 3.32 -13.77 18.47
CA LEU C 499 4.52 -12.98 18.27
C LEU C 499 5.14 -12.59 19.62
N SER C 500 4.31 -12.28 20.62
CA SER C 500 4.85 -12.00 21.95
C SER C 500 5.65 -13.18 22.47
N LEU C 501 5.07 -14.38 22.44
CA LEU C 501 5.74 -15.55 22.99
C LEU C 501 6.93 -16.02 22.17
N PHE C 502 7.02 -15.62 20.91
CA PHE C 502 8.14 -16.00 20.06
C PHE C 502 9.32 -15.05 20.28
N ILE C 503 9.04 -13.74 20.24
CA ILE C 503 10.07 -12.76 20.54
C ILE C 503 10.57 -12.92 21.97
N ALA C 504 9.67 -13.27 22.90
CA ALA C 504 10.06 -13.46 24.29
C ALA C 504 11.02 -14.64 24.44
N LEU C 505 10.73 -15.74 23.75
CA LEU C 505 11.65 -16.88 23.78
C LEU C 505 13.02 -16.51 23.23
N ILE C 506 13.04 -15.78 22.12
CA ILE C 506 14.33 -15.37 21.54
C ILE C 506 15.09 -14.47 22.52
N THR C 507 14.39 -13.52 23.13
CA THR C 507 15.04 -12.57 24.05
C THR C 507 15.54 -13.26 25.31
N ASP C 508 14.79 -14.23 25.85
CA ASP C 508 15.27 -14.94 27.03
C ASP C 508 16.46 -15.82 26.69
N SER C 509 16.48 -16.40 25.49
CA SER C 509 17.68 -17.12 25.07
C SER C 509 18.87 -16.18 24.96
N TYR C 510 18.66 -14.97 24.43
CA TYR C 510 19.73 -13.98 24.35
C TYR C 510 20.21 -13.59 25.75
N ASP C 511 19.28 -13.44 26.69
CA ASP C 511 19.64 -13.10 28.06
C ASP C 511 20.44 -14.20 28.73
N THR C 512 20.06 -15.46 28.52
CA THR C 512 20.83 -16.56 29.07
C THR C 512 22.23 -16.60 28.47
N ILE C 513 22.35 -16.36 27.16
CA ILE C 513 23.67 -16.32 26.54
C ILE C 513 24.51 -15.19 27.14
N LYS C 514 23.94 -14.03 27.43
CA LYS C 514 24.79 -12.89 27.91
C LYS C 514 25.25 -13.13 29.36
N LYS C 515 24.45 -13.80 30.18
CA LYS C 515 24.81 -13.97 31.62
C LYS C 515 25.94 -14.99 31.74
N PHE C 516 25.99 -15.98 30.85
CA PHE C 516 27.12 -16.94 30.83
C PHE C 516 28.36 -16.19 30.44
N GLN C 517 28.23 -15.28 29.48
CA GLN C 517 29.38 -14.47 29.01
C GLN C 517 29.87 -13.63 30.19
N GLN C 518 28.96 -13.20 31.05
CA GLN C 518 29.34 -12.26 32.14
C GLN C 518 29.83 -13.07 33.37
N ASN C 519 29.52 -14.35 33.44
CA ASN C 519 30.01 -15.20 34.55
C ASN C 519 31.32 -15.86 34.12
N MET D 36 -8.59 -51.64 49.95
CA MET D 36 -7.74 -50.84 49.09
C MET D 36 -8.55 -50.01 48.11
N LYS D 37 -9.68 -49.49 48.58
CA LYS D 37 -10.48 -48.59 47.74
C LYS D 37 -9.75 -47.28 47.49
N GLU D 38 -8.98 -46.81 48.48
CA GLU D 38 -8.12 -45.64 48.25
C GLU D 38 -7.03 -45.95 47.24
N GLU D 39 -6.46 -47.16 47.31
CA GLU D 39 -5.49 -47.59 46.30
C GLU D 39 -6.12 -47.53 44.91
N CYS D 40 -7.33 -48.08 44.76
CA CYS D 40 -8.03 -48.06 43.49
C CYS D 40 -8.26 -46.64 43.00
N LEU D 41 -8.75 -45.77 43.89
CA LEU D 41 -9.05 -44.40 43.51
C LEU D 41 -7.78 -43.65 43.07
N ARG D 42 -6.71 -43.80 43.83
CA ARG D 42 -5.48 -43.07 43.48
C ARG D 42 -4.82 -43.65 42.23
N GLU D 43 -4.94 -44.96 42.01
CA GLU D 43 -4.44 -45.53 40.76
C GLU D 43 -5.24 -45.02 39.57
N ASP D 44 -6.55 -44.91 39.71
CA ASP D 44 -7.37 -44.36 38.64
C ASP D 44 -7.04 -42.91 38.37
N LEU D 45 -6.80 -42.12 39.42
CA LEU D 45 -6.40 -40.73 39.24
C LEU D 45 -5.04 -40.62 38.59
N LYS D 46 -4.12 -41.53 38.90
CA LYS D 46 -2.85 -41.59 38.18
C LYS D 46 -3.07 -41.91 36.70
N PHE D 47 -3.98 -42.84 36.42
CA PHE D 47 -4.28 -43.20 35.03
C PHE D 47 -4.86 -42.02 34.27
N TYR D 48 -5.68 -41.20 34.93
CA TYR D 48 -6.40 -40.14 34.24
C TYR D 48 -5.49 -39.07 33.65
N PHE D 49 -4.32 -38.80 34.25
CA PHE D 49 -3.50 -37.67 33.86
C PHE D 49 -2.25 -38.05 33.08
N MET D 50 -1.99 -39.34 32.86
CA MET D 50 -0.79 -39.72 32.13
C MET D 50 -1.03 -39.61 30.62
N SER D 51 0.06 -39.42 29.88
CA SER D 51 -0.03 -39.22 28.45
C SER D 51 -0.58 -40.47 27.77
N PRO D 52 -1.24 -40.35 26.60
CA PRO D 52 -1.81 -41.53 25.94
C PRO D 52 -0.78 -42.61 25.67
N CYS D 53 0.47 -42.19 25.44
CA CYS D 53 1.56 -43.15 25.35
C CYS D 53 1.75 -43.90 26.67
N GLU D 54 1.67 -43.18 27.79
CA GLU D 54 1.83 -43.81 29.09
C GLU D 54 0.60 -44.61 29.48
N LYS D 55 -0.57 -44.25 28.94
CA LYS D 55 -1.79 -45.01 29.20
C LYS D 55 -1.71 -46.37 28.52
N TYR D 56 -0.80 -46.52 27.57
CA TYR D 56 -0.54 -47.80 26.92
C TYR D 56 0.43 -48.67 27.73
N ARG D 57 1.04 -48.09 28.77
CA ARG D 57 1.90 -48.84 29.68
C ARG D 57 1.19 -49.15 31.00
N ALA D 58 0.38 -48.20 31.49
CA ALA D 58 -0.34 -48.40 32.75
C ALA D 58 -1.34 -49.55 32.64
N ARG D 59 -2.08 -49.61 31.55
CA ARG D 59 -3.13 -50.62 31.39
C ARG D 59 -3.08 -51.32 30.03
N ARG D 60 -2.13 -50.97 29.17
CA ARG D 60 -1.93 -51.64 27.89
C ARG D 60 -3.21 -51.72 27.07
N GLN D 61 -3.71 -50.58 26.61
CA GLN D 61 -4.93 -50.53 25.80
C GLN D 61 -4.68 -49.66 24.57
N ILE D 62 -5.43 -49.96 23.51
CA ILE D 62 -5.26 -49.26 22.23
C ILE D 62 -5.80 -47.84 22.36
N PRO D 63 -5.07 -46.82 21.88
CA PRO D 63 -5.59 -45.45 21.92
C PRO D 63 -6.42 -45.10 20.70
N TRP D 64 -7.68 -45.52 20.67
CA TRP D 64 -8.55 -45.26 19.53
C TRP D 64 -8.73 -43.77 19.30
N LYS D 65 -8.83 -43.00 20.38
CA LYS D 65 -9.09 -41.57 20.30
C LYS D 65 -7.89 -40.79 19.77
N LEU D 66 -6.85 -41.48 19.32
CA LEU D 66 -5.73 -40.80 18.70
C LEU D 66 -5.61 -41.18 17.23
N GLY D 67 -5.71 -42.48 16.94
CA GLY D 67 -5.69 -42.93 15.57
C GLY D 67 -6.90 -42.46 14.80
N LEU D 68 -8.06 -42.56 15.45
CA LEU D 68 -9.30 -42.09 14.83
C LEU D 68 -9.28 -40.58 14.63
N GLN D 69 -8.63 -39.83 15.53
CA GLN D 69 -8.49 -38.39 15.32
C GLN D 69 -7.55 -38.08 14.17
N ILE D 70 -6.47 -38.85 14.02
CA ILE D 70 -5.60 -38.68 12.85
C ILE D 70 -6.37 -38.96 11.57
N LEU D 71 -7.19 -40.01 11.60
CA LEU D 71 -8.06 -40.32 10.47
C LEU D 71 -8.99 -39.15 10.18
N LYS D 72 -9.55 -38.53 11.22
CA LYS D 72 -10.39 -37.36 11.05
C LYS D 72 -9.63 -36.24 10.34
N ILE D 73 -8.41 -35.95 10.80
CA ILE D 73 -7.61 -34.88 10.20
C ILE D 73 -7.46 -35.16 8.70
N VAL D 74 -7.00 -36.36 8.37
CA VAL D 74 -6.70 -36.69 6.97
C VAL D 74 -7.97 -36.60 6.12
N MET D 75 -9.04 -37.23 6.59
CA MET D 75 -10.25 -37.34 5.78
C MET D 75 -10.97 -36.01 5.65
N VAL D 76 -11.04 -35.25 6.73
CA VAL D 76 -11.67 -33.93 6.68
C VAL D 76 -10.89 -32.99 5.77
N THR D 77 -9.55 -33.02 5.84
CA THR D 77 -8.78 -32.19 4.94
C THR D 77 -8.97 -32.59 3.49
N THR D 78 -9.00 -33.89 3.19
CA THR D 78 -9.24 -34.33 1.81
C THR D 78 -10.61 -33.88 1.32
N GLN D 79 -11.64 -34.04 2.16
CA GLN D 79 -12.98 -33.62 1.79
C GLN D 79 -13.03 -32.13 1.51
N LEU D 80 -12.41 -31.33 2.37
CA LEU D 80 -12.40 -29.88 2.19
C LEU D 80 -11.71 -29.50 0.88
N VAL D 81 -10.55 -30.10 0.61
CA VAL D 81 -9.81 -29.72 -0.60
C VAL D 81 -10.60 -30.08 -1.85
N ARG D 82 -11.20 -31.28 -1.87
CA ARG D 82 -11.94 -31.70 -3.06
C ARG D 82 -13.19 -30.84 -3.28
N PHE D 83 -13.92 -30.55 -2.19
CA PHE D 83 -15.05 -29.64 -2.27
C PHE D 83 -14.62 -28.28 -2.81
N GLY D 84 -13.48 -27.78 -2.31
CA GLY D 84 -13.00 -26.48 -2.76
C GLY D 84 -12.70 -26.47 -4.25
N LEU D 85 -12.04 -27.50 -4.74
CA LEU D 85 -11.70 -27.54 -6.16
C LEU D 85 -12.95 -27.57 -7.04
N SER D 86 -13.93 -28.42 -6.66
CA SER D 86 -15.14 -28.52 -7.47
C SER D 86 -15.93 -27.21 -7.47
N ASN D 87 -16.13 -26.62 -6.29
CA ASN D 87 -16.91 -25.38 -6.26
C ASN D 87 -16.14 -24.24 -6.90
N GLN D 88 -14.80 -24.29 -6.90
CA GLN D 88 -14.02 -23.33 -7.66
C GLN D 88 -14.32 -23.42 -9.14
N LEU D 89 -14.38 -24.64 -9.69
CA LEU D 89 -14.71 -24.77 -11.11
C LEU D 89 -16.08 -24.18 -11.41
N VAL D 90 -17.08 -24.52 -10.59
CA VAL D 90 -18.44 -24.03 -10.85
C VAL D 90 -18.50 -22.51 -10.77
N VAL D 91 -17.89 -21.93 -9.73
CA VAL D 91 -17.91 -20.49 -9.54
C VAL D 91 -17.20 -19.79 -10.68
N ALA D 92 -16.07 -20.36 -11.14
CA ALA D 92 -15.35 -19.76 -12.25
C ALA D 92 -16.22 -19.72 -13.50
N PHE D 93 -16.90 -20.82 -13.82
CA PHE D 93 -17.77 -20.81 -14.99
C PHE D 93 -18.84 -19.73 -14.88
N LYS D 94 -19.50 -19.66 -13.72
CA LYS D 94 -20.58 -18.68 -13.55
C LYS D 94 -20.06 -17.26 -13.67
N GLU D 95 -18.92 -16.95 -13.06
CA GLU D 95 -18.37 -15.61 -13.09
C GLU D 95 -17.94 -15.21 -14.50
N ASP D 96 -17.31 -16.14 -15.23
CA ASP D 96 -16.90 -15.81 -16.59
C ASP D 96 -18.11 -15.56 -17.49
N ASN D 97 -19.17 -16.36 -17.33
CA ASN D 97 -20.38 -16.08 -18.10
C ASN D 97 -20.97 -14.73 -17.74
N THR D 98 -20.94 -14.37 -16.45
CA THR D 98 -21.47 -13.06 -16.05
C THR D 98 -20.67 -11.92 -16.67
N VAL D 99 -19.34 -12.04 -16.68
CA VAL D 99 -18.50 -11.00 -17.28
C VAL D 99 -18.78 -10.88 -18.77
N ALA D 100 -18.91 -12.01 -19.47
CA ALA D 100 -19.27 -11.97 -20.87
C ALA D 100 -20.64 -11.35 -21.10
N PHE D 101 -21.61 -11.64 -20.23
CA PHE D 101 -22.93 -11.03 -20.34
C PHE D 101 -22.86 -9.52 -20.18
N LYS D 102 -22.07 -9.05 -19.22
CA LYS D 102 -21.92 -7.62 -19.02
C LYS D 102 -21.31 -6.95 -20.25
N HIS D 103 -20.28 -7.56 -20.82
CA HIS D 103 -19.71 -7.00 -22.05
C HIS D 103 -20.70 -7.00 -23.20
N LEU D 104 -21.47 -8.09 -23.34
CA LEU D 104 -22.44 -8.16 -24.44
C LEU D 104 -23.56 -7.13 -24.31
N PHE D 105 -24.08 -6.91 -23.10
CA PHE D 105 -25.33 -6.20 -22.96
C PHE D 105 -25.22 -4.80 -22.35
N LEU D 106 -24.12 -4.46 -21.71
CA LEU D 106 -23.97 -3.13 -21.11
C LEU D 106 -23.16 -2.26 -22.06
N LYS D 107 -23.76 -1.14 -22.47
CA LYS D 107 -23.12 -0.29 -23.46
C LYS D 107 -21.92 0.44 -22.85
N GLY D 108 -20.80 0.41 -23.56
CA GLY D 108 -19.59 1.07 -23.10
C GLY D 108 -19.12 0.56 -21.77
N TYR D 109 -19.10 -0.76 -21.61
CA TYR D 109 -18.67 -1.38 -20.37
C TYR D 109 -17.15 -1.50 -20.38
N SER D 110 -16.50 -0.86 -19.41
CA SER D 110 -15.04 -0.86 -19.36
C SER D 110 -14.51 -2.27 -19.16
N GLY D 111 -15.03 -2.98 -18.17
CA GLY D 111 -14.54 -4.30 -17.83
C GLY D 111 -14.46 -4.47 -16.33
N THR D 112 -14.56 -3.35 -15.62
CA THR D 112 -14.57 -3.35 -14.16
C THR D 112 -15.81 -2.61 -13.70
N ASP D 113 -16.44 -3.11 -12.65
CA ASP D 113 -17.62 -2.46 -12.08
C ASP D 113 -17.23 -1.18 -11.37
N GLU D 114 -17.99 -0.11 -11.63
CA GLU D 114 -17.75 1.15 -10.95
C GLU D 114 -17.95 1.00 -9.44
N ASP D 115 -19.01 0.32 -9.04
CA ASP D 115 -19.36 0.09 -7.65
C ASP D 115 -20.15 -1.22 -7.60
N ASP D 116 -20.99 -1.41 -6.58
CA ASP D 116 -21.93 -2.52 -6.63
C ASP D 116 -22.79 -2.50 -7.89
N TYR D 117 -22.96 -1.34 -8.52
CA TYR D 117 -23.52 -1.25 -9.85
C TYR D 117 -22.42 -1.31 -10.91
N SER D 118 -22.81 -1.70 -12.13
CA SER D 118 -21.83 -1.92 -13.19
C SER D 118 -21.53 -0.64 -13.97
N CYS D 119 -22.57 0.05 -14.43
CA CYS D 119 -22.42 1.23 -15.27
C CYS D 119 -23.24 2.37 -14.67
N SER D 120 -23.16 3.53 -15.30
CA SER D 120 -23.96 4.69 -14.92
C SER D 120 -24.07 5.62 -16.10
N VAL D 121 -25.15 6.40 -16.12
CA VAL D 121 -25.40 7.37 -17.17
C VAL D 121 -25.91 8.66 -16.54
N TYR D 122 -25.61 9.78 -17.16
CA TYR D 122 -25.99 11.09 -16.64
C TYR D 122 -26.86 11.90 -17.60
N THR D 123 -27.18 11.37 -18.78
CA THR D 123 -27.92 12.10 -19.79
C THR D 123 -29.13 11.26 -20.22
N GLN D 124 -30.21 11.94 -20.59
CA GLN D 124 -31.40 11.26 -21.06
C GLN D 124 -31.18 10.51 -22.35
N GLU D 125 -30.20 10.90 -23.15
CA GLU D 125 -29.88 10.19 -24.39
C GLU D 125 -28.95 9.01 -24.16
N ASP D 126 -28.08 9.09 -23.17
CA ASP D 126 -27.24 7.96 -22.78
C ASP D 126 -28.05 6.81 -22.22
N ALA D 127 -29.09 7.09 -21.44
CA ALA D 127 -29.97 6.05 -20.91
C ALA D 127 -30.77 5.37 -22.02
N TYR D 128 -31.30 6.16 -22.95
CA TYR D 128 -32.00 5.58 -24.09
C TYR D 128 -31.05 4.71 -24.92
N GLU D 129 -29.83 5.18 -25.13
CA GLU D 129 -28.84 4.41 -25.89
C GLU D 129 -28.53 3.09 -25.18
N SER D 130 -28.36 3.13 -23.85
CA SER D 130 -28.07 1.92 -23.11
C SER D 130 -29.22 0.92 -23.18
N ILE D 131 -30.45 1.40 -23.00
CA ILE D 131 -31.62 0.51 -23.03
C ILE D 131 -31.78 -0.12 -24.41
N PHE D 132 -31.71 0.70 -25.46
CA PHE D 132 -31.87 0.18 -26.80
C PHE D 132 -30.71 -0.74 -27.18
N PHE D 133 -29.51 -0.46 -26.68
CA PHE D 133 -28.37 -1.33 -26.93
C PHE D 133 -28.58 -2.68 -26.30
N ALA D 134 -29.08 -2.71 -25.07
CA ALA D 134 -29.35 -3.99 -24.41
C ALA D 134 -30.38 -4.79 -25.20
N ILE D 135 -31.47 -4.14 -25.60
CA ILE D 135 -32.51 -4.87 -26.34
C ILE D 135 -32.00 -5.36 -27.69
N ASN D 136 -31.24 -4.52 -28.40
CA ASN D 136 -30.73 -4.90 -29.72
C ASN D 136 -29.65 -5.98 -29.62
N GLN D 137 -28.87 -5.99 -28.55
CA GLN D 137 -27.87 -7.04 -28.38
C GLN D 137 -28.52 -8.35 -27.97
N TYR D 138 -29.65 -8.29 -27.25
CA TYR D 138 -30.43 -9.51 -27.04
C TYR D 138 -30.98 -10.03 -28.37
N HIS D 139 -31.46 -9.13 -29.22
CA HIS D 139 -32.02 -9.56 -30.50
C HIS D 139 -31.02 -10.29 -31.37
N GLN D 140 -29.72 -10.00 -31.24
CA GLN D 140 -28.69 -10.52 -32.12
C GLN D 140 -27.72 -11.43 -31.37
N LEU D 141 -28.22 -12.17 -30.37
CA LEU D 141 -27.33 -12.94 -29.51
C LEU D 141 -26.60 -14.03 -30.27
N LYS D 142 -27.27 -14.68 -31.22
CA LYS D 142 -26.68 -15.82 -31.91
C LYS D 142 -25.47 -15.45 -32.76
N ASP D 143 -25.32 -14.17 -33.10
CA ASP D 143 -24.21 -13.72 -33.94
C ASP D 143 -23.21 -12.86 -33.16
N ILE D 144 -23.30 -12.84 -31.84
CA ILE D 144 -22.43 -11.99 -31.05
C ILE D 144 -21.72 -12.81 -29.98
N THR D 145 -22.34 -13.90 -29.54
CA THR D 145 -21.81 -14.66 -28.42
C THR D 145 -20.69 -15.59 -28.88
N LEU D 146 -19.64 -15.71 -28.06
CA LEU D 146 -18.50 -16.57 -28.33
C LEU D 146 -18.61 -17.91 -27.64
N GLY D 147 -19.82 -18.29 -27.21
CA GLY D 147 -19.97 -19.50 -26.43
C GLY D 147 -21.16 -20.35 -26.86
N THR D 148 -21.48 -21.36 -26.05
CA THR D 148 -22.58 -22.25 -26.35
C THR D 148 -23.86 -21.73 -25.69
N LEU D 149 -24.28 -20.53 -26.06
CA LEU D 149 -25.45 -19.89 -25.49
C LEU D 149 -26.65 -20.06 -26.40
N GLY D 150 -27.83 -19.86 -25.83
CA GLY D 150 -29.07 -19.96 -26.57
C GLY D 150 -30.15 -19.20 -25.86
N TYR D 151 -31.33 -19.20 -26.47
CA TYR D 151 -32.49 -18.50 -25.94
C TYR D 151 -33.28 -19.44 -25.03
N GLY D 152 -33.45 -19.04 -23.77
CA GLY D 152 -34.19 -19.84 -22.83
C GLY D 152 -35.68 -19.59 -22.89
N GLU D 153 -36.37 -19.80 -21.77
CA GLU D 153 -37.81 -19.59 -21.73
C GLU D 153 -38.20 -19.14 -20.33
N ASN D 154 -39.16 -18.23 -20.25
CA ASN D 154 -39.67 -17.75 -18.98
C ASN D 154 -40.68 -18.75 -18.41
N GLU D 155 -41.34 -18.35 -17.32
CA GLU D 155 -42.37 -19.20 -16.73
C GLU D 155 -43.53 -19.41 -17.69
N ASP D 156 -43.86 -18.39 -18.49
CA ASP D 156 -44.90 -18.50 -19.49
C ASP D 156 -44.49 -19.37 -20.68
N ASN D 157 -43.23 -19.80 -20.75
CA ASN D 157 -42.74 -20.68 -21.80
C ASN D 157 -42.80 -20.01 -23.17
N ARG D 158 -42.22 -18.81 -23.26
CA ARG D 158 -42.11 -18.09 -24.51
C ARG D 158 -40.73 -17.45 -24.60
N ILE D 159 -40.12 -17.52 -25.78
CA ILE D 159 -38.81 -16.90 -26.01
C ILE D 159 -39.04 -15.42 -26.28
N GLY D 160 -38.60 -14.57 -25.36
CA GLY D 160 -38.82 -13.14 -25.52
C GLY D 160 -38.16 -12.36 -24.42
N LEU D 161 -38.39 -11.06 -24.47
CA LEU D 161 -37.78 -10.10 -23.56
C LEU D 161 -38.88 -9.33 -22.83
N LYS D 162 -38.68 -9.08 -21.54
CA LYS D 162 -39.62 -8.30 -20.75
C LYS D 162 -38.97 -7.00 -20.31
N VAL D 163 -39.65 -5.89 -20.56
CA VAL D 163 -39.23 -4.57 -20.11
C VAL D 163 -40.31 -4.02 -19.19
N CYS D 164 -39.91 -3.64 -17.98
CA CYS D 164 -40.84 -3.10 -16.98
C CYS D 164 -40.30 -1.78 -16.45
N LYS D 165 -41.12 -0.73 -16.53
CA LYS D 165 -40.78 0.58 -16.00
C LYS D 165 -41.66 0.91 -14.82
N GLN D 166 -41.12 1.67 -13.87
CA GLN D 166 -41.86 2.14 -12.70
C GLN D 166 -41.81 3.66 -12.68
N HIS D 167 -42.99 4.28 -12.58
CA HIS D 167 -43.12 5.73 -12.52
C HIS D 167 -43.93 6.12 -11.28
N TYR D 168 -43.74 7.36 -10.85
CA TYR D 168 -44.66 7.95 -9.88
C TYR D 168 -45.91 8.44 -10.60
N LYS D 169 -47.07 8.06 -10.10
CA LYS D 169 -48.31 8.44 -10.77
C LYS D 169 -48.51 9.95 -10.71
N LYS D 170 -49.05 10.49 -11.80
CA LYS D 170 -49.28 11.93 -11.89
C LYS D 170 -50.77 12.25 -11.81
N LEU D 180 -43.71 17.64 -10.06
CA LEU D 180 -44.82 18.59 -10.00
C LEU D 180 -46.02 17.98 -9.28
N ASN D 181 -46.99 17.51 -10.05
CA ASN D 181 -48.20 16.90 -9.51
C ASN D 181 -48.09 15.37 -9.51
N ILE D 182 -47.15 14.87 -8.71
CA ILE D 182 -46.88 13.44 -8.63
C ILE D 182 -47.47 12.88 -7.33
N ASP D 183 -47.89 11.63 -7.39
CA ASP D 183 -48.41 10.93 -6.23
C ASP D 183 -47.36 9.96 -5.69
N ASN D 184 -47.66 9.35 -4.55
CA ASN D 184 -46.77 8.39 -3.92
C ASN D 184 -46.99 6.97 -4.43
N ASP D 185 -48.02 6.73 -5.23
CA ASP D 185 -48.28 5.42 -5.78
C ASP D 185 -47.45 5.20 -7.03
N VAL D 186 -46.84 4.03 -7.12
CA VAL D 186 -45.93 3.70 -8.22
C VAL D 186 -46.71 2.92 -9.25
N GLU D 187 -46.83 3.47 -10.46
CA GLU D 187 -47.41 2.73 -11.57
C GLU D 187 -46.36 1.81 -12.18
N LEU D 188 -46.78 0.60 -12.50
CA LEU D 188 -45.89 -0.42 -13.07
C LEU D 188 -46.45 -0.85 -14.41
N ASP D 189 -45.76 -0.49 -15.49
CA ASP D 189 -46.14 -0.86 -16.84
C ASP D 189 -45.09 -1.81 -17.41
N CYS D 190 -45.53 -2.94 -17.92
CA CYS D 190 -44.64 -3.95 -18.48
C CYS D 190 -45.03 -4.27 -19.91
N VAL D 191 -44.03 -4.64 -20.70
CA VAL D 191 -44.24 -5.09 -22.07
C VAL D 191 -43.41 -6.36 -22.27
N GLN D 192 -43.87 -7.22 -23.18
CA GLN D 192 -43.17 -8.45 -23.52
C GLN D 192 -42.80 -8.41 -24.99
N LEU D 193 -41.51 -8.26 -25.23
CA LEU D 193 -41.01 -8.16 -26.62
C LEU D 193 -40.48 -9.53 -27.02
N ASP D 194 -41.19 -10.19 -27.91
CA ASP D 194 -40.80 -11.53 -28.37
C ASP D 194 -39.82 -11.38 -29.53
N LEU D 195 -39.06 -12.41 -29.85
CA LEU D 195 -38.04 -12.34 -30.91
C LEU D 195 -38.70 -12.04 -32.25
N GLN D 196 -39.97 -12.40 -32.43
CA GLN D 196 -40.58 -12.19 -33.77
C GLN D 196 -40.87 -10.70 -33.90
N ASP D 197 -41.25 -10.03 -32.81
CA ASP D 197 -41.43 -8.57 -32.82
C ASP D 197 -40.09 -7.86 -33.00
N LEU D 198 -39.06 -8.32 -32.30
CA LEU D 198 -37.74 -7.72 -32.42
C LEU D 198 -37.15 -7.93 -33.80
N SER D 199 -37.48 -9.04 -34.45
CA SER D 199 -36.85 -9.41 -35.71
C SER D 199 -37.38 -8.58 -36.87
N LYS D 200 -38.62 -8.10 -36.77
CA LYS D 200 -39.27 -7.32 -37.82
C LYS D 200 -38.33 -6.26 -38.39
N LYS D 201 -38.08 -6.33 -39.70
CA LYS D 201 -37.07 -5.50 -40.35
C LYS D 201 -37.31 -4.00 -40.20
N PRO D 202 -38.51 -3.46 -40.38
CA PRO D 202 -38.79 -2.11 -39.90
C PRO D 202 -39.34 -2.12 -38.49
N PRO D 203 -38.48 -2.20 -37.47
CA PRO D 203 -38.96 -2.47 -36.11
C PRO D 203 -39.90 -1.38 -35.63
N ASP D 204 -40.85 -1.79 -34.79
CA ASP D 204 -41.87 -0.90 -34.27
C ASP D 204 -41.74 -0.61 -32.79
N TRP D 205 -41.10 -1.50 -32.02
CA TRP D 205 -41.01 -1.32 -30.58
C TRP D 205 -40.26 -0.03 -30.22
N LYS D 206 -39.31 0.38 -31.05
CA LYS D 206 -38.52 1.56 -30.73
C LYS D 206 -39.36 2.83 -30.71
N ASN D 207 -40.40 2.90 -31.54
CA ASN D 207 -41.25 4.08 -31.64
C ASN D 207 -42.54 3.93 -30.84
N SER D 208 -42.65 2.90 -30.02
CA SER D 208 -43.83 2.71 -29.21
C SER D 208 -43.87 3.71 -28.06
N SER D 209 -45.06 3.87 -27.48
CA SER D 209 -45.25 4.80 -26.37
C SER D 209 -44.69 4.27 -25.06
N PHE D 210 -44.27 3.01 -25.00
CA PHE D 210 -43.70 2.47 -23.77
C PHE D 210 -42.33 3.05 -23.47
N PHE D 211 -41.56 3.38 -24.50
CA PHE D 211 -40.18 3.79 -24.33
C PHE D 211 -40.00 5.30 -24.30
N ARG D 212 -41.08 6.03 -24.04
CA ARG D 212 -41.01 7.47 -23.77
C ARG D 212 -40.95 7.63 -22.25
N LEU D 213 -39.74 7.62 -21.72
CA LEU D 213 -39.49 7.49 -20.28
C LEU D 213 -39.34 8.85 -19.61
N GLU D 214 -40.46 9.46 -19.24
CA GLU D 214 -40.41 10.67 -18.41
C GLU D 214 -39.50 10.43 -17.22
N PHE D 215 -38.40 11.18 -17.12
CA PHE D 215 -37.34 10.87 -16.18
C PHE D 215 -37.51 11.54 -14.82
N TYR D 216 -38.29 12.62 -14.73
CA TYR D 216 -38.53 13.24 -13.44
C TYR D 216 -39.49 12.43 -12.59
N ARG D 217 -40.19 11.48 -13.19
CA ARG D 217 -41.12 10.60 -12.48
C ARG D 217 -40.63 9.16 -12.46
N LEU D 218 -39.48 8.87 -13.06
CA LEU D 218 -39.03 7.50 -13.26
C LEU D 218 -38.28 7.00 -12.04
N LEU D 219 -38.57 5.78 -11.62
CA LEU D 219 -37.88 5.11 -10.55
C LEU D 219 -36.85 4.10 -11.03
N GLN D 220 -37.23 3.24 -11.97
CA GLN D 220 -36.30 2.25 -12.51
C GLN D 220 -36.91 1.62 -13.75
N VAL D 221 -36.05 1.05 -14.58
CA VAL D 221 -36.44 0.26 -15.74
C VAL D 221 -35.73 -1.09 -15.63
N GLU D 222 -36.47 -2.17 -15.88
CA GLU D 222 -35.93 -3.52 -15.77
C GLU D 222 -36.05 -4.25 -17.10
N ILE D 223 -34.96 -4.88 -17.52
CA ILE D 223 -34.97 -5.79 -18.66
C ILE D 223 -34.61 -7.17 -18.14
N SER D 224 -35.48 -8.14 -18.40
CA SER D 224 -35.29 -9.50 -17.92
C SER D 224 -35.37 -10.47 -19.09
N PHE D 225 -34.47 -11.44 -19.12
CA PHE D 225 -34.47 -12.46 -20.16
C PHE D 225 -33.78 -13.71 -19.62
N HIS D 226 -33.97 -14.82 -20.34
CA HIS D 226 -33.43 -16.11 -19.94
C HIS D 226 -32.52 -16.63 -21.04
N LEU D 227 -31.36 -17.16 -20.63
CA LEU D 227 -30.40 -17.77 -21.56
C LEU D 227 -30.02 -19.15 -21.06
N LYS D 228 -29.73 -20.04 -22.00
CA LYS D 228 -29.31 -21.41 -21.71
C LYS D 228 -27.87 -21.60 -22.16
N GLY D 229 -27.03 -22.13 -21.27
CA GLY D 229 -25.65 -22.41 -21.58
C GLY D 229 -25.30 -23.87 -21.35
N ILE D 230 -24.14 -24.25 -21.89
CA ILE D 230 -23.59 -25.60 -21.73
C ILE D 230 -22.15 -25.48 -21.33
N ASP D 231 -21.76 -26.17 -20.26
CA ASP D 231 -20.37 -26.22 -19.84
C ASP D 231 -19.65 -27.29 -20.65
N LEU D 232 -18.96 -26.88 -21.71
CA LEU D 232 -18.23 -27.82 -22.56
C LEU D 232 -16.84 -28.14 -22.04
N GLN D 233 -16.35 -27.41 -21.04
CA GLN D 233 -15.05 -27.70 -20.45
C GLN D 233 -15.06 -28.94 -19.58
N THR D 234 -16.20 -29.62 -19.46
CA THR D 234 -16.31 -30.87 -18.72
C THR D 234 -16.33 -32.09 -19.63
N ILE D 235 -16.70 -31.93 -20.90
CA ILE D 235 -16.89 -33.04 -21.81
C ILE D 235 -15.58 -33.79 -22.07
N HIS D 236 -14.45 -33.14 -21.83
CA HIS D 236 -13.16 -33.82 -22.03
C HIS D 236 -13.01 -35.02 -21.11
N SER D 237 -13.81 -35.09 -20.05
CA SER D 237 -13.98 -36.29 -19.24
C SER D 237 -15.34 -36.87 -19.63
N ARG D 238 -15.32 -38.06 -20.22
CA ARG D 238 -16.50 -38.65 -20.84
C ARG D 238 -17.69 -38.61 -19.87
N GLU D 239 -18.67 -37.77 -20.18
CA GLU D 239 -19.85 -37.52 -19.36
C GLU D 239 -20.84 -36.71 -20.18
N LEU D 240 -22.06 -36.60 -19.67
CA LEU D 240 -22.97 -35.59 -20.18
C LEU D 240 -22.69 -34.27 -19.47
N PRO D 241 -22.36 -33.20 -20.19
CA PRO D 241 -21.93 -31.96 -19.53
C PRO D 241 -23.07 -31.29 -18.79
N ASP D 242 -22.71 -30.25 -18.05
CA ASP D 242 -23.65 -29.52 -17.21
C ASP D 242 -24.34 -28.44 -18.03
N CYS D 243 -25.67 -28.38 -17.92
CA CYS D 243 -26.47 -27.38 -18.61
C CYS D 243 -26.96 -26.35 -17.60
N TYR D 244 -26.78 -25.08 -17.93
CA TYR D 244 -27.13 -23.98 -17.04
C TYR D 244 -28.26 -23.15 -17.64
N VAL D 245 -28.98 -22.46 -16.76
CA VAL D 245 -29.98 -21.48 -17.16
C VAL D 245 -29.68 -20.19 -16.40
N PHE D 246 -29.61 -19.09 -17.14
CA PHE D 246 -29.25 -17.79 -16.57
C PHE D 246 -30.48 -16.89 -16.55
N GLN D 247 -30.82 -16.40 -15.36
CA GLN D 247 -31.89 -15.42 -15.19
C GLN D 247 -31.21 -14.06 -15.10
N ASN D 248 -31.14 -13.35 -16.23
CA ASN D 248 -30.42 -12.09 -16.33
C ASN D 248 -31.38 -10.93 -16.18
N THR D 249 -31.01 -9.96 -15.35
CA THR D 249 -31.82 -8.78 -15.11
C THR D 249 -30.93 -7.55 -15.18
N ILE D 250 -31.35 -6.56 -15.94
CA ILE D 250 -30.66 -5.26 -16.04
C ILE D 250 -31.59 -4.20 -15.49
N ILE D 251 -31.14 -3.49 -14.47
CA ILE D 251 -31.92 -2.45 -13.80
C ILE D 251 -31.25 -1.11 -14.06
N PHE D 252 -32.00 -0.18 -14.65
CA PHE D 252 -31.56 1.21 -14.80
C PHE D 252 -32.23 1.99 -13.68
N ASP D 253 -31.50 2.23 -12.61
CA ASP D 253 -32.05 2.62 -11.32
C ASP D 253 -31.75 4.08 -11.03
N ASN D 254 -32.80 4.89 -10.87
CA ASN D 254 -32.64 6.25 -10.36
C ASN D 254 -33.56 6.49 -9.17
N LYS D 255 -33.54 5.60 -8.17
CA LYS D 255 -34.30 5.84 -6.96
C LYS D 255 -33.85 7.08 -6.21
N ALA D 256 -32.61 7.50 -6.40
CA ALA D 256 -32.10 8.69 -5.71
C ALA D 256 -32.56 9.98 -6.37
N HIS D 257 -32.87 9.96 -7.67
CA HIS D 257 -33.29 11.15 -8.41
C HIS D 257 -32.26 12.26 -8.28
N SER D 258 -30.98 11.92 -8.41
CA SER D 258 -29.88 12.87 -8.24
C SER D 258 -29.08 13.06 -9.51
N GLY D 259 -29.64 12.70 -10.67
CA GLY D 259 -29.02 12.93 -11.95
C GLY D 259 -28.31 11.74 -12.54
N LYS D 260 -27.95 10.75 -11.72
CA LYS D 260 -27.28 9.54 -12.17
C LYS D 260 -28.24 8.36 -12.14
N ILE D 261 -28.28 7.62 -13.25
CA ILE D 261 -29.00 6.35 -13.31
C ILE D 261 -27.96 5.25 -13.17
N LYS D 262 -28.05 4.48 -12.09
CA LYS D 262 -27.15 3.37 -11.86
C LYS D 262 -27.66 2.12 -12.57
N ILE D 263 -26.77 1.45 -13.28
CA ILE D 263 -27.13 0.28 -14.08
C ILE D 263 -26.58 -0.96 -13.38
N TYR D 264 -27.49 -1.84 -12.97
CA TYR D 264 -27.15 -3.08 -12.27
C TYR D 264 -27.39 -4.26 -13.20
N PHE D 265 -26.40 -5.14 -13.30
CA PHE D 265 -26.57 -6.40 -14.00
C PHE D 265 -26.42 -7.54 -13.00
N ASP D 266 -27.45 -8.38 -12.92
CA ASP D 266 -27.44 -9.55 -12.05
C ASP D 266 -27.79 -10.78 -12.87
N SER D 267 -26.97 -11.82 -12.77
CA SER D 267 -27.20 -13.08 -13.45
C SER D 267 -27.33 -14.18 -12.41
N ASP D 268 -28.47 -14.85 -12.40
CA ASP D 268 -28.74 -15.96 -11.50
C ASP D 268 -28.69 -17.26 -12.32
N ALA D 269 -27.68 -18.08 -12.06
CA ALA D 269 -27.44 -19.29 -12.82
C ALA D 269 -27.84 -20.51 -12.00
N LYS D 270 -28.63 -21.39 -12.61
CA LYS D 270 -29.01 -22.66 -11.99
C LYS D 270 -28.73 -23.79 -12.98
N ILE D 271 -28.43 -24.96 -12.44
CA ILE D 271 -28.13 -26.13 -13.26
C ILE D 271 -29.43 -26.86 -13.58
N GLU D 272 -29.77 -26.92 -14.86
CA GLU D 272 -30.93 -27.65 -15.33
C GLU D 272 -30.48 -28.97 -15.95
N GLU D 273 -31.41 -29.70 -16.55
CA GLU D 273 -31.11 -30.97 -17.20
C GLU D 273 -30.89 -30.72 -18.69
N CYS D 274 -29.92 -31.44 -19.26
CA CYS D 274 -29.61 -31.28 -20.68
C CYS D 274 -30.66 -31.99 -21.53
N LYS D 275 -31.69 -31.26 -21.96
CA LYS D 275 -32.77 -31.85 -22.73
C LYS D 275 -32.45 -32.00 -24.22
N ASP D 276 -31.52 -31.20 -24.75
CA ASP D 276 -31.13 -31.25 -26.16
C ASP D 276 -29.60 -31.33 -26.22
N LEU D 277 -29.06 -32.54 -26.15
CA LEU D 277 -27.62 -32.74 -26.22
C LEU D 277 -27.34 -34.19 -26.58
N ASN D 278 -26.38 -34.40 -27.49
CA ASN D 278 -25.96 -35.73 -27.91
C ASN D 278 -24.44 -35.72 -28.02
N ILE D 279 -23.75 -36.07 -26.94
CA ILE D 279 -22.29 -36.15 -26.94
C ILE D 279 -21.94 -37.58 -27.32
N PHE D 280 -21.95 -37.84 -28.63
CA PHE D 280 -21.74 -39.16 -29.23
C PHE D 280 -22.24 -40.33 -28.37
N ASN D 286 -17.73 -39.53 -9.78
CA ASN D 286 -19.03 -40.21 -9.61
C ASN D 286 -19.77 -39.63 -8.41
N ALA D 287 -21.03 -39.22 -8.59
CA ALA D 287 -21.84 -38.71 -7.46
C ALA D 287 -21.89 -39.79 -6.38
N GLN D 288 -22.01 -41.05 -6.81
CA GLN D 288 -21.99 -42.18 -5.83
C GLN D 288 -20.70 -42.12 -5.02
N TYR D 289 -19.56 -41.88 -5.68
CA TYR D 289 -18.28 -41.96 -4.91
C TYR D 289 -17.90 -40.64 -4.25
N VAL D 290 -18.84 -39.71 -4.16
CA VAL D 290 -18.58 -38.46 -3.41
C VAL D 290 -19.63 -38.48 -2.31
N LEU D 291 -20.58 -39.40 -2.41
CA LEU D 291 -21.56 -39.57 -1.35
C LEU D 291 -21.20 -40.69 -0.39
N VAL D 292 -20.28 -41.58 -0.76
CA VAL D 292 -19.79 -42.60 0.15
C VAL D 292 -18.58 -42.09 0.93
N PHE D 293 -17.78 -41.22 0.32
CA PHE D 293 -16.70 -40.60 1.07
C PHE D 293 -17.24 -39.65 2.13
N ASP D 294 -18.30 -38.92 1.82
CA ASP D 294 -18.95 -38.09 2.83
C ASP D 294 -19.56 -38.93 3.94
N ALA D 295 -20.15 -40.08 3.58
CA ALA D 295 -20.71 -40.98 4.59
C ALA D 295 -19.63 -41.52 5.50
N PHE D 296 -18.45 -41.83 4.94
CA PHE D 296 -17.33 -42.27 5.77
C PHE D 296 -16.91 -41.18 6.74
N VAL D 297 -16.84 -39.93 6.29
CA VAL D 297 -16.47 -38.83 7.18
C VAL D 297 -17.50 -38.68 8.29
N ILE D 298 -18.78 -38.85 7.97
CA ILE D 298 -19.82 -38.80 9.00
C ILE D 298 -19.62 -39.93 10.01
N VAL D 299 -19.29 -41.12 9.52
CA VAL D 299 -19.11 -42.28 10.41
C VAL D 299 -17.95 -42.04 11.37
N ILE D 300 -16.82 -41.55 10.84
CA ILE D 300 -15.66 -41.30 11.70
C ILE D 300 -15.97 -40.22 12.73
N CYS D 301 -16.67 -39.17 12.31
CA CYS D 301 -17.01 -38.08 13.23
C CYS D 301 -18.06 -38.51 14.23
N LEU D 302 -19.00 -39.36 13.82
CA LEU D 302 -20.00 -39.85 14.76
C LEU D 302 -19.36 -40.73 15.83
N ALA D 303 -18.41 -41.57 15.44
CA ALA D 303 -17.69 -42.39 16.41
C ALA D 303 -16.91 -41.51 17.39
N SER D 304 -16.28 -40.45 16.89
CA SER D 304 -15.50 -39.56 17.75
C SER D 304 -16.40 -38.84 18.75
N LEU D 305 -17.62 -38.50 18.34
CA LEU D 305 -18.57 -37.92 19.28
C LEU D 305 -18.92 -38.88 20.41
N ILE D 306 -19.07 -40.16 20.09
CA ILE D 306 -19.45 -41.14 21.10
C ILE D 306 -18.31 -41.38 22.08
N LEU D 307 -17.09 -41.51 21.56
CA LEU D 307 -15.92 -41.72 22.42
C LEU D 307 -15.68 -40.52 23.32
N CYS D 308 -15.73 -39.31 22.76
CA CYS D 308 -15.44 -38.12 23.54
C CYS D 308 -16.53 -37.82 24.55
N THR D 309 -17.80 -38.08 24.20
CA THR D 309 -18.87 -37.90 25.18
C THR D 309 -18.75 -38.90 26.32
N ARG D 310 -18.29 -40.11 26.03
CA ARG D 310 -18.01 -41.08 27.08
C ARG D 310 -16.99 -40.55 28.08
N SER D 311 -15.88 -40.02 27.58
CA SER D 311 -14.83 -39.49 28.45
C SER D 311 -15.34 -38.37 29.34
N ILE D 312 -16.06 -37.41 28.76
CA ILE D 312 -16.56 -36.27 29.52
C ILE D 312 -17.47 -36.74 30.64
N VAL D 313 -18.33 -37.71 30.34
CA VAL D 313 -19.22 -38.26 31.37
C VAL D 313 -18.42 -39.04 32.41
N LEU D 314 -17.50 -39.89 31.96
CA LEU D 314 -16.71 -40.70 32.88
C LEU D 314 -15.76 -39.84 33.70
N ALA D 315 -15.26 -38.73 33.13
CA ALA D 315 -14.40 -37.84 33.89
C ALA D 315 -15.15 -37.20 35.04
N LEU D 316 -16.42 -36.83 34.82
CA LEU D 316 -17.22 -36.24 35.89
C LEU D 316 -17.43 -37.23 37.03
N ARG D 317 -17.64 -38.50 36.70
CA ARG D 317 -17.78 -39.52 37.74
C ARG D 317 -16.50 -39.65 38.56
N LEU D 318 -15.34 -39.56 37.90
CA LEU D 318 -14.07 -39.62 38.63
C LEU D 318 -13.93 -38.45 39.59
N ARG D 319 -14.37 -37.26 39.17
CA ARG D 319 -14.32 -36.10 40.05
C ARG D 319 -15.20 -36.31 41.29
N LYS D 320 -16.37 -36.90 41.08
CA LYS D 320 -17.27 -37.19 42.22
C LYS D 320 -16.61 -38.15 43.19
N ARG D 321 -15.97 -39.20 42.68
CA ARG D 321 -15.33 -40.19 43.55
C ARG D 321 -14.18 -39.59 44.35
N PHE D 322 -13.50 -38.57 43.82
CA PHE D 322 -12.38 -37.95 44.51
C PHE D 322 -12.81 -36.82 45.42
N LEU D 323 -13.85 -36.07 45.03
CA LEU D 323 -14.38 -35.02 45.90
C LEU D 323 -14.97 -35.62 47.18
N ASN D 324 -15.68 -36.74 47.05
CA ASN D 324 -16.27 -37.38 48.23
C ASN D 324 -15.20 -37.83 49.21
N PHE D 325 -14.11 -38.40 48.71
CA PHE D 325 -13.02 -38.82 49.58
C PHE D 325 -12.35 -37.63 50.25
N PHE D 326 -12.16 -36.53 49.51
CA PHE D 326 -11.44 -35.38 50.06
C PHE D 326 -12.19 -34.81 51.26
N LEU D 327 -13.51 -34.71 51.16
CA LEU D 327 -14.32 -34.30 52.30
C LEU D 327 -14.26 -35.32 53.44
N GLU D 328 -13.99 -36.59 53.13
CA GLU D 328 -13.94 -37.63 54.16
C GLU D 328 -12.63 -37.55 54.95
N LYS D 329 -11.50 -37.70 54.28
CA LYS D 329 -10.20 -37.67 54.96
C LYS D 329 -9.88 -36.28 55.46
N TYR D 330 -9.81 -35.30 54.56
CA TYR D 330 -9.49 -33.94 54.95
C TYR D 330 -10.79 -33.16 55.19
N TRP D 340 -11.96 -28.84 37.64
CA TRP D 340 -11.53 -28.24 36.34
C TRP D 340 -10.42 -29.11 35.74
N GLU D 341 -9.54 -29.62 36.60
CA GLU D 341 -8.51 -30.56 36.11
C GLU D 341 -9.25 -31.84 35.77
N PHE D 342 -10.57 -31.80 35.85
CA PHE D 342 -11.39 -32.97 35.49
C PHE D 342 -12.13 -32.66 34.19
N ILE D 343 -12.52 -31.40 33.97
CA ILE D 343 -13.19 -31.01 32.74
C ILE D 343 -12.14 -30.71 31.69
N ASN D 344 -12.25 -31.36 30.53
CA ASN D 344 -11.32 -31.16 29.42
C ASN D 344 -12.04 -30.32 28.36
N GLY D 345 -11.57 -29.09 28.18
CA GLY D 345 -12.14 -28.23 27.15
C GLY D 345 -11.71 -28.60 25.74
N TRP D 346 -10.66 -29.41 25.61
CA TRP D 346 -10.27 -29.88 24.29
C TRP D 346 -11.30 -30.85 23.72
N TYR D 347 -11.89 -31.70 24.58
CA TYR D 347 -12.96 -32.56 24.14
C TYR D 347 -14.24 -31.81 23.85
N VAL D 348 -14.49 -30.69 24.55
CA VAL D 348 -15.60 -29.84 24.18
C VAL D 348 -15.39 -29.25 22.79
N LEU D 349 -14.14 -28.94 22.43
CA LEU D 349 -13.81 -28.51 21.09
C LEU D 349 -13.97 -29.62 20.06
N VAL D 350 -13.57 -30.85 20.42
CA VAL D 350 -13.71 -31.98 19.50
C VAL D 350 -15.18 -32.26 19.22
N ILE D 351 -16.03 -32.16 20.23
CA ILE D 351 -17.46 -32.40 20.03
C ILE D 351 -18.04 -31.38 19.05
N ILE D 352 -17.70 -30.11 19.22
CA ILE D 352 -18.18 -29.07 18.31
C ILE D 352 -17.64 -29.31 16.90
N SER D 353 -16.37 -29.73 16.80
CA SER D 353 -15.79 -30.04 15.49
C SER D 353 -16.57 -31.14 14.82
N ASP D 354 -16.90 -32.20 15.56
CA ASP D 354 -17.63 -33.32 14.99
C ASP D 354 -19.02 -32.92 14.56
N LEU D 355 -19.71 -32.11 15.38
CA LEU D 355 -21.04 -31.67 15.01
C LEU D 355 -21.01 -30.82 13.75
N MET D 356 -20.06 -29.88 13.67
CA MET D 356 -19.96 -29.04 12.49
C MET D 356 -19.60 -29.86 11.26
N THR D 357 -18.73 -30.85 11.41
CA THR D 357 -18.37 -31.69 10.28
C THR D 357 -19.57 -32.49 9.79
N ILE D 358 -20.36 -33.06 10.71
CA ILE D 358 -21.54 -33.81 10.30
C ILE D 358 -22.54 -32.91 9.59
N ILE D 359 -22.78 -31.72 10.14
CA ILE D 359 -23.71 -30.78 9.50
C ILE D 359 -23.21 -30.37 8.13
N GLY D 360 -21.91 -30.09 8.00
CA GLY D 360 -21.36 -29.71 6.71
C GLY D 360 -21.45 -30.83 5.69
N SER D 361 -21.16 -32.06 6.11
CA SER D 361 -21.25 -33.20 5.19
C SER D 361 -22.69 -33.42 4.75
N ILE D 362 -23.64 -33.31 5.68
CA ILE D 362 -25.05 -33.45 5.32
C ILE D 362 -25.50 -32.34 4.38
N LEU D 363 -25.09 -31.09 4.64
CA LEU D 363 -25.44 -30.00 3.74
C LEU D 363 -24.81 -30.16 2.36
N LYS D 364 -23.58 -30.67 2.29
CA LYS D 364 -22.92 -30.92 1.02
C LYS D 364 -23.56 -32.06 0.23
N MET D 365 -23.96 -33.13 0.91
CA MET D 365 -24.70 -34.20 0.26
C MET D 365 -26.05 -33.71 -0.25
N GLU D 366 -26.74 -32.88 0.54
CA GLU D 366 -27.98 -32.28 0.08
C GLU D 366 -27.75 -31.37 -1.11
N ILE D 367 -26.65 -30.61 -1.10
CA ILE D 367 -26.34 -29.71 -2.21
C ILE D 367 -26.13 -30.48 -3.50
N LYS D 368 -25.35 -31.56 -3.43
CA LYS D 368 -25.10 -32.34 -4.64
C LYS D 368 -26.34 -33.11 -5.08
N ALA D 369 -27.15 -33.57 -4.12
CA ALA D 369 -28.30 -34.42 -4.45
C ALA D 369 -29.37 -33.67 -5.22
N LYS D 370 -29.59 -32.38 -4.95
CA LYS D 370 -30.58 -31.59 -5.67
C LYS D 370 -29.94 -30.52 -6.54
N ASN D 371 -28.64 -30.64 -6.81
CA ASN D 371 -27.92 -29.79 -7.76
C ASN D 371 -28.07 -28.31 -7.43
N LEU D 372 -27.56 -27.94 -6.26
CA LEU D 372 -27.51 -26.56 -5.82
C LEU D 372 -26.15 -25.94 -6.14
N THR D 373 -26.11 -24.60 -6.15
CA THR D 373 -24.90 -23.87 -6.50
C THR D 373 -24.56 -22.80 -5.47
N ASN D 374 -25.09 -22.91 -4.26
CA ASN D 374 -24.74 -22.01 -3.16
C ASN D 374 -24.14 -22.84 -2.04
N TYR D 375 -22.87 -22.57 -1.71
CA TYR D 375 -22.14 -23.38 -0.74
C TYR D 375 -21.64 -22.55 0.44
N ASP D 376 -22.16 -21.34 0.63
CA ASP D 376 -21.61 -20.46 1.67
C ASP D 376 -21.75 -21.10 3.05
N LEU D 377 -22.92 -21.64 3.37
CA LEU D 377 -23.11 -22.24 4.69
C LEU D 377 -22.30 -23.53 4.82
N CYS D 378 -22.35 -24.39 3.80
CA CYS D 378 -21.61 -25.64 3.84
C CYS D 378 -20.11 -25.40 3.91
N SER D 379 -19.62 -24.43 3.13
CA SER D 379 -18.20 -24.11 3.17
C SER D 379 -17.80 -23.57 4.53
N ILE D 380 -18.64 -22.76 5.15
CA ILE D 380 -18.35 -22.24 6.48
C ILE D 380 -18.25 -23.38 7.49
N PHE D 381 -19.21 -24.30 7.47
CA PHE D 381 -19.18 -25.43 8.40
C PHE D 381 -17.93 -26.28 8.18
N LEU D 382 -17.64 -26.62 6.93
CA LEU D 382 -16.49 -27.48 6.65
C LEU D 382 -15.18 -26.81 7.00
N GLY D 383 -15.04 -25.52 6.67
CA GLY D 383 -13.80 -24.83 6.97
C GLY D 383 -13.58 -24.64 8.47
N THR D 384 -14.63 -24.30 9.20
CA THR D 384 -14.49 -24.14 10.64
C THR D 384 -14.19 -25.49 11.29
N SER D 385 -14.80 -26.57 10.80
CA SER D 385 -14.50 -27.90 11.33
C SER D 385 -13.04 -28.28 11.06
N THR D 386 -12.53 -27.98 9.87
CA THR D 386 -11.13 -28.28 9.57
C THR D 386 -10.18 -27.45 10.43
N LEU D 387 -10.49 -26.16 10.60
CA LEU D 387 -9.72 -25.31 11.50
C LEU D 387 -9.66 -25.91 12.90
N LEU D 388 -10.82 -26.32 13.41
CA LEU D 388 -10.89 -26.83 14.77
C LEU D 388 -10.19 -28.18 14.88
N VAL D 389 -10.22 -28.98 13.82
CA VAL D 389 -9.48 -30.25 13.83
C VAL D 389 -7.98 -30.00 13.93
N TRP D 390 -7.45 -29.10 13.09
CA TRP D 390 -6.02 -28.81 13.15
C TRP D 390 -5.63 -28.16 14.47
N VAL D 391 -6.52 -27.36 15.05
CA VAL D 391 -6.24 -26.78 16.37
C VAL D 391 -6.25 -27.85 17.45
N GLY D 392 -7.18 -28.80 17.38
CA GLY D 392 -7.23 -29.86 18.37
C GLY D 392 -6.13 -30.89 18.23
N VAL D 393 -5.39 -30.85 17.12
CA VAL D 393 -4.14 -31.63 17.05
C VAL D 393 -3.18 -31.23 18.17
N ILE D 394 -3.27 -30.01 18.69
CA ILE D 394 -2.30 -29.51 19.67
C ILE D 394 -2.45 -30.24 21.00
N ARG D 395 -3.66 -30.74 21.30
CA ARG D 395 -3.85 -31.54 22.50
C ARG D 395 -2.89 -32.72 22.56
N TYR D 396 -2.56 -33.31 21.42
CA TYR D 396 -1.68 -34.46 21.37
C TYR D 396 -0.23 -34.06 21.23
N LEU D 397 0.04 -32.79 21.56
CA LEU D 397 1.40 -32.33 21.81
C LEU D 397 1.47 -31.55 23.11
N GLY D 398 0.36 -31.39 23.83
CA GLY D 398 0.35 -30.63 25.05
C GLY D 398 0.89 -31.31 26.29
N TYR D 399 0.75 -32.63 26.40
CA TYR D 399 1.41 -33.33 27.51
C TYR D 399 2.92 -33.22 27.43
N PHE D 400 3.47 -33.06 26.23
CA PHE D 400 4.92 -32.97 26.07
C PHE D 400 5.46 -31.82 26.90
N GLN D 401 6.61 -32.05 27.53
CA GLN D 401 7.10 -31.17 28.58
C GLN D 401 7.51 -29.79 28.08
N ALA D 402 7.75 -29.63 26.79
CA ALA D 402 8.23 -28.36 26.25
C ALA D 402 7.44 -27.92 25.01
N TYR D 403 6.23 -28.44 24.82
CA TYR D 403 5.38 -28.05 23.71
C TYR D 403 4.13 -27.32 24.17
N ASN D 404 4.01 -27.01 25.46
CA ASN D 404 2.78 -26.46 26.02
C ASN D 404 2.91 -25.02 26.49
N VAL D 405 3.98 -24.31 26.13
CA VAL D 405 4.16 -22.95 26.63
C VAL D 405 3.06 -22.03 26.11
N LEU D 406 2.58 -22.28 24.89
CA LEU D 406 1.59 -21.40 24.27
C LEU D 406 0.25 -21.49 25.00
N ILE D 407 -0.24 -22.72 25.23
CA ILE D 407 -1.54 -22.88 25.86
C ILE D 407 -1.48 -22.44 27.32
N LEU D 408 -0.40 -22.77 28.01
CA LEU D 408 -0.24 -22.32 29.39
C LEU D 408 -0.22 -20.81 29.48
N THR D 409 0.50 -20.16 28.57
CA THR D 409 0.54 -18.70 28.55
C THR D 409 -0.84 -18.12 28.24
N MET D 410 -1.58 -18.75 27.32
CA MET D 410 -2.93 -18.27 27.04
C MET D 410 -3.82 -18.35 28.26
N GLN D 411 -3.76 -19.47 29.00
CA GLN D 411 -4.56 -19.62 30.21
C GLN D 411 -4.17 -18.60 31.27
N ALA D 412 -2.86 -18.38 31.44
CA ALA D 412 -2.40 -17.38 32.40
C ALA D 412 -2.90 -15.99 32.02
N SER D 413 -2.66 -15.59 30.77
CA SER D 413 -2.97 -14.26 30.29
C SER D 413 -4.46 -13.92 30.34
N LEU D 414 -5.30 -14.85 29.86
CA LEU D 414 -6.71 -14.60 29.54
C LEU D 414 -7.43 -13.69 30.52
N PRO D 415 -7.37 -13.92 31.86
CA PRO D 415 -8.01 -12.98 32.79
C PRO D 415 -7.52 -11.55 32.64
N LYS D 416 -6.19 -11.38 32.74
CA LYS D 416 -5.61 -10.05 32.65
C LYS D 416 -5.86 -9.42 31.29
N VAL D 417 -5.74 -10.22 30.22
CA VAL D 417 -5.96 -9.69 28.88
C VAL D 417 -7.39 -9.21 28.72
N LEU D 418 -8.36 -10.00 29.20
CA LEU D 418 -9.75 -9.59 29.11
C LEU D 418 -10.01 -8.33 29.92
N ARG D 419 -9.44 -8.24 31.12
CA ARG D 419 -9.63 -7.05 31.93
C ARG D 419 -9.03 -5.82 31.26
N PHE D 420 -7.87 -5.97 30.63
CA PHE D 420 -7.24 -4.86 29.94
C PHE D 420 -8.09 -4.38 28.76
N CYS D 421 -8.64 -5.33 27.99
CA CYS D 421 -9.39 -4.98 26.79
C CYS D 421 -10.68 -4.25 27.11
N ALA D 422 -11.15 -4.29 28.36
CA ALA D 422 -12.35 -3.55 28.73
C ALA D 422 -12.11 -2.05 28.68
N CYS D 423 -11.02 -1.59 29.31
CA CYS D 423 -10.73 -0.15 29.31
C CYS D 423 -10.34 0.34 27.92
N ALA D 424 -9.51 -0.43 27.20
CA ALA D 424 -9.14 -0.05 25.85
C ALA D 424 -10.34 -0.07 24.92
N GLY D 425 -11.29 -0.97 25.18
CA GLY D 425 -12.48 -1.05 24.34
C GLY D 425 -13.33 0.20 24.40
N MET D 426 -13.45 0.81 25.57
CA MET D 426 -14.24 2.03 25.71
C MET D 426 -13.63 3.17 24.92
N ILE D 427 -12.31 3.33 25.00
CA ILE D 427 -11.63 4.36 24.23
C ILE D 427 -11.76 4.09 22.74
N TYR D 428 -11.65 2.81 22.34
CA TYR D 428 -11.79 2.44 20.94
C TYR D 428 -13.19 2.77 20.42
N LEU D 429 -14.22 2.49 21.22
CA LEU D 429 -15.59 2.80 20.80
C LEU D 429 -15.82 4.30 20.71
N GLY D 430 -15.31 5.06 21.67
CA GLY D 430 -15.44 6.50 21.60
C GLY D 430 -14.76 7.08 20.37
N TYR D 431 -13.55 6.61 20.07
CA TYR D 431 -12.86 7.06 18.87
C TYR D 431 -13.59 6.65 17.61
N THR D 432 -14.19 5.46 17.61
CA THR D 432 -14.96 5.01 16.45
C THR D 432 -16.14 5.94 16.18
N PHE D 433 -16.92 6.25 17.23
CA PHE D 433 -18.06 7.13 17.06
C PHE D 433 -17.62 8.53 16.63
N CYS D 434 -16.57 9.06 17.26
CA CYS D 434 -16.10 10.40 16.91
C CYS D 434 -15.63 10.46 15.46
N GLY D 435 -14.82 9.49 15.05
CA GLY D 435 -14.33 9.47 13.68
C GLY D 435 -15.42 9.28 12.65
N TRP D 436 -16.41 8.44 12.94
CA TRP D 436 -17.51 8.28 11.99
C TRP D 436 -18.33 9.57 11.88
N ILE D 437 -18.57 10.25 13.00
CA ILE D 437 -19.43 11.43 12.94
C ILE D 437 -18.70 12.62 12.31
N VAL D 438 -17.40 12.76 12.51
CA VAL D 438 -16.66 13.94 12.03
C VAL D 438 -16.02 13.69 10.68
N LEU D 439 -15.24 12.62 10.55
CA LEU D 439 -14.50 12.37 9.32
C LEU D 439 -15.26 11.52 8.32
N GLY D 440 -16.49 11.12 8.65
CA GLY D 440 -17.29 10.31 7.78
C GLY D 440 -17.66 10.96 6.46
N PRO D 441 -18.14 12.20 6.51
CA PRO D 441 -18.44 12.90 5.25
C PRO D 441 -17.22 13.18 4.38
N TYR D 442 -16.01 13.16 4.94
CA TYR D 442 -14.83 13.63 4.22
C TYR D 442 -13.77 12.54 4.08
N HIS D 443 -14.03 11.31 4.41
CA HIS D 443 -13.00 10.25 4.33
C HIS D 443 -13.75 8.97 4.04
N ASP D 444 -13.19 8.13 3.19
CA ASP D 444 -13.87 6.91 2.74
C ASP D 444 -13.46 5.74 3.62
N LYS D 445 -12.55 5.98 4.54
CA LYS D 445 -12.14 4.93 5.50
C LYS D 445 -12.93 5.19 6.77
N PHE D 446 -13.79 6.21 6.77
CA PHE D 446 -14.58 6.54 7.95
C PHE D 446 -16.05 6.67 7.60
N GLU D 447 -16.47 6.10 6.46
CA GLU D 447 -17.81 6.31 5.96
C GLU D 447 -18.87 5.58 6.79
N ASN D 448 -18.61 4.32 7.12
CA ASN D 448 -19.51 3.52 7.94
C ASN D 448 -18.81 3.13 9.24
N LEU D 449 -19.62 2.84 10.26
CA LEU D 449 -19.07 2.55 11.58
C LEU D 449 -18.16 1.34 11.60
N ASN D 450 -18.53 0.27 10.87
CA ASN D 450 -17.64 -0.88 10.75
C ASN D 450 -16.38 -0.55 9.95
N THR D 451 -16.49 0.31 8.94
CA THR D 451 -15.30 0.76 8.24
C THR D 451 -14.39 1.56 9.17
N VAL D 452 -14.98 2.39 10.04
CA VAL D 452 -14.18 3.13 11.02
C VAL D 452 -13.47 2.15 11.95
N ALA D 453 -14.18 1.12 12.40
CA ALA D 453 -13.58 0.13 13.28
C ALA D 453 -12.41 -0.59 12.60
N GLU D 454 -12.60 -0.99 11.35
CA GLU D 454 -11.54 -1.66 10.60
C GLU D 454 -10.34 -0.75 10.40
N CYS D 455 -10.59 0.52 10.04
CA CYS D 455 -9.51 1.48 9.86
C CYS D 455 -8.74 1.69 11.15
N LEU D 456 -9.45 1.81 12.27
CA LEU D 456 -8.78 2.03 13.55
C LEU D 456 -7.96 0.81 13.96
N PHE D 457 -8.49 -0.39 13.72
CA PHE D 457 -7.74 -1.61 14.03
C PHE D 457 -6.46 -1.69 13.19
N SER D 458 -6.57 -1.39 11.89
CA SER D 458 -5.39 -1.38 11.04
C SER D 458 -4.39 -0.30 11.46
N LEU D 459 -4.88 0.85 11.89
CA LEU D 459 -3.98 1.91 12.36
C LEU D 459 -3.25 1.48 13.63
N VAL D 460 -3.95 0.77 14.53
CA VAL D 460 -3.28 0.20 15.68
C VAL D 460 -2.20 -0.78 15.24
N ASN D 461 -2.44 -1.51 14.15
CA ASN D 461 -1.41 -2.37 13.58
C ASN D 461 -0.53 -1.63 12.57
N GLY D 462 -0.60 -0.31 12.53
CA GLY D 462 0.31 0.49 11.72
C GLY D 462 0.17 0.33 10.23
N ASP D 463 -1.05 0.30 9.71
CA ASP D 463 -1.29 0.04 8.27
C ASP D 463 -1.95 1.23 7.59
N ASP D 464 -1.44 1.66 6.43
CA ASP D 464 -2.03 2.76 5.63
C ASP D 464 -2.12 4.03 6.46
N MET D 465 -1.07 4.39 7.18
CA MET D 465 -1.10 5.56 8.07
C MET D 465 -0.94 6.84 7.25
N PHE D 466 -0.12 6.83 6.22
CA PHE D 466 0.04 8.03 5.41
C PHE D 466 -1.15 8.29 4.49
N ALA D 467 -1.72 7.23 3.91
CA ALA D 467 -2.93 7.41 3.11
C ALA D 467 -4.09 7.90 3.95
N THR D 468 -4.22 7.41 5.18
CA THR D 468 -5.25 7.90 6.09
C THR D 468 -5.04 9.36 6.43
N PHE D 469 -3.79 9.76 6.68
CA PHE D 469 -3.53 11.16 6.96
C PHE D 469 -3.78 12.05 5.74
N ALA D 470 -3.40 11.59 4.55
CA ALA D 470 -3.37 12.44 3.37
C ALA D 470 -4.65 12.39 2.56
N GLN D 471 -5.60 11.52 2.89
CA GLN D 471 -6.80 11.39 2.10
C GLN D 471 -7.90 12.36 2.55
N ILE D 472 -7.61 13.23 3.51
CA ILE D 472 -8.52 14.28 3.95
C ILE D 472 -8.13 15.58 3.27
N GLN D 473 -9.11 16.21 2.61
CA GLN D 473 -8.88 17.44 1.87
C GLN D 473 -8.91 18.65 2.80
N GLN D 474 -8.04 19.62 2.53
CA GLN D 474 -7.90 20.81 3.35
C GLN D 474 -8.87 21.93 2.94
N LYS D 475 -9.92 21.59 2.18
CA LYS D 475 -10.92 22.61 1.85
C LYS D 475 -11.62 23.13 3.10
N SER D 476 -11.96 22.24 4.02
CA SER D 476 -12.43 22.64 5.35
C SER D 476 -11.25 22.58 6.30
N ILE D 477 -10.89 23.73 6.87
CA ILE D 477 -9.71 23.77 7.74
C ILE D 477 -10.03 23.25 9.13
N LEU D 478 -11.26 23.47 9.61
CA LEU D 478 -11.65 22.97 10.92
C LEU D 478 -11.64 21.44 10.95
N VAL D 479 -12.26 20.81 9.93
CA VAL D 479 -12.29 19.36 9.86
C VAL D 479 -10.88 18.81 9.65
N TRP D 480 -10.06 19.50 8.86
CA TRP D 480 -8.70 19.04 8.64
C TRP D 480 -7.87 19.07 9.93
N LEU D 481 -7.97 20.16 10.68
CA LEU D 481 -7.25 20.26 11.95
C LEU D 481 -7.74 19.20 12.94
N PHE D 482 -9.07 19.01 13.01
CA PHE D 482 -9.60 17.98 13.89
C PHE D 482 -9.14 16.60 13.47
N SER D 483 -9.07 16.34 12.17
CA SER D 483 -8.60 15.05 11.69
C SER D 483 -7.15 14.80 12.09
N ARG D 484 -6.31 15.82 11.97
CA ARG D 484 -4.91 15.67 12.40
C ARG D 484 -4.83 15.38 13.90
N LEU D 485 -5.55 16.16 14.71
CA LEU D 485 -5.53 15.93 16.16
C LEU D 485 -6.04 14.53 16.50
N TYR D 486 -7.16 14.14 15.91
CA TYR D 486 -7.77 12.83 16.12
C TYR D 486 -6.81 11.70 15.78
N LEU D 487 -6.23 11.75 14.58
CA LEU D 487 -5.35 10.68 14.14
C LEU D 487 -4.09 10.61 14.99
N TYR D 488 -3.44 11.68 15.33
CA TYR D 488 -2.19 11.64 16.12
C TYR D 488 -2.45 11.21 17.54
N SER D 489 -3.59 11.53 18.14
CA SER D 489 -3.98 11.11 19.51
C SER D 489 -4.29 9.62 19.63
N PHE D 490 -4.87 9.01 18.62
CA PHE D 490 -5.23 7.58 18.61
C PHE D 490 -4.01 6.88 18.31
N ILE D 491 -3.33 7.26 17.26
CA ILE D 491 -2.16 6.44 16.95
C ILE D 491 -1.21 6.43 18.15
N SER D 492 -0.86 7.62 18.65
CA SER D 492 0.06 7.70 19.78
C SER D 492 -0.45 6.89 20.96
N LEU D 493 -1.58 7.30 21.54
CA LEU D 493 -2.14 6.62 22.70
C LEU D 493 -2.24 5.13 22.48
N PHE D 494 -3.07 4.71 21.52
CA PHE D 494 -3.33 3.30 21.35
C PHE D 494 -2.06 2.52 21.07
N ILE D 495 -1.39 2.78 19.94
CA ILE D 495 -0.24 1.97 19.58
C ILE D 495 0.70 1.94 20.76
N TYR D 496 1.29 3.09 21.11
CA TYR D 496 2.38 3.04 22.06
C TYR D 496 1.92 2.50 23.41
N MET D 497 1.03 3.22 24.11
CA MET D 497 0.73 2.83 25.48
C MET D 497 -0.01 1.49 25.53
N ILE D 498 -1.08 1.35 24.76
CA ILE D 498 -1.93 0.18 24.92
C ILE D 498 -1.23 -1.07 24.40
N LEU D 499 -0.58 -1.00 23.24
CA LEU D 499 0.12 -2.18 22.75
C LEU D 499 1.27 -2.55 23.69
N SER D 500 1.97 -1.56 24.25
CA SER D 500 3.00 -1.85 25.22
C SER D 500 2.44 -2.62 26.41
N LEU D 501 1.36 -2.11 26.99
CA LEU D 501 0.79 -2.74 28.19
C LEU D 501 0.13 -4.08 27.91
N PHE D 502 -0.25 -4.35 26.66
CA PHE D 502 -0.88 -5.61 26.31
C PHE D 502 0.18 -6.69 26.06
N ILE D 503 1.19 -6.35 25.26
CA ILE D 503 2.31 -7.28 25.05
C ILE D 503 3.03 -7.53 26.37
N ALA D 504 3.14 -6.51 27.22
CA ALA D 504 3.81 -6.69 28.50
C ALA D 504 3.05 -7.66 29.40
N LEU D 505 1.73 -7.56 29.43
CA LEU D 505 0.93 -8.51 30.21
C LEU D 505 1.12 -9.93 29.69
N ILE D 506 1.10 -10.10 28.36
CA ILE D 506 1.29 -11.43 27.80
C ILE D 506 2.67 -11.97 28.17
N THR D 507 3.70 -11.15 28.05
CA THR D 507 5.06 -11.59 28.32
C THR D 507 5.27 -11.90 29.80
N ASP D 508 4.69 -11.13 30.71
CA ASP D 508 4.82 -11.44 32.13
C ASP D 508 4.06 -12.72 32.49
N SER D 509 2.93 -12.97 31.83
CA SER D 509 2.26 -14.26 32.02
C SER D 509 3.14 -15.40 31.53
N TYR D 510 3.80 -15.22 30.39
CA TYR D 510 4.72 -16.23 29.88
C TYR D 510 5.87 -16.46 30.84
N ASP D 511 6.40 -15.38 31.42
CA ASP D 511 7.50 -15.49 32.39
C ASP D 511 7.07 -16.24 33.64
N THR D 512 5.86 -15.95 34.14
CA THR D 512 5.36 -16.68 35.31
C THR D 512 5.19 -18.16 34.98
N ILE D 513 4.67 -18.47 33.79
CA ILE D 513 4.54 -19.88 33.40
C ILE D 513 5.92 -20.55 33.34
N LYS D 514 6.95 -19.89 32.85
CA LYS D 514 8.26 -20.58 32.68
C LYS D 514 8.94 -20.81 34.04
N LYS D 515 8.74 -19.92 35.02
CA LYS D 515 9.45 -20.04 36.32
C LYS D 515 8.83 -21.20 37.11
N PHE D 516 7.52 -21.44 36.96
CA PHE D 516 6.88 -22.60 37.61
C PHE D 516 7.45 -23.85 37.00
N GLN D 517 7.64 -23.84 35.68
CA GLN D 517 8.20 -25.01 34.97
C GLN D 517 9.60 -25.26 35.49
N GLN D 518 10.32 -24.20 35.85
CA GLN D 518 11.74 -24.35 36.26
C GLN D 518 11.83 -24.67 37.75
N ASN D 519 10.77 -24.41 38.51
CA ASN D 519 10.77 -24.76 39.96
C ASN D 519 10.15 -26.15 40.11
#